data_6OGT
# 
_entry.id   6OGT 
# 
_audit_conform.dict_name       mmcif_pdbx.dic 
_audit_conform.dict_version    5.380 
_audit_conform.dict_location   http://mmcif.pdb.org/dictionaries/ascii/mmcif_pdbx.dic 
# 
loop_
_database_2.database_id 
_database_2.database_code 
_database_2.pdbx_database_accession 
_database_2.pdbx_DOI 
PDB   6OGT         pdb_00006ogt 10.2210/pdb6ogt/pdb 
WWPDB D_1000240343 ?            ?                   
# 
_pdbx_database_status.status_code                     REL 
_pdbx_database_status.status_code_sf                  REL 
_pdbx_database_status.status_code_mr                  ? 
_pdbx_database_status.entry_id                        6OGT 
_pdbx_database_status.recvd_initial_deposition_date   2019-04-03 
_pdbx_database_status.SG_entry                        N 
_pdbx_database_status.deposit_site                    RCSB 
_pdbx_database_status.process_site                    RCSB 
_pdbx_database_status.status_code_cs                  ? 
_pdbx_database_status.methods_development_category    ? 
_pdbx_database_status.pdb_format_compatible           Y 
_pdbx_database_status.status_code_nmr_data            ? 
# 
loop_
_audit_author.name 
_audit_author.pdbx_ordinal 
_audit_author.identifier_ORCID 
'Bulut, H.'      1 0000-0003-0262-6296 
'Hattori, S.I.'  2 ?                   
'Aoki-Ogata, H.' 3 ?                   
'Hayashi, H.'    4 ?                   
'Aoki, M.'       5 ?                   
'Ghosh, A.K.'    6 ?                   
'Mitsuya, H.'    7 ?                   
# 
_citation.abstract                  ? 
_citation.abstract_id_CAS           ? 
_citation.book_id_ISBN              ? 
_citation.book_publisher            ? 
_citation.book_publisher_city       ? 
_citation.book_title                ? 
_citation.coordinate_linkage        ? 
_citation.country                   UK 
_citation.database_id_Medline       ? 
_citation.details                   ? 
_citation.id                        primary 
_citation.journal_abbrev            'Sci Rep' 
_citation.journal_id_ASTM           ? 
_citation.journal_id_CSD            ? 
_citation.journal_id_ISSN           2045-2322 
_citation.journal_full              ? 
_citation.journal_issue             ? 
_citation.journal_volume            10 
_citation.language                  ? 
_citation.page_first                10664 
_citation.page_last                 10664 
_citation.title                     
;Single atom changes in newly synthesized HIV protease inhibitors reveal structural basis for extreme affinity, high genetic barrier, and adaptation to the HIV protease plasticity.
;
_citation.year                      2020 
_citation.database_id_CSD           ? 
_citation.pdbx_database_id_DOI      10.1038/s41598-020-65993-z 
_citation.pdbx_database_id_PubMed   32606378 
_citation.unpublished_flag          ? 
# 
loop_
_citation_author.citation_id 
_citation_author.name 
_citation_author.ordinal 
_citation_author.identifier_ORCID 
primary 'Bulut, H.'        1  ? 
primary 'Hattori, S.I.'    2  ? 
primary 'Aoki-Ogata, H.'   3  ? 
primary 'Hayashi, H.'      4  ? 
primary 'Das, D.'          5  ? 
primary 'Aoki, M.'         6  ? 
primary 'Davis, D.A.'      7  ? 
primary 'Rao, K.V.'        8  ? 
primary 'Nyalapatla, P.R.' 9  ? 
primary 'Ghosh, A.K.'      10 ? 
primary 'Mitsuya, H.'      11 ? 
# 
_cell.angle_alpha                  90.00 
_cell.angle_alpha_esd              ? 
_cell.angle_beta                   90.00 
_cell.angle_beta_esd               ? 
_cell.angle_gamma                  120.00 
_cell.angle_gamma_esd              ? 
_cell.entry_id                     6OGT 
_cell.details                      ? 
_cell.formula_units_Z              ? 
_cell.length_a                     63.071 
_cell.length_a_esd                 ? 
_cell.length_b                     63.071 
_cell.length_b_esd                 ? 
_cell.length_c                     82.196 
_cell.length_c_esd                 ? 
_cell.volume                       ? 
_cell.volume_esd                   ? 
_cell.Z_PDB                        12 
_cell.reciprocal_angle_alpha       ? 
_cell.reciprocal_angle_beta        ? 
_cell.reciprocal_angle_gamma       ? 
_cell.reciprocal_angle_alpha_esd   ? 
_cell.reciprocal_angle_beta_esd    ? 
_cell.reciprocal_angle_gamma_esd   ? 
_cell.reciprocal_length_a          ? 
_cell.reciprocal_length_b          ? 
_cell.reciprocal_length_c          ? 
_cell.reciprocal_length_a_esd      ? 
_cell.reciprocal_length_b_esd      ? 
_cell.reciprocal_length_c_esd      ? 
_cell.pdbx_unique_axis             ? 
# 
_symmetry.entry_id                         6OGT 
_symmetry.cell_setting                     ? 
_symmetry.Int_Tables_number                178 
_symmetry.space_group_name_Hall            ? 
_symmetry.space_group_name_H-M             'P 61 2 2' 
_symmetry.pdbx_full_space_group_name_H-M   ? 
# 
loop_
_entity.id 
_entity.type 
_entity.src_method 
_entity.pdbx_description 
_entity.formula_weight 
_entity.pdbx_number_of_molecules 
_entity.pdbx_ec 
_entity.pdbx_mutation 
_entity.pdbx_fragment 
_entity.details 
1 polymer     man Protease 10875.717 1  ? ? ? ? 
2 non-polymer syn GLYCEROL 92.094    1  ? ? ? ? 
3 non-polymer syn 
;(3S,3aR,5R,7aS,8S)-hexahydro-4H-3,5-methanofuro[2,3-b]pyran-8-yl [(2S,3R)-4-[{[2-(cyclopropylamino)-1,3-benzothiazol-6-yl]sulfonyl}(2-methylpropyl)amino]-1-(3-fluorophenyl)-3-hydroxybutan-2-yl]carbamate
;
688.830   1  ? ? ? ? 
4 non-polymer syn 1,2-ETHANEDIOL 62.068    1  ? ? ? ? 
5 water       nat water 18.015    68 ? ? ? ? 
# 
_entity_poly.entity_id                      1 
_entity_poly.type                           'polypeptide(L)' 
_entity_poly.nstd_linkage                   no 
_entity_poly.nstd_monomer                   no 
_entity_poly.pdbx_seq_one_letter_code       
;PQITLWQRPIVTIKVGGQLREALIDTGADDTIFEEINLPGRWKPKLIGGIGGFMKVRQYDQIPIEICGHQAIGTVLVGPT
PINVIGRNMLTQIGCTLNF
;
_entity_poly.pdbx_seq_one_letter_code_can   
;PQITLWQRPIVTIKVGGQLREALIDTGADDTIFEEINLPGRWKPKLIGGIGGFMKVRQYDQIPIEICGHQAIGTVLVGPT
PINVIGRNMLTQIGCTLNF
;
_entity_poly.pdbx_strand_id                 A 
_entity_poly.pdbx_target_identifier         ? 
# 
loop_
_entity_poly_seq.entity_id 
_entity_poly_seq.num 
_entity_poly_seq.mon_id 
_entity_poly_seq.hetero 
1 1  PRO n 
1 2  GLN n 
1 3  ILE n 
1 4  THR n 
1 5  LEU n 
1 6  TRP n 
1 7  GLN n 
1 8  ARG n 
1 9  PRO n 
1 10 ILE n 
1 11 VAL n 
1 12 THR n 
1 13 ILE n 
1 14 LYS n 
1 15 VAL n 
1 16 GLY n 
1 17 GLY n 
1 18 GLN n 
1 19 LEU n 
1 20 ARG n 
1 21 GLU n 
1 22 ALA n 
1 23 LEU n 
1 24 ILE n 
1 25 ASP n 
1 26 THR n 
1 27 GLY n 
1 28 ALA n 
1 29 ASP n 
1 30 ASP n 
1 31 THR n 
1 32 ILE n 
1 33 PHE n 
1 34 GLU n 
1 35 GLU n 
1 36 ILE n 
1 37 ASN n 
1 38 LEU n 
1 39 PRO n 
1 40 GLY n 
1 41 ARG n 
1 42 TRP n 
1 43 LYS n 
1 44 PRO n 
1 45 LYS n 
1 46 LEU n 
1 47 ILE n 
1 48 GLY n 
1 49 GLY n 
1 50 ILE n 
1 51 GLY n 
1 52 GLY n 
1 53 PHE n 
1 54 MET n 
1 55 LYS n 
1 56 VAL n 
1 57 ARG n 
1 58 GLN n 
1 59 TYR n 
1 60 ASP n 
1 61 GLN n 
1 62 ILE n 
1 63 PRO n 
1 64 ILE n 
1 65 GLU n 
1 66 ILE n 
1 67 CYS n 
1 68 GLY n 
1 69 HIS n 
1 70 GLN n 
1 71 ALA n 
1 72 ILE n 
1 73 GLY n 
1 74 THR n 
1 75 VAL n 
1 76 LEU n 
1 77 VAL n 
1 78 GLY n 
1 79 PRO n 
1 80 THR n 
1 81 PRO n 
1 82 ILE n 
1 83 ASN n 
1 84 VAL n 
1 85 ILE n 
1 86 GLY n 
1 87 ARG n 
1 88 ASN n 
1 89 MET n 
1 90 LEU n 
1 91 THR n 
1 92 GLN n 
1 93 ILE n 
1 94 GLY n 
1 95 CYS n 
1 96 THR n 
1 97 LEU n 
1 98 ASN n 
1 99 PHE n 
# 
_entity_src_gen.entity_id                          1 
_entity_src_gen.pdbx_src_id                        1 
_entity_src_gen.pdbx_alt_source_flag               sample 
_entity_src_gen.pdbx_seq_type                      'Biological sequence' 
_entity_src_gen.pdbx_beg_seq_num                   1 
_entity_src_gen.pdbx_end_seq_num                   99 
_entity_src_gen.gene_src_common_name               ? 
_entity_src_gen.gene_src_genus                     ? 
_entity_src_gen.pdbx_gene_src_gene                 pol 
_entity_src_gen.gene_src_species                   ? 
_entity_src_gen.gene_src_strain                    ? 
_entity_src_gen.gene_src_tissue                    ? 
_entity_src_gen.gene_src_tissue_fraction           ? 
_entity_src_gen.gene_src_details                   ? 
_entity_src_gen.pdbx_gene_src_fragment             ? 
_entity_src_gen.pdbx_gene_src_scientific_name      'Human immunodeficiency virus 1' 
_entity_src_gen.pdbx_gene_src_ncbi_taxonomy_id     11676 
_entity_src_gen.pdbx_gene_src_variant              ? 
_entity_src_gen.pdbx_gene_src_cell_line            ? 
_entity_src_gen.pdbx_gene_src_atcc                 ? 
_entity_src_gen.pdbx_gene_src_organ                ? 
_entity_src_gen.pdbx_gene_src_organelle            ? 
_entity_src_gen.pdbx_gene_src_cell                 ? 
_entity_src_gen.pdbx_gene_src_cellular_location    ? 
_entity_src_gen.host_org_common_name               ? 
_entity_src_gen.pdbx_host_org_scientific_name      'Escherichia coli' 
_entity_src_gen.pdbx_host_org_ncbi_taxonomy_id     562 
_entity_src_gen.host_org_genus                     ? 
_entity_src_gen.pdbx_host_org_gene                 ? 
_entity_src_gen.pdbx_host_org_organ                ? 
_entity_src_gen.host_org_species                   ? 
_entity_src_gen.pdbx_host_org_tissue               ? 
_entity_src_gen.pdbx_host_org_tissue_fraction      ? 
_entity_src_gen.pdbx_host_org_strain               ? 
_entity_src_gen.pdbx_host_org_variant              ? 
_entity_src_gen.pdbx_host_org_cell_line            ? 
_entity_src_gen.pdbx_host_org_atcc                 ? 
_entity_src_gen.pdbx_host_org_culture_collection   ? 
_entity_src_gen.pdbx_host_org_cell                 ? 
_entity_src_gen.pdbx_host_org_organelle            ? 
_entity_src_gen.pdbx_host_org_cellular_location    ? 
_entity_src_gen.pdbx_host_org_vector_type          ? 
_entity_src_gen.pdbx_host_org_vector               ? 
_entity_src_gen.host_org_details                   ? 
_entity_src_gen.expression_system_id               ? 
_entity_src_gen.plasmid_name                       ? 
_entity_src_gen.plasmid_details                    ? 
_entity_src_gen.pdbx_description                   ? 
# 
_struct_ref.id                         1 
_struct_ref.db_name                    UNP 
_struct_ref.db_code                    O38893_9HIV1 
_struct_ref.pdbx_db_accession          O38893 
_struct_ref.pdbx_db_isoform            ? 
_struct_ref.entity_id                  1 
_struct_ref.pdbx_seq_one_letter_code   
;PQITLWQRPIVTIKVGGQLREALIDTGADDTVLEEINLPGRWKPKLIGGIGGFVKVRQYDQIPIEICGHQAIGTVLVGPT
PANIIGRNMLTQIGCTLNF
;
_struct_ref.pdbx_align_begin           1 
# 
_struct_ref_seq.align_id                      1 
_struct_ref_seq.ref_id                        1 
_struct_ref_seq.pdbx_PDB_id_code              6OGT 
_struct_ref_seq.pdbx_strand_id                A 
_struct_ref_seq.seq_align_beg                 1 
_struct_ref_seq.pdbx_seq_align_beg_ins_code   ? 
_struct_ref_seq.seq_align_end                 99 
_struct_ref_seq.pdbx_seq_align_end_ins_code   ? 
_struct_ref_seq.pdbx_db_accession             O38893 
_struct_ref_seq.db_align_beg                  1 
_struct_ref_seq.pdbx_db_align_beg_ins_code    ? 
_struct_ref_seq.db_align_end                  99 
_struct_ref_seq.pdbx_db_align_end_ins_code    ? 
_struct_ref_seq.pdbx_auth_seq_align_beg       1 
_struct_ref_seq.pdbx_auth_seq_align_end       99 
# 
loop_
_struct_ref_seq_dif.align_id 
_struct_ref_seq_dif.pdbx_pdb_id_code 
_struct_ref_seq_dif.mon_id 
_struct_ref_seq_dif.pdbx_pdb_strand_id 
_struct_ref_seq_dif.seq_num 
_struct_ref_seq_dif.pdbx_pdb_ins_code 
_struct_ref_seq_dif.pdbx_seq_db_name 
_struct_ref_seq_dif.pdbx_seq_db_accession_code 
_struct_ref_seq_dif.db_mon_id 
_struct_ref_seq_dif.pdbx_seq_db_seq_num 
_struct_ref_seq_dif.details 
_struct_ref_seq_dif.pdbx_auth_seq_num 
_struct_ref_seq_dif.pdbx_ordinal 
1 6OGT ILE A 32 ? UNP O38893 VAL 32 conflict 32 1 
1 6OGT PHE A 33 ? UNP O38893 LEU 33 conflict 33 2 
1 6OGT MET A 54 ? UNP O38893 VAL 54 conflict 54 3 
1 6OGT ILE A 82 ? UNP O38893 ALA 82 conflict 82 4 
1 6OGT VAL A 84 ? UNP O38893 ILE 84 conflict 84 5 
# 
loop_
_chem_comp.id 
_chem_comp.type 
_chem_comp.mon_nstd_flag 
_chem_comp.name 
_chem_comp.pdbx_synonyms 
_chem_comp.formula 
_chem_comp.formula_weight 
ALA 'L-peptide linking' y ALANINE ?                               'C3 H7 N O2'         89.093  
ARG 'L-peptide linking' y ARGININE ?                               'C6 H15 N4 O2 1'     175.209 
ASN 'L-peptide linking' y ASPARAGINE ?                               'C4 H8 N2 O3'        132.118 
ASP 'L-peptide linking' y 'ASPARTIC ACID' ?                               'C4 H7 N O4'         133.103 
CYS 'L-peptide linking' y CYSTEINE ?                               'C3 H7 N O2 S'       121.158 
EDO non-polymer         . 1,2-ETHANEDIOL 'ETHYLENE GLYCOL'               'C2 H6 O2'           62.068  
GLN 'L-peptide linking' y GLUTAMINE ?                               'C5 H10 N2 O3'       146.144 
GLU 'L-peptide linking' y 'GLUTAMIC ACID' ?                               'C5 H9 N O4'         147.129 
GLY 'peptide linking'   y GLYCINE ?                               'C2 H5 N O2'         75.067  
GOL non-polymer         . GLYCEROL 'GLYCERIN; PROPANE-1,2,3-TRIOL' 'C3 H8 O3'           92.094  
HIS 'L-peptide linking' y HISTIDINE ?                               'C6 H10 N3 O2 1'     156.162 
HOH non-polymer         . WATER ?                               'H2 O'               18.015  
ILE 'L-peptide linking' y ISOLEUCINE ?                               'C6 H13 N O2'        131.173 
JDY non-polymer         . 
;(3S,3aR,5R,7aS,8S)-hexahydro-4H-3,5-methanofuro[2,3-b]pyran-8-yl [(2S,3R)-4-[{[2-(cyclopropylamino)-1,3-benzothiazol-6-yl]sulfonyl}(2-methylpropyl)amino]-1-(3-fluorophenyl)-3-hydroxybutan-2-yl]carbamate
;
?                               'C33 H41 F N4 O7 S2' 688.830 
LEU 'L-peptide linking' y LEUCINE ?                               'C6 H13 N O2'        131.173 
LYS 'L-peptide linking' y LYSINE ?                               'C6 H15 N2 O2 1'     147.195 
MET 'L-peptide linking' y METHIONINE ?                               'C5 H11 N O2 S'      149.211 
PHE 'L-peptide linking' y PHENYLALANINE ?                               'C9 H11 N O2'        165.189 
PRO 'L-peptide linking' y PROLINE ?                               'C5 H9 N O2'         115.130 
THR 'L-peptide linking' y THREONINE ?                               'C4 H9 N O3'         119.119 
TRP 'L-peptide linking' y TRYPTOPHAN ?                               'C11 H12 N2 O2'      204.225 
TYR 'L-peptide linking' y TYROSINE ?                               'C9 H11 N O3'        181.189 
VAL 'L-peptide linking' y VALINE ?                               'C5 H11 N O2'        117.146 
# 
_exptl.absorpt_coefficient_mu     ? 
_exptl.absorpt_correction_T_max   ? 
_exptl.absorpt_correction_T_min   ? 
_exptl.absorpt_correction_type    ? 
_exptl.absorpt_process_details    ? 
_exptl.entry_id                   6OGT 
_exptl.crystals_number            1 
_exptl.details                    ? 
_exptl.method                     'X-RAY DIFFRACTION' 
_exptl.method_details             ? 
# 
_exptl_crystal.colour                      ? 
_exptl_crystal.density_diffrn              ? 
_exptl_crystal.density_Matthews            2.17 
_exptl_crystal.density_method              ? 
_exptl_crystal.density_percent_sol         43.31 
_exptl_crystal.description                 ? 
_exptl_crystal.F_000                       ? 
_exptl_crystal.id                          1 
_exptl_crystal.preparation                 ? 
_exptl_crystal.size_max                    ? 
_exptl_crystal.size_mid                    ? 
_exptl_crystal.size_min                    ? 
_exptl_crystal.size_rad                    ? 
_exptl_crystal.colour_lustre               ? 
_exptl_crystal.colour_modifier             ? 
_exptl_crystal.colour_primary              ? 
_exptl_crystal.density_meas                ? 
_exptl_crystal.density_meas_esd            ? 
_exptl_crystal.density_meas_gt             ? 
_exptl_crystal.density_meas_lt             ? 
_exptl_crystal.density_meas_temp           ? 
_exptl_crystal.density_meas_temp_esd       ? 
_exptl_crystal.density_meas_temp_gt        ? 
_exptl_crystal.density_meas_temp_lt        ? 
_exptl_crystal.pdbx_crystal_image_url      ? 
_exptl_crystal.pdbx_crystal_image_format   ? 
_exptl_crystal.pdbx_mosaicity              ? 
_exptl_crystal.pdbx_mosaicity_esd          ? 
# 
_exptl_crystal_grow.apparatus       ? 
_exptl_crystal_grow.atmosphere      ? 
_exptl_crystal_grow.crystal_id      1 
_exptl_crystal_grow.details         ? 
_exptl_crystal_grow.method          'VAPOR DIFFUSION, HANGING DROP' 
_exptl_crystal_grow.method_ref      ? 
_exptl_crystal_grow.pH              7.2 
_exptl_crystal_grow.pressure        ? 
_exptl_crystal_grow.pressure_esd    ? 
_exptl_crystal_grow.seeding         ? 
_exptl_crystal_grow.seeding_ref     ? 
_exptl_crystal_grow.temp            298.0 
_exptl_crystal_grow.temp_details    ? 
_exptl_crystal_grow.temp_esd        ? 
_exptl_crystal_grow.time            ? 
_exptl_crystal_grow.pdbx_details    '0.15 M (NH4)2SO4, 0.1 M HEPES (pH 7.2), 20% (v/v) PEG4000' 
_exptl_crystal_grow.pdbx_pH_range   ? 
# 
_diffrn.ambient_environment              ? 
_diffrn.ambient_temp                     100 
_diffrn.ambient_temp_details             ? 
_diffrn.ambient_temp_esd                 ? 
_diffrn.crystal_id                       1 
_diffrn.crystal_support                  ? 
_diffrn.crystal_treatment                ? 
_diffrn.details                          ? 
_diffrn.id                               1 
_diffrn.ambient_pressure                 ? 
_diffrn.ambient_pressure_esd             ? 
_diffrn.ambient_pressure_gt              ? 
_diffrn.ambient_pressure_lt              ? 
_diffrn.ambient_temp_gt                  ? 
_diffrn.ambient_temp_lt                  ? 
_diffrn.pdbx_serial_crystal_experiment   N 
# 
_diffrn_detector.details                      ? 
_diffrn_detector.detector                     PIXEL 
_diffrn_detector.diffrn_id                    1 
_diffrn_detector.type                         'DECTRIS PILATUS 6M' 
_diffrn_detector.area_resol_mean              ? 
_diffrn_detector.dtime                        ? 
_diffrn_detector.pdbx_frames_total            ? 
_diffrn_detector.pdbx_collection_time_total   ? 
_diffrn_detector.pdbx_collection_date         2016-07-17 
_diffrn_detector.pdbx_frequency               ? 
# 
_diffrn_radiation.collimation                      ? 
_diffrn_radiation.diffrn_id                        1 
_diffrn_radiation.filter_edge                      ? 
_diffrn_radiation.inhomogeneity                    ? 
_diffrn_radiation.monochromator                    ? 
_diffrn_radiation.polarisn_norm                    ? 
_diffrn_radiation.polarisn_ratio                   ? 
_diffrn_radiation.probe                            ? 
_diffrn_radiation.type                             ? 
_diffrn_radiation.xray_symbol                      ? 
_diffrn_radiation.wavelength_id                    1 
_diffrn_radiation.pdbx_monochromatic_or_laue_m_l   M 
_diffrn_radiation.pdbx_wavelength_list             ? 
_diffrn_radiation.pdbx_wavelength                  ? 
_diffrn_radiation.pdbx_diffrn_protocol             'SINGLE WAVELENGTH' 
_diffrn_radiation.pdbx_analyzer                    ? 
_diffrn_radiation.pdbx_scattering_type             x-ray 
# 
_diffrn_radiation_wavelength.id           1 
_diffrn_radiation_wavelength.wavelength   1.0 
_diffrn_radiation_wavelength.wt           1.0 
# 
_diffrn_source.current                     ? 
_diffrn_source.details                     ? 
_diffrn_source.diffrn_id                   1 
_diffrn_source.power                       ? 
_diffrn_source.size                        ? 
_diffrn_source.source                      SYNCHROTRON 
_diffrn_source.target                      ? 
_diffrn_source.type                        'SPRING-8 BEAMLINE BL41XU' 
_diffrn_source.voltage                     ? 
_diffrn_source.take-off_angle              ? 
_diffrn_source.pdbx_wavelength_list        1.0 
_diffrn_source.pdbx_wavelength             ? 
_diffrn_source.pdbx_synchrotron_beamline   BL41XU 
_diffrn_source.pdbx_synchrotron_site       SPring-8 
# 
_reflns.B_iso_Wilson_estimate            ? 
_reflns.entry_id                         6OGT 
_reflns.data_reduction_details           ? 
_reflns.data_reduction_method            ? 
_reflns.d_resolution_high                1.21 
_reflns.d_resolution_low                 54.62 
_reflns.details                          ? 
_reflns.limit_h_max                      ? 
_reflns.limit_h_min                      ? 
_reflns.limit_k_max                      ? 
_reflns.limit_k_min                      ? 
_reflns.limit_l_max                      ? 
_reflns.limit_l_min                      ? 
_reflns.number_all                       ? 
_reflns.number_obs                       28980 
_reflns.observed_criterion               ? 
_reflns.observed_criterion_F_max         ? 
_reflns.observed_criterion_F_min         ? 
_reflns.observed_criterion_I_max         ? 
_reflns.observed_criterion_I_min         ? 
_reflns.observed_criterion_sigma_F       ? 
_reflns.observed_criterion_sigma_I       ? 
_reflns.percent_possible_obs             96.3 
_reflns.R_free_details                   ? 
_reflns.Rmerge_F_all                     ? 
_reflns.Rmerge_F_obs                     ? 
_reflns.Friedel_coverage                 ? 
_reflns.number_gt                        ? 
_reflns.threshold_expression             ? 
_reflns.pdbx_redundancy                  14.3 
_reflns.pdbx_Rmerge_I_obs                ? 
_reflns.pdbx_Rmerge_I_all                ? 
_reflns.pdbx_Rsym_value                  ? 
_reflns.pdbx_netI_over_av_sigmaI         ? 
_reflns.pdbx_netI_over_sigmaI            22.32 
_reflns.pdbx_res_netI_over_av_sigmaI_2   ? 
_reflns.pdbx_res_netI_over_sigmaI_2      ? 
_reflns.pdbx_chi_squared                 ? 
_reflns.pdbx_scaling_rejects             ? 
_reflns.pdbx_d_res_high_opt              ? 
_reflns.pdbx_d_res_low_opt               ? 
_reflns.pdbx_d_res_opt_method            ? 
_reflns.phase_calculation_details        ? 
_reflns.pdbx_Rrim_I_all                  ? 
_reflns.pdbx_Rpim_I_all                  ? 
_reflns.pdbx_d_opt                       ? 
_reflns.pdbx_number_measured_all         ? 
_reflns.pdbx_diffrn_id                   1 
_reflns.pdbx_ordinal                     1 
_reflns.pdbx_CC_half                     ? 
_reflns.pdbx_R_split                     ? 
# 
_reflns_shell.d_res_high                  1.21 
_reflns_shell.d_res_low                   1.25 
_reflns_shell.meanI_over_sigI_all         ? 
_reflns_shell.meanI_over_sigI_obs         ? 
_reflns_shell.number_measured_all         ? 
_reflns_shell.number_measured_obs         ? 
_reflns_shell.number_possible             ? 
_reflns_shell.number_unique_all           ? 
_reflns_shell.number_unique_obs           28926 
_reflns_shell.percent_possible_all        ? 
_reflns_shell.percent_possible_obs        ? 
_reflns_shell.Rmerge_F_all                ? 
_reflns_shell.Rmerge_F_obs                ? 
_reflns_shell.Rmerge_I_all                ? 
_reflns_shell.Rmerge_I_obs                ? 
_reflns_shell.meanI_over_sigI_gt          ? 
_reflns_shell.meanI_over_uI_all           ? 
_reflns_shell.meanI_over_uI_gt            ? 
_reflns_shell.number_measured_gt          ? 
_reflns_shell.number_unique_gt            ? 
_reflns_shell.percent_possible_gt         ? 
_reflns_shell.Rmerge_F_gt                 ? 
_reflns_shell.Rmerge_I_gt                 ? 
_reflns_shell.pdbx_redundancy             ? 
_reflns_shell.pdbx_Rsym_value             ? 
_reflns_shell.pdbx_chi_squared            ? 
_reflns_shell.pdbx_netI_over_sigmaI_all   ? 
_reflns_shell.pdbx_netI_over_sigmaI_obs   ? 
_reflns_shell.pdbx_Rrim_I_all             ? 
_reflns_shell.pdbx_Rpim_I_all             ? 
_reflns_shell.pdbx_rejects                ? 
_reflns_shell.pdbx_ordinal                1 
_reflns_shell.pdbx_diffrn_id              1 
_reflns_shell.pdbx_CC_half                ? 
_reflns_shell.pdbx_R_split                ? 
# 
_refine.aniso_B[1][1]                            0.16 
_refine.aniso_B[1][2]                            0.08 
_refine.aniso_B[1][3]                            0.00 
_refine.aniso_B[2][2]                            0.16 
_refine.aniso_B[2][3]                            0.00 
_refine.aniso_B[3][3]                            -0.52 
_refine.B_iso_max                                ? 
_refine.B_iso_mean                               16.020 
_refine.B_iso_min                                ? 
_refine.correlation_coeff_Fo_to_Fc               0.966 
_refine.correlation_coeff_Fo_to_Fc_free          0.967 
_refine.details                                  'HYDROGENS HAVE BEEN ADDED IN THE RIDING POSITIONS' 
_refine.diff_density_max                         ? 
_refine.diff_density_max_esd                     ? 
_refine.diff_density_min                         ? 
_refine.diff_density_min_esd                     ? 
_refine.diff_density_rms                         ? 
_refine.diff_density_rms_esd                     ? 
_refine.entry_id                                 6OGT 
_refine.pdbx_refine_id                           'X-RAY DIFFRACTION' 
_refine.ls_abs_structure_details                 ? 
_refine.ls_abs_structure_Flack                   ? 
_refine.ls_abs_structure_Flack_esd               ? 
_refine.ls_abs_structure_Rogers                  ? 
_refine.ls_abs_structure_Rogers_esd              ? 
_refine.ls_d_res_high                            1.21 
_refine.ls_d_res_low                             54.62 
_refine.ls_extinction_coef                       ? 
_refine.ls_extinction_coef_esd                   ? 
_refine.ls_extinction_expression                 ? 
_refine.ls_extinction_method                     ? 
_refine.ls_goodness_of_fit_all                   ? 
_refine.ls_goodness_of_fit_all_esd               ? 
_refine.ls_goodness_of_fit_obs                   ? 
_refine.ls_goodness_of_fit_obs_esd               ? 
_refine.ls_hydrogen_treatment                    ? 
_refine.ls_matrix_type                           ? 
_refine.ls_number_constraints                    ? 
_refine.ls_number_parameters                     ? 
_refine.ls_number_reflns_all                     ? 
_refine.ls_number_reflns_obs                     27537 
_refine.ls_number_reflns_R_free                  1393 
_refine.ls_number_reflns_R_work                  ? 
_refine.ls_number_restraints                     ? 
_refine.ls_percent_reflns_obs                    96.14 
_refine.ls_percent_reflns_R_free                 4.8 
_refine.ls_R_factor_all                          ? 
_refine.ls_R_factor_obs                          0.19265 
_refine.ls_R_factor_R_free                       0.20600 
_refine.ls_R_factor_R_free_error                 ? 
_refine.ls_R_factor_R_free_error_details         ? 
_refine.ls_R_factor_R_work                       0.19200 
_refine.ls_R_Fsqd_factor_obs                     ? 
_refine.ls_R_I_factor_obs                        ? 
_refine.ls_redundancy_reflns_all                 ? 
_refine.ls_redundancy_reflns_obs                 ? 
_refine.ls_restrained_S_all                      ? 
_refine.ls_restrained_S_obs                      ? 
_refine.ls_shift_over_esd_max                    ? 
_refine.ls_shift_over_esd_mean                   ? 
_refine.ls_structure_factor_coef                 ? 
_refine.ls_weighting_details                     ? 
_refine.ls_weighting_scheme                      ? 
_refine.ls_wR_factor_all                         ? 
_refine.ls_wR_factor_obs                         ? 
_refine.ls_wR_factor_R_free                      ? 
_refine.ls_wR_factor_R_work                      ? 
_refine.occupancy_max                            ? 
_refine.occupancy_min                            ? 
_refine.solvent_model_details                    ? 
_refine.solvent_model_param_bsol                 ? 
_refine.solvent_model_param_ksol                 ? 
_refine.ls_R_factor_gt                           ? 
_refine.ls_goodness_of_fit_gt                    ? 
_refine.ls_goodness_of_fit_ref                   ? 
_refine.ls_shift_over_su_max                     ? 
_refine.ls_shift_over_su_max_lt                  ? 
_refine.ls_shift_over_su_mean                    ? 
_refine.ls_shift_over_su_mean_lt                 ? 
_refine.pdbx_ls_sigma_I                          ? 
_refine.pdbx_ls_sigma_F                          ? 
_refine.pdbx_ls_sigma_Fsqd                       ? 
_refine.pdbx_data_cutoff_high_absF               ? 
_refine.pdbx_data_cutoff_high_rms_absF           ? 
_refine.pdbx_data_cutoff_low_absF                ? 
_refine.pdbx_isotropic_thermal_model             ? 
_refine.pdbx_ls_cross_valid_method               THROUGHOUT 
_refine.pdbx_method_to_determine_struct          'MOLECULAR REPLACEMENT' 
_refine.pdbx_starting_model                      5TYR 
_refine.pdbx_stereochemistry_target_values       ? 
_refine.pdbx_R_Free_selection_details            RANDOM 
_refine.pdbx_stereochem_target_val_spec_case     ? 
_refine.pdbx_overall_ESU_R                       0.047 
_refine.pdbx_overall_ESU_R_Free                  0.047 
_refine.pdbx_solvent_vdw_probe_radii             1.20 
_refine.pdbx_solvent_ion_probe_radii             0.80 
_refine.pdbx_solvent_shrinkage_radii             0.80 
_refine.pdbx_real_space_R                        ? 
_refine.pdbx_density_correlation                 ? 
_refine.pdbx_pd_number_of_powder_patterns        ? 
_refine.pdbx_pd_number_of_points                 ? 
_refine.pdbx_pd_meas_number_of_points            ? 
_refine.pdbx_pd_proc_ls_prof_R_factor            ? 
_refine.pdbx_pd_proc_ls_prof_wR_factor           ? 
_refine.pdbx_pd_Marquardt_correlation_coeff      ? 
_refine.pdbx_pd_Fsqrd_R_factor                   ? 
_refine.pdbx_pd_ls_matrix_band_width             ? 
_refine.pdbx_overall_phase_error                 ? 
_refine.pdbx_overall_SU_R_free_Cruickshank_DPI   ? 
_refine.pdbx_overall_SU_R_free_Blow_DPI          ? 
_refine.pdbx_overall_SU_R_Blow_DPI               ? 
_refine.pdbx_TLS_residual_ADP_flag               ? 
_refine.pdbx_diffrn_id                           1 
_refine.overall_SU_B                             0.774 
_refine.overall_SU_ML                            0.033 
_refine.overall_SU_R_Cruickshank_DPI             ? 
_refine.overall_SU_R_free                        ? 
_refine.overall_FOM_free_R_set                   ? 
_refine.overall_FOM_work_R_set                   ? 
_refine.pdbx_average_fsc_overall                 ? 
_refine.pdbx_average_fsc_work                    ? 
_refine.pdbx_average_fsc_free                    ? 
# 
_refine_hist.pdbx_refine_id                   'X-RAY DIFFRACTION' 
_refine_hist.cycle_id                         1 
_refine_hist.details                          ? 
_refine_hist.d_res_high                       1.21 
_refine_hist.d_res_low                        54.62 
_refine_hist.number_atoms_solvent             68 
_refine_hist.number_atoms_total               889 
_refine_hist.number_reflns_all                ? 
_refine_hist.number_reflns_obs                ? 
_refine_hist.number_reflns_R_free             ? 
_refine_hist.number_reflns_R_work             ? 
_refine_hist.R_factor_all                     ? 
_refine_hist.R_factor_obs                     ? 
_refine_hist.R_factor_R_free                  ? 
_refine_hist.R_factor_R_work                  ? 
_refine_hist.pdbx_number_residues_total       ? 
_refine_hist.pdbx_B_iso_mean_ligand           ? 
_refine_hist.pdbx_B_iso_mean_solvent          ? 
_refine_hist.pdbx_number_atoms_protein        764 
_refine_hist.pdbx_number_atoms_nucleic_acid   0 
_refine_hist.pdbx_number_atoms_ligand         57 
_refine_hist.pdbx_number_atoms_lipid          ? 
_refine_hist.pdbx_number_atoms_carb           ? 
_refine_hist.pdbx_pseudo_atom_details         ? 
# 
loop_
_refine_ls_restr.pdbx_refine_id 
_refine_ls_restr.criterion 
_refine_ls_restr.dev_ideal 
_refine_ls_restr.dev_ideal_target 
_refine_ls_restr.number 
_refine_ls_restr.rejects 
_refine_ls_restr.type 
_refine_ls_restr.weight 
_refine_ls_restr.pdbx_restraint_function 
'X-RAY DIFFRACTION' ? 0.021  0.014  862  ? r_bond_refined_d             ? ? 
'X-RAY DIFFRACTION' ? 0.009  0.018  827  ? r_bond_other_d               ? ? 
'X-RAY DIFFRACTION' ? 2.124  1.737  1177 ? r_angle_refined_deg          ? ? 
'X-RAY DIFFRACTION' ? 1.995  1.662  1923 ? r_angle_other_deg            ? ? 
'X-RAY DIFFRACTION' ? 7.801  5.000  102  ? r_dihedral_angle_1_deg       ? ? 
'X-RAY DIFFRACTION' ? 41.795 22.632 38   ? r_dihedral_angle_2_deg       ? ? 
'X-RAY DIFFRACTION' ? 9.806  15.000 138  ? r_dihedral_angle_3_deg       ? ? 
'X-RAY DIFFRACTION' ? 3.851  15.000 5    ? r_dihedral_angle_4_deg       ? ? 
'X-RAY DIFFRACTION' ? 0.124  0.200  122  ? r_chiral_restr               ? ? 
'X-RAY DIFFRACTION' ? 0.011  0.020  927  ? r_gen_planes_refined         ? ? 
'X-RAY DIFFRACTION' ? 0.003  0.020  168  ? r_gen_planes_other           ? ? 
'X-RAY DIFFRACTION' ? ?      ?      ?    ? r_nbd_refined                ? ? 
'X-RAY DIFFRACTION' ? ?      ?      ?    ? r_nbd_other                  ? ? 
'X-RAY DIFFRACTION' ? ?      ?      ?    ? r_nbtor_refined              ? ? 
'X-RAY DIFFRACTION' ? ?      ?      ?    ? r_nbtor_other                ? ? 
'X-RAY DIFFRACTION' ? ?      ?      ?    ? r_xyhbond_nbd_refined        ? ? 
'X-RAY DIFFRACTION' ? ?      ?      ?    ? r_xyhbond_nbd_other          ? ? 
'X-RAY DIFFRACTION' ? ?      ?      ?    ? r_metal_ion_refined          ? ? 
'X-RAY DIFFRACTION' ? ?      ?      ?    ? r_metal_ion_other            ? ? 
'X-RAY DIFFRACTION' ? ?      ?      ?    ? r_symmetry_vdw_refined       ? ? 
'X-RAY DIFFRACTION' ? ?      ?      ?    ? r_symmetry_vdw_other         ? ? 
'X-RAY DIFFRACTION' ? ?      ?      ?    ? r_symmetry_hbond_refined     ? ? 
'X-RAY DIFFRACTION' ? ?      ?      ?    ? r_symmetry_hbond_other       ? ? 
'X-RAY DIFFRACTION' ? ?      ?      ?    ? r_symmetry_metal_ion_refined ? ? 
'X-RAY DIFFRACTION' ? ?      ?      ?    ? r_symmetry_metal_ion_other   ? ? 
'X-RAY DIFFRACTION' ? 1.598  1.446  405  ? r_mcbond_it                  ? ? 
'X-RAY DIFFRACTION' ? 1.586  1.443  404  ? r_mcbond_other               ? ? 
'X-RAY DIFFRACTION' ? 2.460  2.175  508  ? r_mcangle_it                 ? ? 
'X-RAY DIFFRACTION' ? 2.462  2.176  509  ? r_mcangle_other              ? ? 
'X-RAY DIFFRACTION' ? 2.612  1.789  451  ? r_scbond_it                  ? ? 
'X-RAY DIFFRACTION' ? 2.612  1.790  452  ? r_scbond_other               ? ? 
'X-RAY DIFFRACTION' ? ?      ?      ?    ? r_scangle_it                 ? ? 
'X-RAY DIFFRACTION' ? 4.065  2.550  662  ? r_scangle_other              ? ? 
'X-RAY DIFFRACTION' ? 5.334  17.597 856  ? r_long_range_B_refined       ? ? 
'X-RAY DIFFRACTION' ? 5.337  17.621 857  ? r_long_range_B_other         ? ? 
'X-RAY DIFFRACTION' ? ?      ?      ?    ? r_rigid_bond_restr           ? ? 
'X-RAY DIFFRACTION' ? ?      ?      ?    ? r_sphericity_free            ? ? 
'X-RAY DIFFRACTION' ? ?      ?      ?    ? r_sphericity_bonded          ? ? 
# 
_refine_ls_shell.pdbx_refine_id                   'X-RAY DIFFRACTION' 
_refine_ls_shell.d_res_high                       1.210 
_refine_ls_shell.d_res_low                        1.241 
_refine_ls_shell.number_reflns_all                ? 
_refine_ls_shell.number_reflns_obs                ? 
_refine_ls_shell.number_reflns_R_free             62 
_refine_ls_shell.number_reflns_R_work             1417 
_refine_ls_shell.percent_reflns_obs               68.09 
_refine_ls_shell.percent_reflns_R_free            ? 
_refine_ls_shell.R_factor_all                     ? 
_refine_ls_shell.R_factor_obs                     ? 
_refine_ls_shell.R_factor_R_free                  0.355 
_refine_ls_shell.R_factor_R_free_error            ? 
_refine_ls_shell.R_factor_R_work                  0.411 
_refine_ls_shell.redundancy_reflns_all            ? 
_refine_ls_shell.redundancy_reflns_obs            ? 
_refine_ls_shell.wR_factor_all                    ? 
_refine_ls_shell.wR_factor_obs                    ? 
_refine_ls_shell.wR_factor_R_free                 ? 
_refine_ls_shell.wR_factor_R_work                 ? 
_refine_ls_shell.pdbx_total_number_of_bins_used   20 
_refine_ls_shell.pdbx_phase_error                 ? 
_refine_ls_shell.pdbx_fsc_work                    ? 
_refine_ls_shell.pdbx_fsc_free                    ? 
# 
_struct.entry_id                     6OGT 
_struct.title                        'X-ray crystal structure of darunavir-resistant HIV-1 protease (P51) in complex with GRL-001' 
_struct.pdbx_model_details           ? 
_struct.pdbx_formula_weight          ? 
_struct.pdbx_formula_weight_method   ? 
_struct.pdbx_model_type_details      ? 
_struct.pdbx_CASP_flag               N 
# 
_struct_keywords.entry_id        6OGT 
_struct_keywords.text            'Inhibitor, VIRAL PROTEIN, VIRAL PROTEIN-INHIBITOR complex' 
_struct_keywords.pdbx_keywords   'VIRAL PROTEIN/INHIBITOR' 
# 
loop_
_struct_asym.id 
_struct_asym.pdbx_blank_PDB_chainid_flag 
_struct_asym.pdbx_modified 
_struct_asym.entity_id 
_struct_asym.details 
A N N 1 ? 
B N N 2 ? 
C N N 3 ? 
D N N 4 ? 
E N N 5 ? 
# 
loop_
_struct_conf.conf_type_id 
_struct_conf.id 
_struct_conf.pdbx_PDB_helix_id 
_struct_conf.beg_label_comp_id 
_struct_conf.beg_label_asym_id 
_struct_conf.beg_label_seq_id 
_struct_conf.pdbx_beg_PDB_ins_code 
_struct_conf.end_label_comp_id 
_struct_conf.end_label_asym_id 
_struct_conf.end_label_seq_id 
_struct_conf.pdbx_end_PDB_ins_code 
_struct_conf.beg_auth_comp_id 
_struct_conf.beg_auth_asym_id 
_struct_conf.beg_auth_seq_id 
_struct_conf.end_auth_comp_id 
_struct_conf.end_auth_asym_id 
_struct_conf.end_auth_seq_id 
_struct_conf.pdbx_PDB_helix_class 
_struct_conf.details 
_struct_conf.pdbx_PDB_helix_length 
HELX_P HELX_P1 AA1 GLY A 86 ? THR A 91 ? GLY A 86 THR A 91 1 ? 6 
HELX_P HELX_P2 AA2 GLN A 92 ? GLY A 94 ? GLN A 92 GLY A 94 5 ? 3 
# 
_struct_conf_type.id          HELX_P 
_struct_conf_type.criteria    ? 
_struct_conf_type.reference   ? 
# 
_struct_sheet.id               AA1 
_struct_sheet.type             ? 
_struct_sheet.number_strands   8 
_struct_sheet.details          ? 
# 
loop_
_struct_sheet_order.sheet_id 
_struct_sheet_order.range_id_1 
_struct_sheet_order.range_id_2 
_struct_sheet_order.offset 
_struct_sheet_order.sense 
AA1 1 2 ? anti-parallel 
AA1 2 3 ? anti-parallel 
AA1 3 4 ? parallel      
AA1 4 5 ? anti-parallel 
AA1 5 6 ? parallel      
AA1 6 7 ? anti-parallel 
AA1 7 8 ? anti-parallel 
# 
loop_
_struct_sheet_range.sheet_id 
_struct_sheet_range.id 
_struct_sheet_range.beg_label_comp_id 
_struct_sheet_range.beg_label_asym_id 
_struct_sheet_range.beg_label_seq_id 
_struct_sheet_range.pdbx_beg_PDB_ins_code 
_struct_sheet_range.end_label_comp_id 
_struct_sheet_range.end_label_asym_id 
_struct_sheet_range.end_label_seq_id 
_struct_sheet_range.pdbx_end_PDB_ins_code 
_struct_sheet_range.beg_auth_comp_id 
_struct_sheet_range.beg_auth_asym_id 
_struct_sheet_range.beg_auth_seq_id 
_struct_sheet_range.end_auth_comp_id 
_struct_sheet_range.end_auth_asym_id 
_struct_sheet_range.end_auth_seq_id 
AA1 1 LYS A 43 ? GLY A 49 ? LYS A 43 GLY A 49 
AA1 2 GLY A 52 ? ILE A 66 ? GLY A 52 ILE A 66 
AA1 3 HIS A 69 ? VAL A 77 ? HIS A 69 VAL A 77 
AA1 4 ILE A 32 ? PHE A 33 ? ILE A 32 PHE A 33 
AA1 5 VAL A 84 ? ILE A 85 ? VAL A 84 ILE A 85 
AA1 6 GLN A 18 ? ILE A 24 ? GLN A 18 ILE A 24 
AA1 7 ILE A 10 ? VAL A 15 ? ILE A 10 VAL A 15 
AA1 8 GLY A 52 ? ILE A 66 ? GLY A 52 ILE A 66 
# 
loop_
_pdbx_struct_sheet_hbond.sheet_id 
_pdbx_struct_sheet_hbond.range_id_1 
_pdbx_struct_sheet_hbond.range_id_2 
_pdbx_struct_sheet_hbond.range_1_label_atom_id 
_pdbx_struct_sheet_hbond.range_1_label_comp_id 
_pdbx_struct_sheet_hbond.range_1_label_asym_id 
_pdbx_struct_sheet_hbond.range_1_label_seq_id 
_pdbx_struct_sheet_hbond.range_1_PDB_ins_code 
_pdbx_struct_sheet_hbond.range_1_auth_atom_id 
_pdbx_struct_sheet_hbond.range_1_auth_comp_id 
_pdbx_struct_sheet_hbond.range_1_auth_asym_id 
_pdbx_struct_sheet_hbond.range_1_auth_seq_id 
_pdbx_struct_sheet_hbond.range_2_label_atom_id 
_pdbx_struct_sheet_hbond.range_2_label_comp_id 
_pdbx_struct_sheet_hbond.range_2_label_asym_id 
_pdbx_struct_sheet_hbond.range_2_label_seq_id 
_pdbx_struct_sheet_hbond.range_2_PDB_ins_code 
_pdbx_struct_sheet_hbond.range_2_auth_atom_id 
_pdbx_struct_sheet_hbond.range_2_auth_comp_id 
_pdbx_struct_sheet_hbond.range_2_auth_asym_id 
_pdbx_struct_sheet_hbond.range_2_auth_seq_id 
AA1 1 2 N GLY A 49 ? N GLY A 49 O GLY A 52 ? O GLY A 52 
AA1 2 3 N ILE A 66 ? N ILE A 66 O HIS A 69 ? O HIS A 69 
AA1 3 4 O LEU A 76 ? O LEU A 76 N PHE A 33 ? N PHE A 33 
AA1 4 5 N ILE A 32 ? N ILE A 32 O VAL A 84 ? O VAL A 84 
AA1 5 6 O ILE A 85 ? O ILE A 85 N LEU A 23 ? N LEU A 23 
AA1 6 7 O ARG A 20 ? O ARG A 20 N ILE A 13 ? N ILE A 13 
AA1 7 8 N LYS A 14 ? N LYS A 14 O GLU A 65 ? O GLU A 65 
# 
loop_
_struct_site.id 
_struct_site.pdbx_evidence_code 
_struct_site.pdbx_auth_asym_id 
_struct_site.pdbx_auth_comp_id 
_struct_site.pdbx_auth_seq_id 
_struct_site.pdbx_auth_ins_code 
_struct_site.pdbx_num_residues 
_struct_site.details 
AC1 Software A GOL 101 ? 5  'binding site for residue GOL A 101' 
AC2 Software A JDY 102 ? 21 'binding site for residue JDY A 102' 
AC3 Software A EDO 103 ? 8  'binding site for residue EDO A 103' 
# 
loop_
_struct_site_gen.id 
_struct_site_gen.site_id 
_struct_site_gen.pdbx_num_res 
_struct_site_gen.label_comp_id 
_struct_site_gen.label_asym_id 
_struct_site_gen.label_seq_id 
_struct_site_gen.pdbx_auth_ins_code 
_struct_site_gen.auth_comp_id 
_struct_site_gen.auth_asym_id 
_struct_site_gen.auth_seq_id 
_struct_site_gen.label_atom_id 
_struct_site_gen.label_alt_id 
_struct_site_gen.symmetry 
_struct_site_gen.details 
1  AC1 5  LYS A 14 ? LYS A 14  . ? 1_555 ? 
2  AC1 5  GLY A 16 ? GLY A 16  . ? 1_555 ? 
3  AC1 5  GLY A 17 ? GLY A 17  . ? 1_555 ? 
4  AC1 5  GLN A 70 ? GLN A 70  . ? 1_555 ? 
5  AC1 5  HOH E .  ? HOH A 203 . ? 1_555 ? 
6  AC2 21 ASP A 25 ? ASP A 25  . ? 7_555 ? 
7  AC2 21 ASP A 25 ? ASP A 25  . ? 1_555 ? 
8  AC2 21 GLY A 27 ? GLY A 27  . ? 7_555 ? 
9  AC2 21 GLY A 27 ? GLY A 27  . ? 1_555 ? 
10 AC2 21 ALA A 28 ? ALA A 28  . ? 7_555 ? 
11 AC2 21 ASP A 29 ? ASP A 29  . ? 7_555 ? 
12 AC2 21 ASP A 29 ? ASP A 29  . ? 1_555 ? 
13 AC2 21 ASP A 30 ? ASP A 30  . ? 7_555 ? 
14 AC2 21 ASP A 30 ? ASP A 30  . ? 1_555 ? 
15 AC2 21 ILE A 32 ? ILE A 32  . ? 7_555 ? 
16 AC2 21 ILE A 47 ? ILE A 47  . ? 1_555 ? 
17 AC2 21 GLY A 48 ? GLY A 48  . ? 1_555 ? 
18 AC2 21 GLY A 48 ? GLY A 48  . ? 7_555 ? 
19 AC2 21 GLY A 49 ? GLY A 49  . ? 1_555 ? 
20 AC2 21 GLY A 49 ? GLY A 49  . ? 7_555 ? 
21 AC2 21 ILE A 50 ? ILE A 50  . ? 1_555 ? 
22 AC2 21 PRO A 81 ? PRO A 81  . ? 7_555 ? 
23 AC2 21 ILE A 82 ? ILE A 82  . ? 1_555 ? 
24 AC2 21 ILE A 82 ? ILE A 82  . ? 7_555 ? 
25 AC2 21 HOH E .  ? HOH A 202 . ? 7_555 ? 
26 AC2 21 HOH E .  ? HOH A 202 . ? 1_555 ? 
27 AC3 8  THR A 4  ? THR A 4   . ? 3_564 ? 
28 AC3 8  GLY A 16 ? GLY A 16  . ? 1_555 ? 
29 AC3 8  GLY A 17 ? GLY A 17  . ? 1_555 ? 
30 AC3 8  PRO A 39 ? PRO A 39  . ? 1_555 ? 
31 AC3 8  HOH E .  ? HOH A 205 . ? 1_555 ? 
32 AC3 8  HOH E .  ? HOH A 244 . ? 1_555 ? 
33 AC3 8  HOH E .  ? HOH A 245 . ? 1_555 ? 
34 AC3 8  HOH E .  ? HOH A 246 . ? 1_555 ? 
# 
_atom_sites.entry_id                    6OGT 
_atom_sites.fract_transf_matrix[1][1]   0.01305377 
_atom_sites.fract_transf_matrix[1][2]   -0.00908134 
_atom_sites.fract_transf_matrix[1][3]   -0.00907221 
_atom_sites.fract_transf_matrix[2][1]   0.01713762 
_atom_sites.fract_transf_matrix[2][2]   0.00643576 
_atom_sites.fract_transf_matrix[2][3]   -0.00025639 
_atom_sites.fract_transf_matrix[3][1]   0.00254470 
_atom_sites.fract_transf_matrix[3][2]   -0.00637607 
_atom_sites.fract_transf_matrix[3][3]   0.01004399 
_atom_sites.fract_transf_vector[1]      0.317616 
_atom_sites.fract_transf_vector[2]      0.435961 
_atom_sites.fract_transf_vector[3]      0.064631 
# 
loop_
_atom_type.symbol 
C 
F 
N 
O 
S 
# 
loop_
_atom_site.group_PDB 
_atom_site.id 
_atom_site.type_symbol 
_atom_site.label_atom_id 
_atom_site.label_alt_id 
_atom_site.label_comp_id 
_atom_site.label_asym_id 
_atom_site.label_entity_id 
_atom_site.label_seq_id 
_atom_site.pdbx_PDB_ins_code 
_atom_site.Cartn_x 
_atom_site.Cartn_y 
_atom_site.Cartn_z 
_atom_site.occupancy 
_atom_site.B_iso_or_equiv 
_atom_site.pdbx_formal_charge 
_atom_site.auth_seq_id 
_atom_site.auth_comp_id 
_atom_site.auth_asym_id 
_atom_site.auth_atom_id 
_atom_site.pdbx_PDB_model_num 
ATOM   1   N N   . PRO A 1 1  ? 17.056  -1.929  0.407   1.00 27.46 ? 1   PRO A N   1 
ATOM   2   C CA  . PRO A 1 1  ? 17.687  -2.705  1.492   1.00 22.86 ? 1   PRO A CA  1 
ATOM   3   C C   . PRO A 1 1  ? 17.201  -4.160  1.567   1.00 21.85 ? 1   PRO A C   1 
ATOM   4   O O   . PRO A 1 1  ? 16.219  -4.503  0.895   1.00 23.20 ? 1   PRO A O   1 
ATOM   5   C CB  . PRO A 1 1  ? 17.243  -1.984  2.768   1.00 26.69 ? 1   PRO A CB  1 
ATOM   6   C CG  . PRO A 1 1  ? 15.840  -1.553  2.439   1.00 29.48 ? 1   PRO A CG  1 
ATOM   7   C CD  . PRO A 1 1  ? 15.823  -1.360  0.939   1.00 28.32 ? 1   PRO A CD  1 
ATOM   8   N N   . GLN A 1 2  ? 17.875  -4.982  2.369   1.00 16.46 ? 2   GLN A N   1 
ATOM   9   C CA  . GLN A 1 2  ? 17.331  -6.284  2.825   1.00 15.78 ? 2   GLN A CA  1 
ATOM   10  C C   . GLN A 1 2  ? 16.588  -6.003  4.128   1.00 13.49 ? 2   GLN A C   1 
ATOM   11  O O   . GLN A 1 2  ? 17.073  -5.201  4.959   1.00 15.58 ? 2   GLN A O   1 
ATOM   12  C CB  . GLN A 1 2  ? 18.445  -7.310  2.996   1.00 17.11 ? 2   GLN A CB  1 
ATOM   13  C CG  . GLN A 1 2  ? 17.923  -8.673  3.422   1.00 18.70 ? 2   GLN A CG  1 
ATOM   14  C CD  . GLN A 1 2  ? 19.016  -9.711  3.399   1.00 22.36 ? 2   GLN A CD  1 
ATOM   15  O OE1 . GLN A 1 2  ? 19.998  -9.585  4.129   1.00 25.84 ? 2   GLN A OE1 1 
ATOM   16  N NE2 . GLN A 1 2  ? 18.889  -10.688 2.520   1.00 26.10 ? 2   GLN A NE2 1 
ATOM   17  N N   . ILE A 1 3  ? 15.415  -6.625  4.317   1.00 12.07 ? 3   ILE A N   1 
ATOM   18  C CA  . ILE A 1 3  ? 14.596  -6.473  5.538   1.00 12.08 ? 3   ILE A CA  1 
ATOM   19  C C   . ILE A 1 3  ? 14.296  -7.873  6.062   1.00 11.83 ? 3   ILE A C   1 
ATOM   20  O O   . ILE A 1 3  ? 13.733  -8.721  5.310   1.00 12.12 ? 3   ILE A O   1 
ATOM   21  C CB  . ILE A 1 3  ? 13.300  -5.699  5.236   1.00 12.48 ? 3   ILE A CB  1 
ATOM   22  C CG1 . ILE A 1 3  ? 13.626  -4.339  4.587   1.00 14.30 ? 3   ILE A CG1 1 
ATOM   23  C CG2 . ILE A 1 3  ? 12.477  -5.546  6.500   1.00 14.22 ? 3   ILE A CG2 1 
ATOM   24  C CD1 . ILE A 1 3  ? 12.421  -3.520  4.191   1.00 16.99 ? 3   ILE A CD1 1 
ATOM   25  N N   . THR A 1 4  ? 14.676  -8.169  7.297   1.00 10.82 ? 4   THR A N   1 
ATOM   26  C CA  . THR A 1 4  ? 14.315  -9.458  7.930   1.00 11.14 ? 4   THR A CA  1 
ATOM   27  C C   . THR A 1 4  ? 12.911  -9.358  8.526   1.00 10.23 ? 4   THR A C   1 
ATOM   28  O O   . THR A 1 4  ? 12.282  -8.287  8.502   1.00 12.03 ? 4   THR A O   1 
ATOM   29  C CB  . THR A 1 4  ? 15.367  -9.835  8.984   1.00 11.63 ? 4   THR A CB  1 
ATOM   30  O OG1 . THR A 1 4  ? 15.319  -8.831  10.004  1.00 12.55 ? 4   THR A OG1 1 
ATOM   31  C CG2 . THR A 1 4  ? 16.766  -9.941  8.395   1.00 12.59 ? 4   THR A CG2 1 
ATOM   32  N N   . LEU A 1 5  ? 12.421  -10.451 9.091   1.00 9.60  ? 5   LEU A N   1 
ATOM   33  C CA  . LEU A 1 5  ? 10.991  -10.561 9.449   1.00 9.24  ? 5   LEU A CA  1 
ATOM   34  C C   . LEU A 1 5  ? 10.763  -10.793 10.941  1.00 9.19  ? 5   LEU A C   1 
ATOM   35  O O   . LEU A 1 5  ? 9.680   -11.157 11.374  1.00 9.82  ? 5   LEU A O   1 
ATOM   36  C CB  . LEU A 1 5  ? 10.294  -11.620 8.576   1.00 9.86  ? 5   LEU A CB  1 
ATOM   37  C CG  . LEU A 1 5  ? 10.270  -11.257 7.089   1.00 9.72  ? 5   LEU A CG  1 
ATOM   38  C CD1 . LEU A 1 5  ? 9.718   -12.410 6.270   1.00 10.54 ? 5   LEU A CD1 1 
ATOM   39  C CD2 . LEU A 1 5  ? 9.454   -9.997  6.824   1.00 11.56 ? 5   LEU A CD2 1 
ATOM   40  N N   . TRP A 1 6  ? 11.784  -10.514 11.735  1.00 9.83  ? 6   TRP A N   1 
ATOM   41  C CA  . TRP A 1 6  ? 11.684  -10.618 13.208  1.00 9.91  ? 6   TRP A CA  1 
ATOM   42  C C   . TRP A 1 6  ? 10.707  -9.582  13.753  1.00 10.08 ? 6   TRP A C   1 
ATOM   43  O O   . TRP A 1 6  ? 10.080  -9.799  14.786  1.00 12.90 ? 6   TRP A O   1 
ATOM   44  C CB  . TRP A 1 6  ? 13.081  -10.493 13.820  1.00 11.18 ? 6   TRP A CB  1 
ATOM   45  C CG  . TRP A 1 6  ? 13.991  -11.577 13.343  1.00 11.52 ? 6   TRP A CG  1 
ATOM   46  C CD1 . TRP A 1 6  ? 14.849  -11.493 12.298  1.00 12.87 ? 6   TRP A CD1 1 
ATOM   47  C CD2 . TRP A 1 6  ? 13.974  -12.955 13.730  1.00 12.88 ? 6   TRP A CD2 1 
ATOM   48  N NE1 . TRP A 1 6  ? 15.416  -12.711 12.035  1.00 14.12 ? 6   TRP A NE1 1 
ATOM   49  C CE2 . TRP A 1 6  ? 14.903  -13.623 12.899  1.00 13.49 ? 6   TRP A CE2 1 
ATOM   50  C CE3 . TRP A 1 6  ? 13.302  -13.692 14.703  1.00 14.80 ? 6   TRP A CE3 1 
ATOM   51  C CZ2 . TRP A 1 6  ? 15.188  -14.987 13.013  1.00 14.23 ? 6   TRP A CZ2 1 
ATOM   52  C CZ3 . TRP A 1 6  ? 13.594  -15.045 14.817  1.00 15.75 ? 6   TRP A CZ3 1 
ATOM   53  C CH2 . TRP A 1 6  ? 14.495  -15.663 13.967  1.00 14.50 ? 6   TRP A CH2 1 
ATOM   54  N N   . GLN A 1 7  ? 10.589  -8.450  13.069  1.00 9.74  ? 7   GLN A N   1 
ATOM   55  C CA  . GLN A 1 7  ? 9.609   -7.394  13.357  1.00 9.96  ? 7   GLN A CA  1 
ATOM   56  C C   . GLN A 1 7  ? 8.751   -7.164  12.115  1.00 9.24  ? 7   GLN A C   1 
ATOM   57  O O   . GLN A 1 7  ? 9.148   -7.593  11.033  1.00 10.03 ? 7   GLN A O   1 
ATOM   58  C CB  . GLN A 1 7  ? 10.304  -6.097  13.753  1.00 11.40 ? 7   GLN A CB  1 
ATOM   59  C CG  . GLN A 1 7  ? 11.191  -6.222  14.998  1.00 12.88 ? 7   GLN A CG  1 
ATOM   60  C CD  . GLN A 1 7  ? 10.424  -6.254  16.302  1.00 14.71 ? 7   GLN A CD  1 
ATOM   61  O OE1 . GLN A 1 7  ? 9.278   -5.820  16.411  1.00 17.49 ? 7   GLN A OE1 1 
ATOM   62  N NE2 . GLN A 1 7  ? 11.045  -6.787  17.358  1.00 14.72 ? 7   GLN A NE2 1 
ATOM   63  N N   . ARG A 1 8  ? 7.616   -6.528  12.278  1.00 9.42  ? 8   ARG A N   1 
ATOM   64  C CA  . ARG A 1 8  ? 6.827   -6.134  11.086  1.00 9.92  ? 8   ARG A CA  1 
ATOM   65  C C   . ARG A 1 8  ? 7.679   -5.307  10.146  1.00 9.74  ? 8   ARG A C   1 
ATOM   66  O O   . ARG A 1 8  ? 8.375   -4.371  10.574  1.00 9.99  ? 8   ARG A O   1 
ATOM   67  C CB  . ARG A 1 8  ? 5.591   -5.364  11.523  1.00 9.94  ? 8   ARG A CB  1 
ATOM   68  C CG  . ARG A 1 8  ? 4.558   -6.170  12.273  1.00 10.68 ? 8   ARG A CG  1 
ATOM   69  C CD  . ARG A 1 8  ? 3.329   -5.352  12.578  1.00 12.92 ? 8   ARG A CD  1 
ATOM   70  N NE  . ARG A 1 8  ? 2.280   -6.168  13.141  1.00 15.99 ? 8   ARG A NE  1 
ATOM   71  C CZ  . ARG A 1 8  ? 1.098   -5.692  13.535  1.00 19.15 ? 8   ARG A CZ  1 
ATOM   72  N NH1 . ARG A 1 8  ? 0.942   -4.375  13.602  1.00 22.64 ? 8   ARG A NH1 1 
ATOM   73  N NH2 . ARG A 1 8  ? 0.135   -6.510  13.959  1.00 19.11 ? 8   ARG A NH2 1 
ATOM   74  N N   . PRO A 1 9  ? 7.656   -5.568  8.821   1.00 8.94  ? 9   PRO A N   1 
ATOM   75  C CA  . PRO A 1 9  ? 8.478   -4.815  7.860   1.00 9.20  ? 9   PRO A CA  1 
ATOM   76  C C   . PRO A 1 9  ? 7.828   -3.496  7.458   1.00 9.10  ? 9   PRO A C   1 
ATOM   77  O O   . PRO A 1 9  ? 7.250   -3.334  6.383   1.00 10.68 ? 9   PRO A O   1 
ATOM   78  C CB  . PRO A 1 9  ? 8.615   -5.805  6.677   1.00 9.19  ? 9   PRO A CB  1 
ATOM   79  C CG  . PRO A 1 9  ? 7.332   -6.569  6.697   1.00 9.08  ? 9   PRO A CG  1 
ATOM   80  C CD  . PRO A 1 9  ? 7.055   -6.771  8.191   1.00 9.12  ? 9   PRO A CD  1 
ATOM   81  N N   . ILE A 1 10 ? 7.930   -2.532  8.359   1.00 9.77  ? 10  ILE A N   1 
ATOM   82  C CA  . ILE A 1 10 ? 7.308   -1.188  8.203   1.00 10.62 ? 10  ILE A CA  1 
ATOM   83  C C   . ILE A 1 10 ? 8.329   -0.249  7.620   1.00 10.59 ? 10  ILE A C   1 
ATOM   84  O O   . ILE A 1 10 ? 9.499   -0.240  8.066   1.00 12.24 ? 10  ILE A O   1 
ATOM   85  C CB  . ILE A 1 10 ? 6.773   -0.713  9.553   1.00 13.45 ? 10  ILE A CB  1 
ATOM   86  C CG1 . ILE A 1 10 ? 5.570   -1.605  9.925   1.00 17.08 ? 10  ILE A CG1 1 
ATOM   87  C CG2 . ILE A 1 10 ? 6.354   0.752   9.492   1.00 13.24 ? 10  ILE A CG2 1 
ATOM   88  C CD1 . ILE A 1 10 ? 5.017   -1.440  11.323  1.00 20.69 ? 10  ILE A CD1 1 
ATOM   89  N N   . VAL A 1 11 ? 7.944   0.505   6.624   1.00 9.33  ? 11  VAL A N   1 
ATOM   90  C CA  . VAL A 1 11 ? 8.799   1.505   5.952   1.00 10.16 ? 11  VAL A CA  1 
ATOM   91  C C   . VAL A 1 11 ? 8.073   2.846   5.851   1.00 9.38  ? 11  VAL A C   1 
ATOM   92  O O   . VAL A 1 11 ? 6.839   2.940   6.006   1.00 9.72  ? 11  VAL A O   1 
ATOM   93  C CB  . VAL A 1 11 ? 9.259   1.009   4.576   1.00 11.53 ? 11  VAL A CB  1 
ATOM   94  C CG1 . VAL A 1 11 ? 10.064  -0.277  4.678   1.00 13.11 ? 11  VAL A CG1 1 
ATOM   95  C CG2 . VAL A 1 11 ? 8.102   0.864   3.630   1.00 12.02 ? 11  VAL A CG2 1 
ATOM   96  N N   . THR A 1 12 ? 8.853   3.877   5.563   1.00 9.30  ? 12  THR A N   1 
ATOM   97  C CA  . THR A 1 12 ? 8.369   5.250   5.417   1.00 10.13 ? 12  THR A CA  1 
ATOM   98  C C   . THR A 1 12 ? 7.991   5.555   3.981   1.00 10.25 ? 12  THR A C   1 
ATOM   99  O O   . THR A 1 12 ? 8.703   5.212   3.044   1.00 11.29 ? 12  THR A O   1 
ATOM   100 C CB  . THR A 1 12 ? 9.402   6.250   5.954   1.00 12.34 ? 12  THR A CB  1 
ATOM   101 O OG1 . THR A 1 12 ? 9.749   5.939   7.320   1.00 13.90 ? 12  THR A OG1 1 
ATOM   102 C CG2 . THR A 1 12 ? 8.877   7.663   5.961   1.00 16.62 ? 12  THR A CG2 1 
ATOM   103 N N   . ILE A 1 13 ? 6.839   6.152   3.853   1.00 9.88  ? 13  ILE A N   1 
ATOM   104 C CA  . ILE A 1 13 ? 6.145   6.430   2.577   1.00 11.38 ? 13  ILE A CA  1 
ATOM   105 C C   . ILE A 1 13 ? 5.913   7.947   2.441   1.00 9.74  ? 13  ILE A C   1 
ATOM   106 O O   . ILE A 1 13 ? 5.564   8.584   3.432   1.00 10.75 ? 13  ILE A O   1 
ATOM   107 C CB  . ILE A 1 13 ? 4.727   5.763   2.626   1.00 13.55 ? 13  ILE A CB  1 
ATOM   108 C CG1 . ILE A 1 13 ? 4.805   4.284   2.987   1.00 14.76 ? 13  ILE A CG1 1 
ATOM   109 C CG2 . ILE A 1 13 ? 3.949   6.042   1.369   1.00 15.35 ? 13  ILE A CG2 1 
ATOM   110 C CD1 . ILE A 1 13 ? 5.647   3.551   2.043   1.00 12.74 ? 13  ILE A CD1 1 
ATOM   111 N N   . LYS A 1 14 ? 5.961   8.441   1.203   1.00 9.49  ? 14  LYS A N   1 
ATOM   112 C CA  . LYS A 1 14 ? 5.343   9.744   0.857   1.00 9.68  ? 14  LYS A CA  1 
ATOM   113 C C   . LYS A 1 14 ? 4.303   9.498   -0.231  1.00 9.14  ? 14  LYS A C   1 
ATOM   114 O O   . LYS A 1 14 ? 4.618   8.888   -1.266  1.00 10.33 ? 14  LYS A O   1 
ATOM   115 C CB  . LYS A 1 14 ? 6.414   10.755  0.432   1.00 10.15 ? 14  LYS A CB  1 
ATOM   116 C CG  . LYS A 1 14 ? 5.836   12.148  0.173   1.00 10.98 ? 14  LYS A CG  1 
ATOM   117 C CD  . LYS A 1 14 ? 6.895   13.166  -0.171  1.00 11.96 ? 14  LYS A CD  1 
ATOM   118 C CE  . LYS A 1 14 ? 6.305   14.502  -0.592  1.00 13.05 ? 14  LYS A CE  1 
ATOM   119 N NZ  . LYS A 1 14 ? 7.367   15.526  -0.834  1.00 15.12 ? 14  LYS A NZ  1 
ATOM   120 N N   . VAL A 1 15 ? 3.092   9.951   0.016   1.00 8.93  ? 15  VAL A N   1 
ATOM   121 C CA  . VAL A 1 15 ? 1.968   9.748   -0.931  1.00 10.05 ? 15  VAL A CA  1 
ATOM   122 C C   . VAL A 1 15 ? 1.045   10.955  -0.795  1.00 10.59 ? 15  VAL A C   1 
ATOM   123 O O   . VAL A 1 15 ? 0.717   11.345  0.326   1.00 11.02 ? 15  VAL A O   1 
ATOM   124 C CB  . VAL A 1 15 ? 1.262   8.401   -0.658  1.00 11.35 ? 15  VAL A CB  1 
ATOM   125 C CG1 . VAL A 1 15 ? 0.582   8.316   0.693   1.00 11.90 ? 15  VAL A CG1 1 
ATOM   126 C CG2 . VAL A 1 15 ? 0.299   8.121   -1.796  1.00 13.06 ? 15  VAL A CG2 1 
ATOM   127 N N   . GLY A 1 16 ? 0.617   11.530  -1.916  1.00 11.62 ? 16  GLY A N   1 
ATOM   128 C CA  . GLY A 1 16 ? -0.291  12.691  -1.870  1.00 12.79 ? 16  GLY A CA  1 
ATOM   129 C C   . GLY A 1 16 ? 0.298   13.853  -1.093  1.00 11.11 ? 16  GLY A C   1 
ATOM   130 O O   . GLY A 1 16 ? -0.471  14.624  -0.496  1.00 12.25 ? 16  GLY A O   1 
ATOM   131 N N   . GLY A 1 17 ? 1.611   13.981  -1.060  1.00 11.13 ? 17  GLY A N   1 
ATOM   132 C CA  . GLY A 1 17 ? 2.301   15.059  -0.319  1.00 11.59 ? 17  GLY A CA  1 
ATOM   133 C C   . GLY A 1 17 ? 2.333   14.819  1.164   1.00 11.04 ? 17  GLY A C   1 
ATOM   134 O O   . GLY A 1 17 ? 2.800   15.736  1.876   1.00 12.10 ? 17  GLY A O   1 
ATOM   135 N N   . GLN A 1 18 ? 1.896   13.673  1.650   1.00 10.37 ? 18  GLN A N   1 
ATOM   136 C CA  . GLN A 1 18 ? 1.806   13.345  3.077   1.00 10.90 ? 18  GLN A CA  1 
ATOM   137 C C   . GLN A 1 18 ? 2.783   12.209  3.388   1.00 10.31 ? 18  GLN A C   1 
ATOM   138 O O   . GLN A 1 18 ? 3.070   11.335  2.529   1.00 11.08 ? 18  GLN A O   1 
ATOM   139 C CB  . GLN A 1 18 ? 0.377   12.898  3.386   1.00 11.69 ? 18  GLN A CB  1 
ATOM   140 C CG  . GLN A 1 18 ? -0.661  14.028  3.217   1.00 13.76 ? 18  GLN A CG  1 
ATOM   141 C CD  . GLN A 1 18 ? -2.084  13.570  3.431   1.00 17.89 ? 18  GLN A CD  1 
ATOM   142 O OE1 . GLN A 1 18 ? -2.676  12.795  2.666   1.00 25.39 ? 18  GLN A OE1 1 
ATOM   143 N NE2 . GLN A 1 18 ? -2.612  13.899  4.571   1.00 20.47 ? 18  GLN A NE2 1 
ATOM   144 N N   . LEU A 1 19 ? 3.230   12.188  4.623   1.00 9.43  ? 19  LEU A N   1 
ATOM   145 C CA  . LEU A 1 19 ? 4.181   11.165  5.107   1.00 9.52  ? 19  LEU A CA  1 
ATOM   146 C C   . LEU A 1 19 ? 3.442   10.150  5.975   1.00 9.45  ? 19  LEU A C   1 
ATOM   147 O O   . LEU A 1 19 ? 2.676   10.529  6.854   1.00 10.96 ? 19  LEU A O   1 
ATOM   148 C CB  . LEU A 1 19 ? 5.290   11.851  5.920   1.00 10.73 ? 19  LEU A CB  1 
ATOM   149 C CG  . LEU A 1 19 ? 5.954   13.042  5.238   1.00 12.46 ? 19  LEU A CG  1 
ATOM   150 C CD1 . LEU A 1 19 ? 7.025   13.621  6.175   1.00 13.61 ? 19  LEU A CD1 1 
ATOM   151 C CD2 . LEU A 1 19 ? 6.543   12.669  3.916   1.00 14.85 ? 19  LEU A CD2 1 
ATOM   152 N N   . ARG A 1 20 ? 3.699   8.876   5.719   1.00 9.42  ? 20  ARG A N   1 
ATOM   153 C CA  . ARG A 1 20 ? 3.038   7.780   6.457   1.00 10.01 ? 20  ARG A CA  1 
ATOM   154 C C   . ARG A 1 20 ? 4.011   6.641   6.620   1.00 9.15  ? 20  ARG A C   1 
ATOM   155 O O   . ARG A 1 20 ? 5.091   6.633   5.986   1.00 10.58 ? 20  ARG A O   1 
ATOM   156 C CB  . ARG A 1 20 ? 1.802   7.254   5.711   1.00 11.41 ? 20  ARG A CB  1 
ATOM   157 C CG  . ARG A 1 20 ? 0.675   8.269   5.581   1.00 12.39 ? 20  ARG A CG  1 
ATOM   158 C CD  . ARG A 1 20 ? 0.049   8.533   6.895   1.00 14.05 ? 20  ARG A CD  1 
ATOM   159 N NE  . ARG A 1 20 ? -1.158  9.372   6.778   1.00 17.57 ? 20  ARG A NE  1 
ATOM   160 C CZ  . ARG A 1 20 ? -1.185  10.689  6.782   1.00 17.87 ? 20  ARG A CZ  1 
ATOM   161 N NH1 . ARG A 1 20 ? -0.089  11.398  6.899   1.00 16.64 ? 20  ARG A NH1 1 
ATOM   162 N NH2 . ARG A 1 20 ? -2.367  11.305  6.699   1.00 21.07 ? 20  ARG A NH2 1 
ATOM   163 N N   . GLU A 1 21 ? 3.654   5.705   7.478   1.00 9.02  ? 21  GLU A N   1 
ATOM   164 C CA  . GLU A 1 21 ? 4.364   4.407   7.565   1.00 9.44  ? 21  GLU A CA  1 
ATOM   165 C C   . GLU A 1 21 ? 3.454   3.318   7.024   1.00 8.21  ? 21  GLU A C   1 
ATOM   166 O O   . GLU A 1 21 ? 2.222   3.429   7.181   1.00 10.38 ? 21  GLU A O   1 
ATOM   167 C CB  . GLU A 1 21 ? 4.809   4.081   8.975   1.00 10.10 ? 21  GLU A CB  1 
ATOM   168 C CG  . GLU A 1 21 ? 5.809   5.091   9.524   1.00 12.66 ? 21  GLU A CG  1 
ATOM   169 C CD  . GLU A 1 21 ? 6.356   4.773   10.901  1.00 14.56 ? 21  GLU A CD  1 
ATOM   170 O OE1 . GLU A 1 21 ? 5.659   5.154   11.882  1.00 21.06 ? 21  GLU A OE1 1 
ATOM   171 O OE2 . GLU A 1 21 ? 7.412   4.204   10.977  1.00 16.68 ? 21  GLU A OE2 1 
ATOM   172 N N   . ALA A 1 22 ? 4.037   2.286   6.429   1.00 8.11  ? 22  ALA A N   1 
ATOM   173 C CA  . ALA A 1 22 ? 3.223   1.197   5.847   1.00 8.31  ? 22  ALA A CA  1 
ATOM   174 C C   . ALA A 1 22 ? 3.997   -0.109  5.904   1.00 8.90  ? 22  ALA A C   1 
ATOM   175 O O   . ALA A 1 22 ? 5.215   -0.125  5.875   1.00 9.60  ? 22  ALA A O   1 
ATOM   176 C CB  . ALA A 1 22 ? 2.802   1.521   4.435   1.00 9.34  ? 22  ALA A CB  1 
ATOM   177 N N   . LEU A 1 23 ? 3.239   -1.201  5.954   1.00 9.86  ? 23  LEU A N   1 
ATOM   178 C CA  . LEU A 1 23 ? 3.781   -2.559  6.020   1.00 11.92 ? 23  LEU A CA  1 
ATOM   179 C C   . LEU A 1 23 ? 4.052   -3.044  4.609   1.00 12.65 ? 23  LEU A C   1 
ATOM   180 O O   . LEU A 1 23 ? 3.031   -3.057  3.797   1.00 15.58 ? 23  LEU A O   1 
ATOM   181 C CB  . LEU A 1 23 ? 2.656   -3.308  6.770   1.00 15.40 ? 23  LEU A CB  1 
ATOM   182 C CG  . LEU A 1 23 ? 2.734   -4.795  7.015   1.00 16.18 ? 23  LEU A CG  1 
ATOM   183 C CD1 . LEU A 1 23 ? 3.915   -5.118  7.879   1.00 15.24 ? 23  LEU A CD1 1 
ATOM   184 C CD2 . LEU A 1 23 ? 1.439   -5.283  7.659   1.00 15.01 ? 23  LEU A CD2 1 
ATOM   185 N N   . ILE A 1 24 ? 5.247   -3.540  4.300   1.00 11.60 ? 24  ILE A N   1 
ATOM   186 C CA  . ILE A 1 24 ? 5.572   -4.260  3.038   1.00 13.44 ? 24  ILE A CA  1 
ATOM   187 C C   . ILE A 1 24 ? 4.828   -5.591  3.134   1.00 14.72 ? 24  ILE A C   1 
ATOM   188 O O   . ILE A 1 24 ? 5.158   -6.439  4.022   1.00 15.15 ? 24  ILE A O   1 
ATOM   189 C CB  . ILE A 1 24 ? 7.061   -4.448  2.824   1.00 13.98 ? 24  ILE A CB  1 
ATOM   190 C CG1 . ILE A 1 24 ? 7.906   -3.155  2.722   1.00 16.66 ? 24  ILE A CG1 1 
ATOM   191 C CG2 . ILE A 1 24 ? 7.272   -5.452  1.674   1.00 15.44 ? 24  ILE A CG2 1 
ATOM   192 C CD1 . ILE A 1 24 ? 7.750   -2.220  1.532   1.00 19.13 ? 24  ILE A CD1 1 
ATOM   193 N N   . ASP A 1 25 ? 3.812   -5.796  2.307   1.00 12.66 ? 25  ASP A N   1 
ATOM   194 C CA  . ASP A 1 25 ? 2.860   -6.882  2.486   1.00 12.21 ? 25  ASP A CA  1 
ATOM   195 C C   . ASP A 1 25 ? 2.755   -7.785  1.258   1.00 11.45 ? 25  ASP A C   1 
ATOM   196 O O   . ASP A 1 25 ? 1.982   -7.472  0.299   1.00 11.72 ? 25  ASP A O   1 
ATOM   197 C CB  . ASP A 1 25 ? 1.522   -6.287  2.873   1.00 13.75 ? 25  ASP A CB  1 
ATOM   198 C CG  . ASP A 1 25 ? 0.587   -7.336  3.335   1.00 13.47 ? 25  ASP A CG  1 
ATOM   199 O OD1 . ASP A 1 25 ? 0.999   -8.577  3.173   1.00 15.67 ? 25  ASP A OD1 1 
ATOM   200 O OD2 . ASP A 1 25 ? -0.486  -7.043  3.728   1.00 15.75 ? 25  ASP A OD2 1 
ATOM   201 N N   . THR A 1 26 ? 3.525   -8.882  1.199   1.00 10.75 ? 26  THR A N   1 
ATOM   202 C CA  . THR A 1 26 ? 3.524   -9.753  -0.005  1.00 8.81  ? 26  THR A CA  1 
ATOM   203 C C   . THR A 1 26 ? 2.209   -10.512 -0.140  1.00 8.91  ? 26  THR A C   1 
ATOM   204 O O   . THR A 1 26 ? 1.959   -11.028 -1.256  1.00 9.09  ? 26  THR A O   1 
ATOM   205 C CB  . THR A 1 26 ? 4.702   -10.717 0.040   1.00 8.50  ? 26  THR A CB  1 
ATOM   206 O OG1 . THR A 1 26 ? 4.635   -11.505 1.225   1.00 8.69  ? 26  THR A OG1 1 
ATOM   207 C CG2 . THR A 1 26 ? 6.025   -10.003 0.036   1.00 8.91  ? 26  THR A CG2 1 
ATOM   208 N N   . GLY A 1 27 ? 1.378   -10.561 0.894   1.00 9.15  ? 27  GLY A N   1 
ATOM   209 C CA  . GLY A 1 27 ? 0.059   -11.162 0.809   1.00 9.41  ? 27  GLY A CA  1 
ATOM   210 C C   . GLY A 1 27 ? -1.039  -10.214 0.336   1.00 10.04 ? 27  GLY A C   1 
ATOM   211 O O   . GLY A 1 27 ? -2.194  -10.665 0.264   1.00 11.33 ? 27  GLY A O   1 
ATOM   212 N N   . ALA A 1 28 ? -0.697  -8.976  0.032   1.00 10.20 ? 28  ALA A N   1 
ATOM   213 C CA  . ALA A 1 28 ? -1.661  -7.972  -0.483  1.00 10.08 ? 28  ALA A CA  1 
ATOM   214 C C   . ALA A 1 28 ? -1.472  -7.784  -1.991  1.00 9.44  ? 28  ALA A C   1 
ATOM   215 O O   . ALA A 1 28 ? -0.382  -7.421  -2.427  1.00 9.63  ? 28  ALA A O   1 
ATOM   216 C CB  . ALA A 1 28 ? -1.457  -6.683  0.267   1.00 11.28 ? 28  ALA A CB  1 
ATOM   217 N N   . ASP A 1 29 ? -2.535  -8.002  -2.763  1.00 9.87  ? 29  ASP A N   1 
ATOM   218 C CA  . ASP A 1 29 ? -2.434  -7.712  -4.200  1.00 9.91  ? 29  ASP A CA  1 
ATOM   219 C C   . ASP A 1 29 ? -2.340  -6.201  -4.448  1.00 10.16 ? 29  ASP A C   1 
ATOM   220 O O   . ASP A 1 29 ? -1.571  -5.805  -5.343  1.00 11.54 ? 29  ASP A O   1 
ATOM   221 C CB  . ASP A 1 29 ? -3.654  -8.216  -4.946  1.00 11.43 ? 29  ASP A CB  1 
ATOM   222 C CG  . ASP A 1 29 ? -3.958  -9.697  -4.875  1.00 12.92 ? 29  ASP A CG  1 
ATOM   223 O OD1 . ASP A 1 29 ? -3.056  -10.493 -4.695  1.00 12.24 ? 29  ASP A OD1 1 
ATOM   224 O OD2 . ASP A 1 29 ? -5.160  -10.035 -5.170  1.00 17.62 ? 29  ASP A OD2 1 
ATOM   225 N N   . ASP A 1 30 ? -3.105  -5.457  -3.661  1.00 11.03 ? 30  ASP A N   1 
ATOM   226 C CA  . ASP A 1 30 ? -3.269  -3.987  -3.786  1.00 12.09 ? 30  ASP A CA  1 
ATOM   227 C C   . ASP A 1 30 ? -2.706  -3.274  -2.582  1.00 10.80 ? 30  ASP A C   1 
ATOM   228 O O   . ASP A 1 30 ? -2.351  -3.885  -1.590  1.00 11.24 ? 30  ASP A O   1 
ATOM   229 C CB  . ASP A 1 30 ? -4.729  -3.656  -4.086  1.00 15.92 ? 30  ASP A CB  1 
ATOM   230 C CG  . ASP A 1 30 ? -4.911  -3.868  -5.593  1.00 23.63 ? 30  ASP A CG  1 
ATOM   231 O OD1 . ASP A 1 30 ? -4.310  -3.114  -6.427  1.00 28.79 ? 30  ASP A OD1 1 
ATOM   232 O OD2 . ASP A 1 30 ? -5.496  -4.831  -5.903  1.00 21.86 ? 30  ASP A OD2 1 
ATOM   233 N N   . THR A 1 31 ? -2.582  -1.965  -2.712  1.00 11.35 ? 31  THR A N   1 
ATOM   234 C CA  . THR A 1 31 ? -2.003  -1.012  -1.736  1.00 9.72  ? 31  THR A CA  1 
ATOM   235 C C   . THR A 1 31 ? -3.132  -0.255  -1.060  1.00 10.81 ? 31  THR A C   1 
ATOM   236 O O   . THR A 1 31 ? -4.006  0.266   -1.789  1.00 11.45 ? 31  THR A O   1 
ATOM   237 C CB  . THR A 1 31 ? -1.000  -0.118  -2.450  1.00 10.66 ? 31  THR A CB  1 
ATOM   238 O OG1 . THR A 1 31 ? 0.081   -0.935  -2.866  1.00 10.94 ? 31  THR A OG1 1 
ATOM   239 C CG2 . THR A 1 31 ? -0.490  1.023   -1.599  1.00 10.64 ? 31  THR A CG2 1 
ATOM   240 N N   . ILE A 1 32 ? -3.185  -0.246  0.265   1.00 10.27 ? 32  ILE A N   1 
ATOM   241 C CA  . ILE A 1 32 ? -4.330  0.348   1.018   1.00 11.45 ? 32  ILE A CA  1 
ATOM   242 C C   . ILE A 1 32 ? -3.794  1.254   2.108   1.00 11.76 ? 32  ILE A C   1 
ATOM   243 O O   . ILE A 1 32 ? -2.968  0.822   2.940   1.00 11.94 ? 32  ILE A O   1 
ATOM   244 C CB  . ILE A 1 32 ? -5.194  -0.731  1.685   1.00 12.80 ? 32  ILE A CB  1 
ATOM   245 C CG1 . ILE A 1 32 ? -5.477  -1.931  0.779   1.00 15.72 ? 32  ILE A CG1 1 
ATOM   246 C CG2 . ILE A 1 32 ? -6.481  -0.105  2.219   1.00 13.91 ? 32  ILE A CG2 1 
ATOM   247 C CD1 . ILE A 1 32 ? -6.173  -3.084  1.497   1.00 17.70 ? 32  ILE A CD1 1 
ATOM   248 N N   . PHE A 1 33 ? -4.351  2.449   2.223   1.00 11.35 ? 33  PHE A N   1 
ATOM   249 C CA  . PHE A 1 33 ? -4.069  3.412   3.301   1.00 11.83 ? 33  PHE A CA  1 
ATOM   250 C C   . PHE A 1 33 ? -5.372  3.827   3.976   1.00 12.11 ? 33  PHE A C   1 
ATOM   251 O O   . PHE A 1 33 ? -6.425  3.922   3.302   1.00 13.82 ? 33  PHE A O   1 
ATOM   252 C CB  . PHE A 1 33 ? -3.432  4.698   2.768   1.00 12.26 ? 33  PHE A CB  1 
ATOM   253 C CG  . PHE A 1 33 ? -1.967  4.516   2.444   1.00 11.54 ? 33  PHE A CG  1 
ATOM   254 C CD1 . PHE A 1 33 ? -1.591  3.920   1.273   1.00 12.68 ? 33  PHE A CD1 1 
ATOM   255 C CD2 . PHE A 1 33 ? -0.963  4.874   3.338   1.00 11.49 ? 33  PHE A CD2 1 
ATOM   256 C CE1 . PHE A 1 33 ? -0.249  3.688   1.005   1.00 13.00 ? 33  PHE A CE1 1 
ATOM   257 C CE2 . PHE A 1 33 ? 0.376   4.640   3.071   1.00 11.77 ? 33  PHE A CE2 1 
ATOM   258 C CZ  . PHE A 1 33 ? 0.721   4.004   1.921   1.00 13.53 ? 33  PHE A CZ  1 
ATOM   259 N N   . GLU A 1 34 ? -5.298  4.061   5.262   1.00 12.99 ? 34  GLU A N   1 
ATOM   260 C CA  . GLU A 1 34 ? -6.374  4.829   5.977   1.00 18.93 ? 34  GLU A CA  1 
ATOM   261 C C   . GLU A 1 34 ? -5.911  6.284   6.108   1.00 23.63 ? 34  GLU A C   1 
ATOM   262 O O   . GLU A 1 34 ? -4.662  6.500   6.256   1.00 28.57 ? 34  GLU A O   1 
ATOM   263 C CB  . GLU A 1 34 ? -6.574  4.202   7.352   1.00 25.55 ? 34  GLU A CB  1 
ATOM   264 C CG  . GLU A 1 34 ? -5.346  4.372   8.227   1.00 30.68 ? 34  GLU A CG  1 
ATOM   265 C CD  . GLU A 1 34 ? -5.008  3.311   9.258   1.00 39.75 ? 34  GLU A CD  1 
ATOM   266 O OE1 . GLU A 1 34 ? -5.660  3.341   10.340  1.00 42.34 ? 34  GLU A OE1 1 
ATOM   267 O OE2 . GLU A 1 34 ? -4.048  2.489   8.996   1.00 35.26 ? 34  GLU A OE2 1 
ATOM   268 N N   . GLU A 1 35 ? -6.820  7.254   6.160   1.00 30.51 ? 35  GLU A N   1 
ATOM   269 C CA  . GLU A 1 35 ? -6.462  8.623   6.627   1.00 30.20 ? 35  GLU A CA  1 
ATOM   270 C C   . GLU A 1 35 ? -5.330  9.144   5.744   1.00 25.53 ? 35  GLU A C   1 
ATOM   271 O O   . GLU A 1 35 ? -4.254  9.498   6.309   1.00 26.21 ? 35  GLU A O   1 
ATOM   272 C CB  . GLU A 1 35 ? -5.961  8.619   8.078   1.00 39.12 ? 35  GLU A CB  1 
ATOM   273 C CG  . GLU A 1 35 ? -6.882  7.922   9.064   1.00 46.40 ? 35  GLU A CG  1 
ATOM   274 C CD  . GLU A 1 35 ? -6.347  7.808   10.487  1.00 55.84 ? 35  GLU A CD  1 
ATOM   275 O OE1 . GLU A 1 35 ? -5.215  8.294   10.756  1.00 62.49 ? 35  GLU A OE1 1 
ATOM   276 O OE2 . GLU A 1 35 ? -7.063  7.230   11.334  1.00 63.44 ? 35  GLU A OE2 1 
ATOM   277 N N   . ILE A 1 36 ? -5.524  9.092   4.426   1.00 21.46 ? 36  ILE A N   1 
ATOM   278 C CA  . ILE A 1 36 ? -4.819  9.988   3.468   1.00 17.33 ? 36  ILE A CA  1 
ATOM   279 C C   . ILE A 1 36 ? -5.892  10.702  2.672   1.00 19.80 ? 36  ILE A C   1 
ATOM   280 O O   . ILE A 1 36 ? -7.024  10.239  2.579   1.00 21.59 ? 36  ILE A O   1 
ATOM   281 C CB  . ILE A 1 36 ? -3.766  9.271   2.603   1.00 16.44 ? 36  ILE A CB  1 
ATOM   282 C CG1 . ILE A 1 36 ? -4.384  8.240   1.662   1.00 16.80 ? 36  ILE A CG1 1 
ATOM   283 C CG2 . ILE A 1 36 ? -2.678  8.666   3.498   1.00 17.70 ? 36  ILE A CG2 1 
ATOM   284 C CD1 . ILE A 1 36 ? -3.391  7.651   0.657   1.00 17.20 ? 36  ILE A CD1 1 
ATOM   285 N N   . ASN A 1 37 ? -5.501  11.810  2.100   1.00 19.03 ? 37  ASN A N   1 
ATOM   286 C CA  . ASN A 1 37 ? -6.439  12.689  1.363   1.00 19.42 ? 37  ASN A CA  1 
ATOM   287 C C   . ASN A 1 37 ? -5.885  12.830  -0.030  1.00 18.20 ? 37  ASN A C   1 
ATOM   288 O O   . ASN A 1 37 ? -4.959  13.635  -0.184  1.00 23.27 ? 37  ASN A O   1 
ATOM   289 C CB  . ASN A 1 37 ? -6.489  14.035  2.095   1.00 20.90 ? 37  ASN A CB  1 
ATOM   290 C CG  . ASN A 1 37 ? -6.699  13.843  3.571   1.00 25.70 ? 37  ASN A CG  1 
ATOM   291 O OD1 . ASN A 1 37 ? -5.759  13.673  4.368   1.00 31.09 ? 37  ASN A OD1 1 
ATOM   292 N ND2 . ASN A 1 37 ? -7.956  13.686  3.909   1.00 27.07 ? 37  ASN A ND2 1 
ATOM   293 N N   . LEU A 1 38 ? -6.332  12.059  -0.997  1.00 16.61 ? 38  LEU A N   1 
ATOM   294 C CA  . LEU A 1 38 ? -5.797  12.083  -2.368  1.00 15.85 ? 38  LEU A CA  1 
ATOM   295 C C   . LEU A 1 38 ? -6.693  12.939  -3.249  1.00 15.85 ? 38  LEU A C   1 
ATOM   296 O O   . LEU A 1 38 ? -7.882  13.037  -2.986  1.00 17.94 ? 38  LEU A O   1 
ATOM   297 C CB  . LEU A 1 38 ? -5.767  10.654  -2.904  1.00 16.04 ? 38  LEU A CB  1 
ATOM   298 C CG  . LEU A 1 38 ? -4.754  9.736   -2.230  1.00 15.51 ? 38  LEU A CG  1 
ATOM   299 C CD1 . LEU A 1 38 ? -4.801  8.347   -2.831  1.00 14.84 ? 38  LEU A CD1 1 
ATOM   300 C CD2 . LEU A 1 38 ? -3.352  10.314  -2.358  1.00 15.31 ? 38  LEU A CD2 1 
ATOM   301 N N   . PRO A 1 39 ? -6.113  13.571  -4.287  1.00 16.37 ? 39  PRO A N   1 
ATOM   302 C CA  . PRO A 1 39 ? -6.854  14.444  -5.198  1.00 17.67 ? 39  PRO A CA  1 
ATOM   303 C C   . PRO A 1 39 ? -7.571  13.662  -6.301  1.00 21.32 ? 39  PRO A C   1 
ATOM   304 O O   . PRO A 1 39 ? -7.066  12.607  -6.730  1.00 21.87 ? 39  PRO A O   1 
ATOM   305 C CB  . PRO A 1 39 ? -5.746  15.313  -5.794  1.00 18.42 ? 39  PRO A CB  1 
ATOM   306 C CG  . PRO A 1 39 ? -4.557  14.395  -5.845  1.00 18.79 ? 39  PRO A CG  1 
ATOM   307 C CD  . PRO A 1 39 ? -4.673  13.547  -4.598  1.00 18.34 ? 39  PRO A CD  1 
ATOM   308 N N   . GLY A 1 40 ? -8.701  14.205  -6.765  1.00 21.62 ? 40  GLY A N   1 
ATOM   309 C CA  . GLY A 1 40 ? -9.297  13.806  -8.048  1.00 23.64 ? 40  GLY A CA  1 
ATOM   310 C C   . GLY A 1 40 ? -10.363 12.744  -7.902  1.00 22.62 ? 40  GLY A C   1 
ATOM   311 O O   . GLY A 1 40 ? -10.861 12.510  -6.798  1.00 21.12 ? 40  GLY A O   1 
ATOM   312 N N   . ARG A 1 41 ? -10.693 12.131  -9.032  1.00 25.41 ? 41  ARG A N   1 
ATOM   313 C CA  . ARG A 1 41 ? -11.847 11.214  -9.127  1.00 24.59 ? 41  ARG A CA  1 
ATOM   314 C C   . ARG A 1 41 ? -11.432 9.853   -8.547  1.00 21.65 ? 41  ARG A C   1 
ATOM   315 O O   . ARG A 1 41 ? -10.240 9.510   -8.560  1.00 22.05 ? 41  ARG A O   1 
ATOM   316 C CB  . ARG A 1 41 ? -12.382 11.157  -10.562 1.00 30.67 ? 41  ARG A CB  1 
ATOM   317 C CG  . ARG A 1 41 ? -13.120 12.426  -10.967 1.00 36.46 ? 41  ARG A CG  1 
ATOM   318 C CD  . ARG A 1 41 ? -13.582 12.423  -12.408 1.00 43.18 ? 41  ARG A CD  1 
ATOM   319 N NE  . ARG A 1 41 ? -14.493 11.310  -12.640 1.00 51.56 ? 41  ARG A NE  1 
ATOM   320 C CZ  . ARG A 1 41 ? -15.811 11.327  -12.425 1.00 60.09 ? 41  ARG A CZ  1 
ATOM   321 N NH1 . ARG A 1 41 ? -16.413 12.420  -11.980 1.00 62.03 ? 41  ARG A NH1 1 
ATOM   322 N NH2 . ARG A 1 41 ? -16.526 10.240  -12.669 1.00 60.71 ? 41  ARG A NH2 1 
ATOM   323 N N   . TRP A 1 42 ? -12.423 9.147   -8.040  1.00 20.54 ? 42  TRP A N   1 
ATOM   324 C CA  . TRP A 1 42 ? -12.262 7.806   -7.445  1.00 20.62 ? 42  TRP A CA  1 
ATOM   325 C C   . TRP A 1 42 ? -13.518 6.992   -7.710  1.00 23.58 ? 42  TRP A C   1 
ATOM   326 O O   . TRP A 1 42 ? -14.546 7.598   -8.118  1.00 22.56 ? 42  TRP A O   1 
ATOM   327 C CB  . TRP A 1 42 ? -11.955 7.942   -5.961  1.00 21.05 ? 42  TRP A CB  1 
ATOM   328 C CG  . TRP A 1 42 ? -12.985 8.712   -5.210  1.00 24.16 ? 42  TRP A CG  1 
ATOM   329 C CD1 . TRP A 1 42 ? -12.999 10.063  -5.001  1.00 26.41 ? 42  TRP A CD1 1 
ATOM   330 C CD2 . TRP A 1 42 ? -14.181 8.194   -4.609  1.00 24.67 ? 42  TRP A CD2 1 
ATOM   331 N NE1 . TRP A 1 42 ? -14.111 10.412  -4.287  1.00 28.76 ? 42  TRP A NE1 1 
ATOM   332 C CE2 . TRP A 1 42 ? -14.852 9.289   -4.033  1.00 26.07 ? 42  TRP A CE2 1 
ATOM   333 C CE3 . TRP A 1 42 ? -14.731 6.913   -4.490  1.00 27.08 ? 42  TRP A CE3 1 
ATOM   334 C CZ2 . TRP A 1 42 ? -16.058 9.142   -3.355  1.00 29.37 ? 42  TRP A CZ2 1 
ATOM   335 C CZ3 . TRP A 1 42 ? -15.922 6.768   -3.818  1.00 30.15 ? 42  TRP A CZ3 1 
ATOM   336 C CH2 . TRP A 1 42 ? -16.567 7.868   -3.246  1.00 29.83 ? 42  TRP A CH2 1 
ATOM   337 N N   . LYS A 1 43 ? -13.400 5.676   -7.557  1.00 21.25 ? 43  LYS A N   1 
ATOM   338 C CA  . LYS A 1 43 ? -14.494 4.701   -7.786  1.00 23.30 ? 43  LYS A CA  1 
ATOM   339 C C   . LYS A 1 43 ? -14.638 3.881   -6.516  1.00 22.75 ? 43  LYS A C   1 
ATOM   340 O O   . LYS A 1 43 ? -13.617 3.530   -5.904  1.00 20.79 ? 43  LYS A O   1 
ATOM   341 C CB  . LYS A 1 43 ? -14.114 3.808   -8.967  1.00 27.61 ? 43  LYS A CB  1 
ATOM   342 C CG  . LYS A 1 43 ? -13.951 4.560   -10.277 1.00 32.17 ? 43  LYS A CG  1 
ATOM   343 C CD  . LYS A 1 43 ? -13.165 3.815   -11.351 1.00 37.42 ? 43  LYS A CD  1 
ATOM   344 C CE  . LYS A 1 43 ? -12.924 4.670   -12.585 1.00 42.85 ? 43  LYS A CE  1 
ATOM   345 N NZ  . LYS A 1 43 ? -12.074 3.975   -13.585 1.00 44.58 ? 43  LYS A NZ  1 
ATOM   346 N N   . PRO A 1 44 ? -15.861 3.627   -6.013  1.00 21.13 ? 44  PRO A N   1 
ATOM   347 C CA  . PRO A 1 44 ? -16.055 2.821   -4.816  1.00 23.17 ? 44  PRO A CA  1 
ATOM   348 C C   . PRO A 1 44 ? -15.749 1.374   -5.205  1.00 25.40 ? 44  PRO A C   1 
ATOM   349 O O   . PRO A 1 44 ? -15.950 1.026   -6.335  1.00 27.30 ? 44  PRO A O   1 
ATOM   350 C CB  . PRO A 1 44 ? -17.520 3.066   -4.437  1.00 26.96 ? 44  PRO A CB  1 
ATOM   351 C CG  . PRO A 1 44 ? -18.167 3.329   -5.775  1.00 26.79 ? 44  PRO A CG  1 
ATOM   352 C CD  . PRO A 1 44 ? -17.150 4.152   -6.528  1.00 24.05 ? 44  PRO A CD  1 
ATOM   353 N N   . LYS A 1 45 ? -15.156 0.621   -4.282  1.00 22.43 ? 45  LYS A N   1 
ATOM   354 C CA  . LYS A 1 45 ? -14.752 -0.786  -4.479  1.00 24.14 ? 45  LYS A CA  1 
ATOM   355 C C   . LYS A 1 45 ? -14.967 -1.512  -3.151  1.00 22.58 ? 45  LYS A C   1 
ATOM   356 O O   . LYS A 1 45 ? -14.783 -0.890  -2.092  1.00 20.14 ? 45  LYS A O   1 
ATOM   357 C CB  . LYS A 1 45 ? -13.291 -0.820  -4.923  1.00 27.17 ? 45  LYS A CB  1 
ATOM   358 C CG  . LYS A 1 45 ? -12.812 -2.085  -5.617  1.00 34.14 ? 45  LYS A CG  1 
ATOM   359 C CD  . LYS A 1 45 ? -11.288 -2.198  -5.609  1.00 37.56 ? 45  LYS A CD  1 
ATOM   360 C CE  . LYS A 1 45 ? -10.736 -3.195  -6.610  1.00 39.43 ? 45  LYS A CE  1 
ATOM   361 N NZ  . LYS A 1 45 ? -9.407  -3.705  -6.192  1.00 40.57 ? 45  LYS A NZ  1 
ATOM   362 N N   . LEU A 1 46 ? -15.436 -2.760  -3.196  1.00 20.98 ? 46  LEU A N   1 
ATOM   363 C CA  . LEU A 1 46 ? -15.493 -3.647  -2.007  1.00 20.57 ? 46  LEU A CA  1 
ATOM   364 C C   . LEU A 1 46 ? -14.336 -4.621  -2.133  1.00 19.34 ? 46  LEU A C   1 
ATOM   365 O O   . LEU A 1 46 ? -14.223 -5.295  -3.169  1.00 22.35 ? 46  LEU A O   1 
ATOM   366 C CB  . LEU A 1 46 ? -16.829 -4.418  -1.898  1.00 22.26 ? 46  LEU A CB  1 
ATOM   367 C CG  . LEU A 1 46 ? -18.090 -3.602  -1.580  1.00 24.21 ? 46  LEU A CG  1 
ATOM   368 C CD1 . LEU A 1 46 ? -19.289 -4.524  -1.327  1.00 27.06 ? 46  LEU A CD1 1 
ATOM   369 C CD2 . LEU A 1 46 ? -17.890 -2.695  -0.366  1.00 28.13 ? 46  LEU A CD2 1 
ATOM   370 N N   . ILE A 1 47 ? -13.519 -4.767  -1.094  1.00 18.12 ? 47  ILE A N   1 
ATOM   371 C CA  . ILE A 1 47 ? -12.414 -5.750  -1.089  1.00 17.39 ? 47  ILE A CA  1 
ATOM   372 C C   . ILE A 1 47 ? -12.564 -6.714  0.099   1.00 16.80 ? 47  ILE A C   1 
ATOM   373 O O   . ILE A 1 47 ? -13.148 -6.322  1.103   1.00 19.04 ? 47  ILE A O   1 
ATOM   374 C CB  . ILE A 1 47 ? -11.047 -5.053  -1.118  1.00 18.73 ? 47  ILE A CB  1 
ATOM   375 C CG1 . ILE A 1 47 ? -10.834 -4.215  0.139   1.00 17.77 ? 47  ILE A CG1 1 
ATOM   376 C CG2 . ILE A 1 47 ? -10.952 -4.214  -2.384  1.00 19.23 ? 47  ILE A CG2 1 
ATOM   377 C CD1 . ILE A 1 47 ? -9.427  -3.685  0.287   1.00 19.95 ? 47  ILE A CD1 1 
ATOM   378 N N   . GLY A 1 48 ? -12.017 -7.897  -0.049  1.00 16.72 ? 48  GLY A N   1 
ATOM   379 C CA  . GLY A 1 48 ? -12.135 -9.002  0.925   1.00 17.03 ? 48  GLY A CA  1 
ATOM   380 C C   . GLY A 1 48 ? -10.833 -9.261  1.640   1.00 16.24 ? 48  GLY A C   1 
ATOM   381 O O   . GLY A 1 48 ? -9.781  -9.249  1.021   1.00 16.99 ? 48  GLY A O   1 
ATOM   382 N N   . GLY A 1 49 ? -10.934 -9.565  2.922   1.00 17.54 ? 49  GLY A N   1 
ATOM   383 C CA  . GLY A 1 49 ? -9.795  -9.993  3.743   1.00 17.67 ? 49  GLY A CA  1 
ATOM   384 C C   . GLY A 1 49 ? -10.246 -10.929 4.829   1.00 17.62 ? 49  GLY A C   1 
ATOM   385 O O   . GLY A 1 49 ? -11.372 -11.458 4.748   1.00 18.59 ? 49  GLY A O   1 
ATOM   386 N N   . ILE A 1 50 ? -9.431  -11.122 5.847   1.00 18.65 ? 50  ILE A N   1 
ATOM   387 C CA  . ILE A 1 50 ? -9.904  -12.066 6.877   1.00 20.12 ? 50  ILE A CA  1 
ATOM   388 C C   . ILE A 1 50 ? -10.903 -11.249 7.685   1.00 22.77 ? 50  ILE A C   1 
ATOM   389 O O   . ILE A 1 50 ? -10.708 -9.998  7.931   1.00 23.80 ? 50  ILE A O   1 
ATOM   390 C CB  . ILE A 1 50 ? -8.852  -12.706 7.771   1.00 23.43 ? 50  ILE A CB  1 
ATOM   391 C CG1 . ILE A 1 50 ? -8.317  -11.654 8.705   1.00 22.53 ? 50  ILE A CG1 1 
ATOM   392 C CG2 . ILE A 1 50 ? -7.729  -13.434 7.050   1.00 21.04 ? 50  ILE A CG2 1 
ATOM   393 C CD1 . ILE A 1 50 ? -7.794  -12.235 9.956   1.00 24.44 ? 50  ILE A CD1 1 
ATOM   394 N N   . GLY A 1 51 ? -11.942 -11.925 8.075   1.00 23.94 ? 51  GLY A N   1 
ATOM   395 C CA  . GLY A 1 51 ? -13.015 -11.192 8.780   1.00 24.44 ? 51  GLY A CA  1 
ATOM   396 C C   . GLY A 1 51 ? -14.039 -10.500 7.870   1.00 23.14 ? 51  GLY A C   1 
ATOM   397 O O   . GLY A 1 51 ? -15.002 -9.943  8.439   1.00 25.36 ? 51  GLY A O   1 
ATOM   398 N N   . GLY A 1 52 ? -13.905 -10.523 6.540   1.00 19.25 ? 52  GLY A N   1 
ATOM   399 C CA  . GLY A 1 52 ? -15.002 -10.195 5.615   1.00 20.02 ? 52  GLY A CA  1 
ATOM   400 C C   . GLY A 1 52 ? -14.568 -9.157  4.603   1.00 19.74 ? 52  GLY A C   1 
ATOM   401 O O   . GLY A 1 52 ? -13.497 -9.299  4.040   1.00 24.08 ? 52  GLY A O   1 
ATOM   402 N N   A PHE A 1 53 ? -15.421 -8.150  4.390   0.48 17.08 ? 53  PHE A N   1 
ATOM   403 N N   B PHE A 1 53 ? -15.381 -8.173  4.348   0.52 17.64 ? 53  PHE A N   1 
ATOM   404 C CA  A PHE A 1 53 ? -15.315 -7.170  3.267   0.48 18.09 ? 53  PHE A CA  1 
ATOM   405 C CA  B PHE A 1 53 ? -15.025 -7.218  3.280   0.52 19.47 ? 53  PHE A CA  1 
ATOM   406 C C   A PHE A 1 53 ? -15.319 -5.715  3.773   0.48 18.38 ? 53  PHE A C   1 
ATOM   407 C C   B PHE A 1 53 ? -14.919 -5.841  3.912   0.52 18.67 ? 53  PHE A C   1 
ATOM   408 O O   A PHE A 1 53 ? -16.053 -5.362  4.726   0.48 17.23 ? 53  PHE A O   1 
ATOM   409 O O   B PHE A 1 53 ? -15.217 -5.696  5.089   0.52 16.07 ? 53  PHE A O   1 
ATOM   410 C CB  A PHE A 1 53 ? -16.383 -7.436  2.202   0.48 17.45 ? 53  PHE A CB  1 
ATOM   411 C CB  B PHE A 1 53 ? -16.047 -7.278  2.150   0.52 20.35 ? 53  PHE A CB  1 
ATOM   412 C CG  A PHE A 1 53 ? -16.126 -8.667  1.357   0.48 17.12 ? 53  PHE A CG  1 
ATOM   413 C CG  B PHE A 1 53 ? -17.375 -6.774  2.622   0.52 21.16 ? 53  PHE A CG  1 
ATOM   414 C CD1 A PHE A 1 53 ? -16.492 -9.924  1.817   0.48 15.66 ? 53  PHE A CD1 1 
ATOM   415 C CD1 B PHE A 1 53 ? -18.231 -7.623  3.297   0.52 24.65 ? 53  PHE A CD1 1 
ATOM   416 C CD2 A PHE A 1 53 ? -15.449 -8.597  0.137   0.48 17.33 ? 53  PHE A CD2 1 
ATOM   417 C CD2 B PHE A 1 53 ? -17.706 -5.435  2.514   0.52 25.06 ? 53  PHE A CD2 1 
ATOM   418 C CE1 A PHE A 1 53 ? -16.248 -11.059 1.056   0.48 17.56 ? 53  PHE A CE1 1 
ATOM   419 C CE1 B PHE A 1 53 ? -19.426 -7.154  3.804   0.52 25.14 ? 53  PHE A CE1 1 
ATOM   420 C CE2 A PHE A 1 53 ? -15.181 -9.745  -0.600  0.48 16.68 ? 53  PHE A CE2 1 
ATOM   421 C CE2 B PHE A 1 53 ? -18.905 -4.965  3.023   0.52 26.34 ? 53  PHE A CE2 1 
ATOM   422 C CZ  A PHE A 1 53 ? -15.588 -10.970 -0.134  0.48 16.38 ? 53  PHE A CZ  1 
ATOM   423 C CZ  B PHE A 1 53 ? -19.761 -5.827  3.667   0.52 27.25 ? 53  PHE A CZ  1 
ATOM   424 N N   . MET A 1 54 ? -14.525 -4.880  3.083   1.00 20.74 ? 54  MET A N   1 
ATOM   425 C CA  . MET A 1 54 ? -14.272 -3.461  3.441   1.00 21.01 ? 54  MET A CA  1 
ATOM   426 C C   . MET A 1 54 ? -14.602 -2.635  2.193   1.00 19.80 ? 54  MET A C   1 
ATOM   427 O O   . MET A 1 54 ? -14.113 -3.009  1.093   1.00 19.27 ? 54  MET A O   1 
ATOM   428 C CB  . MET A 1 54 ? -12.796 -3.275  3.829   1.00 22.44 ? 54  MET A CB  1 
ATOM   429 C CG  . MET A 1 54 ? -12.531 -1.939  4.484   1.00 24.12 ? 54  MET A CG  1 
ATOM   430 S SD  . MET A 1 54 ? -10.845 -1.805  5.102   1.00 23.76 ? 54  MET A SD  1 
ATOM   431 C CE  . MET A 1 54 ? -9.871  -1.696  3.614   1.00 24.33 ? 54  MET A CE  1 
ATOM   432 N N   . LYS A 1 55 ? -15.349 -1.551  2.356   1.00 20.12 ? 55  LYS A N   1 
ATOM   433 C CA  . LYS A 1 55 ? -15.554 -0.536  1.302   1.00 21.83 ? 55  LYS A CA  1 
ATOM   434 C C   . LYS A 1 55 ? -14.335 0.399   1.281   1.00 18.09 ? 55  LYS A C   1 
ATOM   435 O O   . LYS A 1 55 ? -13.914 0.893   2.348   1.00 21.10 ? 55  LYS A O   1 
ATOM   436 C CB  . LYS A 1 55 ? -16.844 0.253   1.511   1.00 26.87 ? 55  LYS A CB  1 
ATOM   437 C CG  . LYS A 1 55 ? -17.381 0.878   0.231   1.00 35.28 ? 55  LYS A CG  1 
ATOM   438 C CD  . LYS A 1 55 ? -18.823 1.361   0.324   1.00 40.75 ? 55  LYS A CD  1 
ATOM   439 C CE  . LYS A 1 55 ? -19.269 2.066   -0.942  1.00 45.55 ? 55  LYS A CE  1 
ATOM   440 N NZ  . LYS A 1 55 ? -18.533 3.337   -1.150  1.00 48.64 ? 55  LYS A NZ  1 
ATOM   441 N N   . VAL A 1 56 ? -13.800 0.625   0.097   1.00 15.73 ? 56  VAL A N   1 
ATOM   442 C CA  . VAL A 1 56 ? -12.662 1.572   -0.119  1.00 16.03 ? 56  VAL A CA  1 
ATOM   443 C C   . VAL A 1 56 ? -12.982 2.541   -1.247  1.00 15.53 ? 56  VAL A C   1 
ATOM   444 O O   . VAL A 1 56 ? -13.864 2.251   -2.093  1.00 17.25 ? 56  VAL A O   1 
ATOM   445 C CB  . VAL A 1 56 ? -11.356 0.830   -0.393  1.00 17.54 ? 56  VAL A CB  1 
ATOM   446 C CG1 . VAL A 1 56 ? -10.970 -0.085  0.761   1.00 19.14 ? 56  VAL A CG1 1 
ATOM   447 C CG2 . VAL A 1 56 ? -11.439 0.075   -1.682  1.00 17.82 ? 56  VAL A CG2 1 
ATOM   448 N N   . ARG A 1 57 ? -12.250 3.651   -1.323  1.00 15.59 ? 57  ARG A N   1 
ATOM   449 C CA  . ARG A 1 57 ? -12.153 4.482   -2.548  1.00 15.24 ? 57  ARG A CA  1 
ATOM   450 C C   . ARG A 1 57 ? -10.945 4.024   -3.380  1.00 15.19 ? 57  ARG A C   1 
ATOM   451 O O   . ARG A 1 57 ? -9.816  3.948   -2.830  1.00 15.32 ? 57  ARG A O   1 
ATOM   452 C CB  . ARG A 1 57 ? -11.954 5.960   -2.199  1.00 17.65 ? 57  ARG A CB  1 
ATOM   453 C CG  . ARG A 1 57 ? -12.984 6.519   -1.252  1.00 22.23 ? 57  ARG A CG  1 
ATOM   454 C CD  . ARG A 1 57 ? -12.705 8.013   -1.236  1.00 23.85 ? 57  ARG A CD  1 
ATOM   455 N NE  . ARG A 1 57 ? -13.708 8.697   -0.475  1.00 28.95 ? 57  ARG A NE  1 
ATOM   456 C CZ  . ARG A 1 57 ? -13.742 10.009  -0.316  1.00 32.19 ? 57  ARG A CZ  1 
ATOM   457 N NH1 . ARG A 1 57 ? -12.820 10.769  -0.889  1.00 31.66 ? 57  ARG A NH1 1 
ATOM   458 N NH2 . ARG A 1 57 ? -14.702 10.550  0.409   1.00 34.68 ? 57  ARG A NH2 1 
ATOM   459 N N   . GLN A 1 58 ? -11.098 3.805   -4.671  1.00 14.53 ? 58  GLN A N   1 
ATOM   460 C CA  . GLN A 1 58 ? -10.014 3.441   -5.569  1.00 14.82 ? 58  GLN A CA  1 
ATOM   461 C C   . GLN A 1 58 ? -9.532  4.666   -6.341  1.00 14.91 ? 58  GLN A C   1 
ATOM   462 O O   . GLN A 1 58 ? -10.332 5.262   -7.144  1.00 16.17 ? 58  GLN A O   1 
ATOM   463 C CB  . GLN A 1 58 ? -10.427 2.353   -6.556  1.00 15.17 ? 58  GLN A CB  1 
ATOM   464 C CG  . GLN A 1 58 ? -9.329  2.025   -7.525  1.00 17.97 ? 58  GLN A CG  1 
ATOM   465 C CD  . GLN A 1 58 ? -9.696  0.923   -8.476  1.00 19.62 ? 58  GLN A CD  1 
ATOM   466 O OE1 . GLN A 1 58 ? -10.523 0.076   -8.132  1.00 22.90 ? 58  GLN A OE1 1 
ATOM   467 N NE2 . GLN A 1 58 ? -9.031  0.892   -9.628  1.00 19.92 ? 58  GLN A NE2 1 
ATOM   468 N N   . TYR A 1 59 ? -8.278  5.062   -6.129  1.00 13.74 ? 59  TYR A N   1 
ATOM   469 C CA  . TYR A 1 59 ? -7.585  6.139   -6.882  1.00 14.33 ? 59  TYR A CA  1 
ATOM   470 C C   . TYR A 1 59 ? -6.551  5.524   -7.805  1.00 15.13 ? 59  TYR A C   1 
ATOM   471 O O   . TYR A 1 59 ? -5.727  4.695   -7.346  1.00 16.19 ? 59  TYR A O   1 
ATOM   472 C CB  . TYR A 1 59 ? -6.937  7.104   -5.887  1.00 14.34 ? 59  TYR A CB  1 
ATOM   473 C CG  . TYR A 1 59 ? -7.858  7.927   -5.031  1.00 13.86 ? 59  TYR A CG  1 
ATOM   474 C CD1 . TYR A 1 59 ? -8.389  7.459   -3.850  1.00 14.64 ? 59  TYR A CD1 1 
ATOM   475 C CD2 . TYR A 1 59 ? -8.257  9.197   -5.453  1.00 15.25 ? 59  TYR A CD2 1 
ATOM   476 C CE1 . TYR A 1 59 ? -9.213  8.254   -3.061  1.00 15.34 ? 59  TYR A CE1 1 
ATOM   477 C CE2 . TYR A 1 59 ? -9.081  9.994   -4.684  1.00 17.33 ? 59  TYR A CE2 1 
ATOM   478 C CZ  . TYR A 1 59 ? -9.589  9.519   -3.504  1.00 17.06 ? 59  TYR A CZ  1 
ATOM   479 O OH  . TYR A 1 59 ? -10.409 10.281  -2.723  1.00 20.04 ? 59  TYR A OH  1 
ATOM   480 N N   . ASP A 1 60 ? -6.499  5.905   -9.075  1.00 15.99 ? 60  ASP A N   1 
ATOM   481 C CA  . ASP A 1 60 ? -5.566  5.351   -10.068 1.00 16.10 ? 60  ASP A CA  1 
ATOM   482 C C   . ASP A 1 60 ? -4.427  6.321   -10.368 1.00 15.65 ? 60  ASP A C   1 
ATOM   483 O O   . ASP A 1 60 ? -4.607  7.552   -10.129 1.00 17.93 ? 60  ASP A O   1 
ATOM   484 C CB  . ASP A 1 60 ? -6.307  4.952   -11.341 1.00 19.00 ? 60  ASP A CB  1 
ATOM   485 C CG  . ASP A 1 60 ? -7.295  3.838   -11.079 1.00 21.29 ? 60  ASP A CG  1 
ATOM   486 O OD1 . ASP A 1 60 ? -6.978  2.918   -10.294 1.00 20.77 ? 60  ASP A OD1 1 
ATOM   487 O OD2 . ASP A 1 60 ? -8.388  3.902   -11.663 1.00 25.90 ? 60  ASP A OD2 1 
ATOM   488 N N   . GLN A 1 61 ? -3.305  5.786   -10.804 1.00 16.28 ? 61  GLN A N   1 
ATOM   489 C CA  . GLN A 1 61 ? -2.124  6.528   -11.270 1.00 16.72 ? 61  GLN A CA  1 
ATOM   490 C C   . GLN A 1 61 ? -1.669  7.547   -10.206 1.00 15.80 ? 61  GLN A C   1 
ATOM   491 O O   . GLN A 1 61 ? -1.320  8.709   -10.532 1.00 16.88 ? 61  GLN A O   1 
ATOM   492 C CB  . GLN A 1 61 ? -2.453  7.175   -12.616 1.00 20.39 ? 61  GLN A CB  1 
ATOM   493 C CG  . GLN A 1 61 ? -1.235  7.688   -13.383 1.00 25.54 ? 61  GLN A CG  1 
ATOM   494 C CD  . GLN A 1 61 ? -0.423  6.636   -14.115 1.00 30.88 ? 61  GLN A CD  1 
ATOM   495 O OE1 . GLN A 1 61 ? -0.608  5.428   -13.948 1.00 36.93 ? 61  GLN A OE1 1 
ATOM   496 N NE2 . GLN A 1 61 ? 0.506   7.089   -14.943 1.00 29.63 ? 61  GLN A NE2 1 
ATOM   497 N N   . ILE A 1 62 ? -1.560  7.100   -8.964  1.00 14.29 ? 62  ILE A N   1 
ATOM   498 C CA  . ILE A 1 62 ? -1.067  7.919   -7.812  1.00 13.09 ? 62  ILE A CA  1 
ATOM   499 C C   . ILE A 1 62 ? 0.426   7.703   -7.638  1.00 12.86 ? 62  ILE A C   1 
ATOM   500 O O   . ILE A 1 62 ? 0.869   6.564   -7.363  1.00 12.00 ? 62  ILE A O   1 
ATOM   501 C CB  . ILE A 1 62 ? -1.820  7.503   -6.549  1.00 12.19 ? 62  ILE A CB  1 
ATOM   502 C CG1 . ILE A 1 62 ? -3.333  7.707   -6.707  1.00 14.14 ? 62  ILE A CG1 1 
ATOM   503 C CG2 . ILE A 1 62 ? -1.245  8.230   -5.349  1.00 12.83 ? 62  ILE A CG2 1 
ATOM   504 C CD1 . ILE A 1 62 ? -3.740  9.159   -6.976  1.00 15.13 ? 62  ILE A CD1 1 
ATOM   505 N N   . PRO A 1 63 ? 1.270   8.758   -7.697  1.00 11.83 ? 63  PRO A N   1 
ATOM   506 C CA  . PRO A 1 63 ? 2.659   8.641   -7.332  1.00 12.31 ? 63  PRO A CA  1 
ATOM   507 C C   . PRO A 1 63 ? 2.878   8.335   -5.843  1.00 10.93 ? 63  PRO A C   1 
ATOM   508 O O   . PRO A 1 63 ? 2.161   8.851   -4.980  1.00 12.19 ? 63  PRO A O   1 
ATOM   509 C CB  . PRO A 1 63 ? 3.289   10.014  -7.640  1.00 12.74 ? 63  PRO A CB  1 
ATOM   510 C CG  . PRO A 1 63 ? 2.333   10.599  -8.647  1.00 14.04 ? 63  PRO A CG  1 
ATOM   511 C CD  . PRO A 1 63 ? 0.967   10.114  -8.223  1.00 12.92 ? 63  PRO A CD  1 
ATOM   512 N N   . ILE A 1 64 ? 3.870   7.502   -5.582  1.00 11.01 ? 64  ILE A N   1 
ATOM   513 C CA  . ILE A 1 64 ? 4.221   7.142   -4.178  1.00 11.35 ? 64  ILE A CA  1 
ATOM   514 C C   . ILE A 1 64 ? 5.731   6.959   -4.111  1.00 12.01 ? 64  ILE A C   1 
ATOM   515 O O   . ILE A 1 64 ? 6.374   6.534   -5.089  1.00 12.73 ? 64  ILE A O   1 
ATOM   516 C CB  . ILE A 1 64 ? 3.444   5.885   -3.743  1.00 12.38 ? 64  ILE A CB  1 
ATOM   517 C CG1 . ILE A 1 64 ? 3.588   5.610   -2.260  1.00 12.59 ? 64  ILE A CG1 1 
ATOM   518 C CG2 . ILE A 1 64 ? 3.851   4.671   -4.568  1.00 13.24 ? 64  ILE A CG2 1 
ATOM   519 C CD1 . ILE A 1 64 ? 2.617   4.573   -1.739  1.00 13.29 ? 64  ILE A CD1 1 
ATOM   520 N N   . GLU A 1 65 ? 6.321   7.267   -2.966  1.00 12.10 ? 65  GLU A N   1 
ATOM   521 C CA  . GLU A 1 65 ? 7.730   7.019   -2.663  1.00 12.36 ? 65  GLU A CA  1 
ATOM   522 C C   . GLU A 1 65 ? 7.775   6.025   -1.519  1.00 12.96 ? 65  GLU A C   1 
ATOM   523 O O   . GLU A 1 65 ? 7.157   6.254   -0.480  1.00 13.05 ? 65  GLU A O   1 
ATOM   524 C CB  . GLU A 1 65 ? 8.410   8.312   -2.226  1.00 15.47 ? 65  GLU A CB  1 
ATOM   525 C CG  . GLU A 1 65 ? 9.820   8.147   -1.686  1.00 21.70 ? 65  GLU A CG  1 
ATOM   526 C CD  . GLU A 1 65 ? 10.192  9.430   -0.932  1.00 25.97 ? 65  GLU A CD  1 
ATOM   527 O OE1 . GLU A 1 65 ? 10.100  9.507   0.382   1.00 23.17 ? 65  GLU A OE1 1 
ATOM   528 O OE2 . GLU A 1 65 ? 10.359  10.435  -1.673  1.00 32.51 ? 65  GLU A OE2 1 
ATOM   529 N N   . ILE A 1 66 ? 8.439   4.904   -1.751  1.00 13.29 ? 66  ILE A N   1 
ATOM   530 C CA  . ILE A 1 66 ? 8.419   3.774   -0.782  1.00 13.42 ? 66  ILE A CA  1 
ATOM   531 C C   . ILE A 1 66 ? 9.856   3.565   -0.346  1.00 13.55 ? 66  ILE A C   1 
ATOM   532 O O   . ILE A 1 66 ? 10.655  3.101   -1.197  1.00 13.62 ? 66  ILE A O   1 
ATOM   533 C CB  . ILE A 1 66 ? 7.853   2.488   -1.413  1.00 12.75 ? 66  ILE A CB  1 
ATOM   534 C CG1 . ILE A 1 66 ? 6.415   2.704   -1.867  1.00 14.26 ? 66  ILE A CG1 1 
ATOM   535 C CG2 . ILE A 1 66 ? 7.995   1.312   -0.433  1.00 13.56 ? 66  ILE A CG2 1 
ATOM   536 C CD1 . ILE A 1 66 ? 5.944   1.759   -2.939  1.00 14.62 ? 66  ILE A CD1 1 
ATOM   537 N N   . CYS A 1 67 ? 10.223  3.921   0.888   1.00 14.53 ? 67  CYS A N   1 
ATOM   538 C CA  . CYS A 1 67 ? 11.621  3.823   1.389   1.00 17.23 ? 67  CYS A CA  1 
ATOM   539 C C   . CYS A 1 67 ? 12.552  4.421   0.327   1.00 18.29 ? 67  CYS A C   1 
ATOM   540 O O   . CYS A 1 67 ? 13.509  3.712   -0.060  1.00 20.65 ? 67  CYS A O   1 
ATOM   541 C CB  . CYS A 1 67 ? 11.939  2.357   1.711   1.00 18.56 ? 67  CYS A CB  1 
ATOM   542 S SG  . CYS A 1 67 ? 13.407  2.128   2.742   1.00 25.89 ? 67  CYS A SG  1 
ATOM   543 N N   . GLY A 1 68 ? 12.220  5.591   -0.233  1.00 17.60 ? 68  GLY A N   1 
ATOM   544 C CA  . GLY A 1 68 ? 13.083  6.306   -1.180  1.00 17.75 ? 68  GLY A CA  1 
ATOM   545 C C   . GLY A 1 68 ? 12.961  5.823   -2.609  1.00 19.52 ? 68  GLY A C   1 
ATOM   546 O O   . GLY A 1 68 ? 13.637  6.424   -3.449  1.00 24.40 ? 68  GLY A O   1 
ATOM   547 N N   . HIS A 1 69 ? 12.136  4.833   -2.953  1.00 15.87 ? 69  HIS A N   1 
ATOM   548 C CA  . HIS A 1 69 ? 11.953  4.365   -4.344  1.00 16.56 ? 69  HIS A CA  1 
ATOM   549 C C   . HIS A 1 69 ? 10.644  4.906   -4.935  1.00 15.70 ? 69  HIS A C   1 
ATOM   550 O O   . HIS A 1 69 ? 9.588   4.796   -4.282  1.00 15.61 ? 69  HIS A O   1 
ATOM   551 C CB  . HIS A 1 69 ? 11.964  2.829   -4.364  1.00 15.93 ? 69  HIS A CB  1 
ATOM   552 C CG  . HIS A 1 69 ? 13.288  2.250   -4.000  1.00 18.30 ? 69  HIS A CG  1 
ATOM   553 N ND1 . HIS A 1 69 ? 14.038  1.513   -4.893  1.00 22.02 ? 69  HIS A ND1 1 
ATOM   554 C CD2 . HIS A 1 69 ? 13.961  2.225   -2.843  1.00 18.85 ? 69  HIS A CD2 1 
ATOM   555 C CE1 . HIS A 1 69 ? 15.136  1.107   -4.303  1.00 22.26 ? 69  HIS A CE1 1 
ATOM   556 N NE2 . HIS A 1 69 ? 15.113  1.495   -3.056  1.00 20.99 ? 69  HIS A NE2 1 
ATOM   557 N N   . GLN A 1 70 ? 10.657  5.362   -6.178  1.00 14.53 ? 70  GLN A N   1 
ATOM   558 C CA  . GLN A 1 70 ? 9.463   5.932   -6.854  1.00 14.55 ? 70  GLN A CA  1 
ATOM   559 C C   . GLN A 1 70 ? 8.629   4.883   -7.579  1.00 13.88 ? 70  GLN A C   1 
ATOM   560 O O   . GLN A 1 70 ? 9.185   3.993   -8.249  1.00 15.51 ? 70  GLN A O   1 
ATOM   561 C CB  . GLN A 1 70 ? 9.884   6.989   -7.880  1.00 16.49 ? 70  GLN A CB  1 
ATOM   562 C CG  . GLN A 1 70 ? 10.632  8.159   -7.244  1.00 18.67 ? 70  GLN A CG  1 
ATOM   563 C CD  . GLN A 1 70 ? 9.771   9.057   -6.401  1.00 22.10 ? 70  GLN A CD  1 
ATOM   564 O OE1 . GLN A 1 70 ? 8.573   9.199   -6.643  1.00 24.97 ? 70  GLN A OE1 1 
ATOM   565 N NE2 . GLN A 1 70 ? 10.373  9.712   -5.420  1.00 26.28 ? 70  GLN A NE2 1 
ATOM   566 N N   . ALA A 1 71 ? 7.331   4.987   -7.442  1.00 12.67 ? 71  ALA A N   1 
ATOM   567 C CA  . ALA A 1 71 ? 6.356   4.124   -8.116  1.00 13.04 ? 71  ALA A CA  1 
ATOM   568 C C   . ALA A 1 71 ? 5.120   4.960   -8.430  1.00 12.59 ? 71  ALA A C   1 
ATOM   569 O O   . ALA A 1 71 ? 4.954   6.086   -7.901  1.00 12.14 ? 71  ALA A O   1 
ATOM   570 C CB  . ALA A 1 71 ? 6.016   2.924   -7.263  1.00 13.66 ? 71  ALA A CB  1 
ATOM   571 N N   . ILE A 1 72 ? 4.268   4.431   -9.309  1.00 12.43 ? 72  ILE A N   1 
ATOM   572 C CA  . ILE A 1 72 ? 2.959   5.027   -9.580  1.00 12.68 ? 72  ILE A CA  1 
ATOM   573 C C   . ILE A 1 72 ? 1.935   3.911   -9.760  1.00 11.70 ? 72  ILE A C   1 
ATOM   574 O O   . ILE A 1 72 ? 2.258   2.916   -10.431 1.00 13.52 ? 72  ILE A O   1 
ATOM   575 C CB  . ILE A 1 72 ? 3.022   5.910   -10.840 1.00 15.48 ? 72  ILE A CB  1 
ATOM   576 C CG1 . ILE A 1 72 ? 1.779   6.750   -11.070 1.00 17.73 ? 72  ILE A CG1 1 
ATOM   577 C CG2 . ILE A 1 72 ? 3.369   5.100   -12.058 1.00 18.82 ? 72  ILE A CG2 1 
ATOM   578 C CD1 . ILE A 1 72 ? 2.068   7.958   -11.990 1.00 20.28 ? 72  ILE A CD1 1 
ATOM   579 N N   . GLY A 1 73 ? 0.771   4.067   -9.202  1.00 11.91 ? 73  GLY A N   1 
ATOM   580 C CA  . GLY A 1 73 ? -0.225  3.008   -9.342  1.00 14.06 ? 73  GLY A CA  1 
ATOM   581 C C   . GLY A 1 73 ? -1.475  3.243   -8.571  1.00 13.00 ? 73  GLY A C   1 
ATOM   582 O O   . GLY A 1 73 ? -1.701  4.349   -8.033  1.00 13.40 ? 73  GLY A O   1 
ATOM   583 N N   . THR A 1 74 ? -2.313  2.230   -8.475  1.00 12.71 ? 74  THR A N   1 
ATOM   584 C CA  . THR A 1 74 ? -3.608  2.342   -7.812  1.00 12.50 ? 74  THR A CA  1 
ATOM   585 C C   . THR A 1 74 ? -3.379  2.354   -6.293  1.00 11.85 ? 74  THR A C   1 
ATOM   586 O O   . THR A 1 74 ? -2.567  1.522   -5.769  1.00 12.46 ? 74  THR A O   1 
ATOM   587 C CB  . THR A 1 74 ? -4.535  1.190   -8.215  1.00 13.51 ? 74  THR A CB  1 
ATOM   588 O OG1 . THR A 1 74 ? -4.768  1.351   -9.618  1.00 16.21 ? 74  THR A OG1 1 
ATOM   589 C CG2 . THR A 1 74 ? -5.846  1.196   -7.474  1.00 14.39 ? 74  THR A CG2 1 
ATOM   590 N N   . VAL A 1 75 ? -4.015  3.248   -5.589  1.00 11.18 ? 75  VAL A N   1 
ATOM   591 C CA  . VAL A 1 75 ? -4.030  3.265   -4.114  1.00 10.85 ? 75  VAL A CA  1 
ATOM   592 C C   . VAL A 1 75 ? -5.477  3.194   -3.665  1.00 11.11 ? 75  VAL A C   1 
ATOM   593 O O   . VAL A 1 75 ? -6.322  4.026   -4.138  1.00 13.16 ? 75  VAL A O   1 
ATOM   594 C CB  . VAL A 1 75 ? -3.305  4.503   -3.573  1.00 12.03 ? 75  VAL A CB  1 
ATOM   595 C CG1 . VAL A 1 75 ? -3.454  4.587   -2.081  1.00 13.44 ? 75  VAL A CG1 1 
ATOM   596 C CG2 . VAL A 1 75 ? -1.853  4.508   -4.026  1.00 12.80 ? 75  VAL A CG2 1 
ATOM   597 N N   . LEU A 1 76 ? -5.799  2.315   -2.751  1.00 10.97 ? 76  LEU A N   1 
ATOM   598 C CA  . LEU A 1 76 ? -7.129  2.206   -2.148  1.00 12.18 ? 76  LEU A CA  1 
ATOM   599 C C   . LEU A 1 76 ? -7.107  2.939   -0.826  1.00 13.54 ? 76  LEU A C   1 
ATOM   600 O O   . LEU A 1 76 ? -6.086  2.832   -0.084  1.00 14.25 ? 76  LEU A O   1 
ATOM   601 C CB  . LEU A 1 76 ? -7.505  0.738   -1.972  1.00 13.10 ? 76  LEU A CB  1 
ATOM   602 C CG  . LEU A 1 76 ? -7.309  -0.141  -3.193  1.00 12.78 ? 76  LEU A CG  1 
ATOM   603 C CD1 . LEU A 1 76 ? -7.747  -1.596  -2.903  1.00 15.10 ? 76  LEU A CD1 1 
ATOM   604 C CD2 . LEU A 1 76 ? -8.038  0.368   -4.426  1.00 14.11 ? 76  LEU A CD2 1 
ATOM   605 N N   . VAL A 1 77 ? -8.188  3.631   -0.501  1.00 12.97 ? 77  VAL A N   1 
ATOM   606 C CA  . VAL A 1 77 ? -8.305  4.392   0.759   1.00 14.37 ? 77  VAL A CA  1 
ATOM   607 C C   . VAL A 1 77 ? -9.508  3.872   1.515   1.00 14.37 ? 77  VAL A C   1 
ATOM   608 O O   . VAL A 1 77 ? -10.659 3.897   0.979   1.00 15.77 ? 77  VAL A O   1 
ATOM   609 C CB  . VAL A 1 77 ? -8.356  5.924   0.539   1.00 15.06 ? 77  VAL A CB  1 
ATOM   610 C CG1 . VAL A 1 77 ? -8.447  6.650   1.874   1.00 16.92 ? 77  VAL A CG1 1 
ATOM   611 C CG2 . VAL A 1 77 ? -7.161  6.394   -0.266  1.00 15.13 ? 77  VAL A CG2 1 
ATOM   612 N N   . GLY A 1 78 ? -9.303  3.438   2.719   1.00 14.16 ? 78  GLY A N   1 
ATOM   613 C CA  . GLY A 1 78 ? -10.400 2.920   3.526   1.00 15.51 ? 78  GLY A CA  1 
ATOM   614 C C   . GLY A 1 78 ? -9.876  2.391   4.831   1.00 18.93 ? 78  GLY A C   1 
ATOM   615 O O   . GLY A 1 78 ? -8.654  2.453   5.067   1.00 19.73 ? 78  GLY A O   1 
ATOM   616 N N   . PRO A 1 79 ? -10.790 1.911   5.699   1.00 19.34 ? 79  PRO A N   1 
ATOM   617 C CA  . PRO A 1 79 ? -10.489 1.682   7.116   1.00 21.66 ? 79  PRO A CA  1 
ATOM   618 C C   . PRO A 1 79 ? -9.673  0.441   7.479   1.00 24.08 ? 79  PRO A C   1 
ATOM   619 O O   . PRO A 1 79 ? -10.044 -0.316  8.364   1.00 28.97 ? 79  PRO A O   1 
ATOM   620 C CB  . PRO A 1 79 ? -11.892 1.596   7.768   1.00 23.67 ? 79  PRO A CB  1 
ATOM   621 C CG  . PRO A 1 79 ? -12.787 1.141   6.664   1.00 22.42 ? 79  PRO A CG  1 
ATOM   622 C CD  . PRO A 1 79 ? -12.231 1.748   5.393   1.00 20.37 ? 79  PRO A CD  1 
ATOM   623 N N   . THR A 1 80 ? -8.511  0.288   6.860   1.00 20.64 ? 80  THR A N   1 
ATOM   624 C CA  . THR A 1 80 ? -7.542  -0.792  7.164   1.00 19.11 ? 80  THR A CA  1 
ATOM   625 C C   . THR A 1 80 ? -6.940  -0.513  8.543   1.00 17.95 ? 80  THR A C   1 
ATOM   626 O O   . THR A 1 80 ? -6.679  0.607   8.918   1.00 21.84 ? 80  THR A O   1 
ATOM   627 C CB  . THR A 1 80 ? -6.470  -0.923  6.063   1.00 15.91 ? 80  THR A CB  1 
ATOM   628 O OG1 . THR A 1 80 ? -5.564  -1.950  6.433   1.00 16.88 ? 80  THR A OG1 1 
ATOM   629 C CG2 . THR A 1 80 ? -5.700  0.357   5.823   1.00 16.43 ? 80  THR A CG2 1 
ATOM   630 N N   . PRO A 1 81 ? -6.687  -1.582  9.319   1.00 24.37 ? 81  PRO A N   1 
ATOM   631 C CA  . PRO A 1 81 ? -6.075  -1.415  10.626  1.00 24.39 ? 81  PRO A CA  1 
ATOM   632 C C   . PRO A 1 81 ? -4.596  -0.995  10.529  1.00 21.35 ? 81  PRO A C   1 
ATOM   633 O O   . PRO A 1 81 ? -4.099  -0.424  11.473  1.00 21.52 ? 81  PRO A O   1 
ATOM   634 C CB  . PRO A 1 81 ? -6.225  -2.796  11.248  1.00 24.97 ? 81  PRO A CB  1 
ATOM   635 C CG  . PRO A 1 81 ? -6.270  -3.740  10.124  1.00 29.09 ? 81  PRO A CG  1 
ATOM   636 C CD  . PRO A 1 81 ? -6.927  -2.986  8.979   1.00 25.39 ? 81  PRO A CD  1 
ATOM   637 N N   . ILE A 1 82 ? -3.944  -1.234  9.381   1.00 16.31 ? 82  ILE A N   1 
ATOM   638 C CA  . ILE A 1 82 ? -2.536  -0.796  9.151   1.00 13.53 ? 82  ILE A CA  1 
ATOM   639 C C   . ILE A 1 82 ? -2.398  -0.503  7.667   1.00 11.94 ? 82  ILE A C   1 
ATOM   640 O O   . ILE A 1 82 ? -2.946  -1.245  6.847   1.00 12.89 ? 82  ILE A O   1 
ATOM   641 C CB  . ILE A 1 82 ? -1.527  -1.818  9.668   1.00 16.16 ? 82  ILE A CB  1 
ATOM   642 C CG1 . ILE A 1 82 ? -0.111  -1.245  9.664   1.00 18.05 ? 82  ILE A CG1 1 
ATOM   643 C CG2 . ILE A 1 82 ? -1.606  -3.111  8.938   1.00 19.09 ? 82  ILE A CG2 1 
ATOM   644 C CD1 . ILE A 1 82 ? 0.846   -2.026  10.516  1.00 21.25 ? 82  ILE A CD1 1 
ATOM   645 N N   . ASN A 1 83 ? -1.653  0.514   7.318   1.00 10.97 ? 83  ASN A N   1 
ATOM   646 C CA  . ASN A 1 83 ? -1.374  0.805   5.914   1.00 10.12 ? 83  ASN A CA  1 
ATOM   647 C C   . ASN A 1 83 ? -0.525  -0.309  5.301   1.00 9.17  ? 83  ASN A C   1 
ATOM   648 O O   . ASN A 1 83 ? 0.419   -0.753  5.963   1.00 9.61  ? 83  ASN A O   1 
ATOM   649 C CB  . ASN A 1 83 ? -0.632  2.126   5.788   1.00 10.64 ? 83  ASN A CB  1 
ATOM   650 C CG  . ASN A 1 83 ? -1.397  3.289   6.358   1.00 11.59 ? 83  ASN A CG  1 
ATOM   651 O OD1 . ASN A 1 83 ? -2.646  3.352   6.296   1.00 13.23 ? 83  ASN A OD1 1 
ATOM   652 N ND2 . ASN A 1 83 ? -0.644  4.211   6.917   1.00 11.74 ? 83  ASN A ND2 1 
ATOM   653 N N   . VAL A 1 84 ? -0.871  -0.743  4.091   1.00 9.20  ? 84  VAL A N   1 
ATOM   654 C CA  . VAL A 1 84 ? -0.123  -1.852  3.444   1.00 9.94  ? 84  VAL A CA  1 
ATOM   655 C C   . VAL A 1 84 ? 0.318   -1.485  2.032   1.00 9.20  ? 84  VAL A C   1 
ATOM   656 O O   . VAL A 1 84 ? -0.481  -0.904  1.252   1.00 10.35 ? 84  VAL A O   1 
ATOM   657 C CB  . VAL A 1 84 ? -0.894  -3.173  3.440   1.00 12.48 ? 84  VAL A CB  1 
ATOM   658 C CG1 . VAL A 1 84 ? -1.156  -3.679  4.834   1.00 12.85 ? 84  VAL A CG1 1 
ATOM   659 C CG2 . VAL A 1 84 ? -2.148  -3.104  2.648   1.00 14.82 ? 84  VAL A CG2 1 
ATOM   660 N N   . ILE A 1 85 ? 1.550   -1.797  1.700   1.00 9.52  ? 85  ILE A N   1 
ATOM   661 C CA  . ILE A 1 85 ? 2.105   -1.732  0.329   1.00 9.28  ? 85  ILE A CA  1 
ATOM   662 C C   . ILE A 1 85 ? 1.987   -3.134  -0.260  1.00 9.91  ? 85  ILE A C   1 
ATOM   663 O O   . ILE A 1 85 ? 2.618   -4.080  0.239   1.00 10.71 ? 85  ILE A O   1 
ATOM   664 C CB  . ILE A 1 85 ? 3.554   -1.244  0.288   1.00 9.53  ? 85  ILE A CB  1 
ATOM   665 C CG1 . ILE A 1 85 ? 3.758   0.037   1.111   1.00 10.44 ? 85  ILE A CG1 1 
ATOM   666 C CG2 . ILE A 1 85 ? 4.020   -1.069  -1.159  1.00 9.79  ? 85  ILE A CG2 1 
ATOM   667 C CD1 . ILE A 1 85 ? 2.892   1.192   0.703   1.00 11.62 ? 85  ILE A CD1 1 
ATOM   668 N N   . GLY A 1 86 ? 1.181   -3.260  -1.312  1.00 9.35  ? 86  GLY A N   1 
ATOM   669 C CA  . GLY A 1 86 ? 0.925   -4.546  -1.970  1.00 9.08  ? 86  GLY A CA  1 
ATOM   670 C C   . GLY A 1 86 ? 1.727   -4.697  -3.242  1.00 8.68  ? 86  GLY A C   1 
ATOM   671 O O   . GLY A 1 86 ? 2.512   -3.872  -3.642  1.00 8.99  ? 86  GLY A O   1 
ATOM   672 N N   . ARG A 1 87 ? 1.516   -5.854  -3.888  1.00 9.37  ? 87  ARG A N   1 
ATOM   673 C CA  . ARG A 1 87 ? 2.372   -6.297  -5.010  1.00 9.31  ? 87  ARG A CA  1 
ATOM   674 C C   . ARG A 1 87 ? 2.287   -5.323  -6.212  1.00 9.73  ? 87  ARG A C   1 
ATOM   675 O O   . ARG A 1 87 ? 3.288   -5.229  -6.941  1.00 9.96  ? 87  ARG A O   1 
ATOM   676 C CB  . ARG A 1 87 ? 1.996   -7.712  -5.449  1.00 9.11  ? 87  ARG A CB  1 
ATOM   677 C CG  . ARG A 1 87 ? 2.223   -8.771  -4.379  1.00 9.11  ? 87  ARG A CG  1 
ATOM   678 C CD  . ARG A 1 87 ? 2.059   -10.191 -4.872  1.00 9.26  ? 87  ARG A CD  1 
ATOM   679 N NE  . ARG A 1 87 ? 0.699   -10.446 -5.309  1.00 9.79  ? 87  ARG A NE  1 
ATOM   680 C CZ  . ARG A 1 87 ? 0.241   -10.394 -6.555  1.00 9.93  ? 87  ARG A CZ  1 
ATOM   681 N NH1 . ARG A 1 87 ? 1.051   -10.251 -7.597  1.00 10.21 ? 87  ARG A NH1 1 
ATOM   682 N NH2 . ARG A 1 87 ? -1.052  -10.583 -6.760  1.00 10.89 ? 87  ARG A NH2 1 
ATOM   683 N N   . ASN A 1 88 ? 1.164   -4.620  -6.376  1.00 10.30 ? 88  ASN A N   1 
ATOM   684 C CA  . ASN A 1 88 ? 1.046   -3.663  -7.500  1.00 10.88 ? 88  ASN A CA  1 
ATOM   685 C C   . ASN A 1 88 ? 2.181   -2.638  -7.424  1.00 11.38 ? 88  ASN A C   1 
ATOM   686 O O   . ASN A 1 88 ? 2.617   -2.158  -8.485  1.00 12.28 ? 88  ASN A O   1 
ATOM   687 C CB  . ASN A 1 88 ? -0.329  -3.008  -7.539  1.00 10.86 ? 88  ASN A CB  1 
ATOM   688 C CG  . ASN A 1 88 ? -0.551  -2.009  -6.449  1.00 10.91 ? 88  ASN A CG  1 
ATOM   689 O OD1 . ASN A 1 88 ? -0.405  -2.309  -5.265  1.00 11.24 ? 88  ASN A OD1 1 
ATOM   690 N ND2 . ASN A 1 88 ? -0.976  -0.821  -6.850  1.00 11.99 ? 88  ASN A ND2 1 
ATOM   691 N N   . MET A 1 89 ? 2.580   -2.244  -6.223  1.00 10.73 ? 89  MET A N   1 
ATOM   692 C CA  . MET A 1 89 ? 3.669   -1.292  -6.031  1.00 10.35 ? 89  MET A CA  1 
ATOM   693 C C   . MET A 1 89 ? 5.018   -1.988  -5.830  1.00 10.33 ? 89  MET A C   1 
ATOM   694 O O   . MET A 1 89 ? 6.050   -1.510  -6.275  1.00 11.21 ? 89  MET A O   1 
ATOM   695 C CB  . MET A 1 89 ? 3.385   -0.384  -4.848  1.00 10.68 ? 89  MET A CB  1 
ATOM   696 C CG  . MET A 1 89 ? 2.150   0.482   -5.006  1.00 10.70 ? 89  MET A CG  1 
ATOM   697 S SD  . MET A 1 89 ? 2.284   1.727   -6.310  1.00 11.63 ? 89  MET A SD  1 
ATOM   698 C CE  . MET A 1 89 ? 0.896   2.776   -5.843  1.00 12.22 ? 89  MET A CE  1 
ATOM   699 N N   . LEU A 1 90 ? 5.036   -3.107  -5.096  1.00 9.90  ? 90  LEU A N   1 
ATOM   700 C CA  . LEU A 1 90 ? 6.293   -3.811  -4.766  1.00 10.52 ? 90  LEU A CA  1 
ATOM   701 C C   . LEU A 1 90 ? 7.025   -4.264  -6.036  1.00 10.25 ? 90  LEU A C   1 
ATOM   702 O O   . LEU A 1 90 ? 8.265   -4.245  -6.038  1.00 10.46 ? 90  LEU A O   1 
ATOM   703 C CB  . LEU A 1 90 ? 6.024   -4.989  -3.830  1.00 10.68 ? 90  LEU A CB  1 
ATOM   704 C CG  . LEU A 1 90 ? 5.509   -4.620  -2.433  1.00 10.43 ? 90  LEU A CG  1 
ATOM   705 C CD1 . LEU A 1 90 ? 5.131   -5.859  -1.647  1.00 11.01 ? 90  LEU A CD1 1 
ATOM   706 C CD2 . LEU A 1 90 ? 6.478   -3.725  -1.654  1.00 10.60 ? 90  LEU A CD2 1 
ATOM   707 N N   . THR A 1 91 ? 6.301   -4.725  -7.054  1.00 11.03 ? 91  THR A N   1 
ATOM   708 C CA  . THR A 1 91 ? 6.949   -5.127  -8.331  1.00 11.44 ? 91  THR A CA  1 
ATOM   709 C C   . THR A 1 91 ? 7.690   -3.944  -8.970  1.00 13.31 ? 91  THR A C   1 
ATOM   710 O O   . THR A 1 91 ? 8.777   -4.161  -9.512  1.00 15.16 ? 91  THR A O   1 
ATOM   711 C CB  . THR A 1 91 ? 5.932   -5.714  -9.305  1.00 12.69 ? 91  THR A CB  1 
ATOM   712 O OG1 . THR A 1 91 ? 4.889   -4.751  -9.466  1.00 13.78 ? 91  THR A OG1 1 
ATOM   713 C CG2 . THR A 1 91 ? 5.366   -7.035  -8.855  1.00 12.26 ? 91  THR A CG2 1 
ATOM   714 N N   . GLN A 1 92 ? 7.198   -2.717  -8.782  1.00 12.29 ? 92  GLN A N   1 
ATOM   715 C CA  . GLN A 1 92 ? 7.825   -1.539  -9.433  1.00 14.08 ? 92  GLN A CA  1 
ATOM   716 C C   . GLN A 1 92 ? 9.131   -1.166  -8.761  1.00 16.22 ? 92  GLN A C   1 
ATOM   717 O O   . GLN A 1 92 ? 9.963   -0.490  -9.389  1.00 19.57 ? 92  GLN A O   1 
ATOM   718 C CB  . GLN A 1 92 ? 6.900   -0.335  -9.373  1.00 14.32 ? 92  GLN A CB  1 
ATOM   719 C CG  . GLN A 1 92 ? 5.652   -0.510  -10.184 1.00 15.59 ? 92  GLN A CG  1 
ATOM   720 C CD  . GLN A 1 92 ? 4.789   0.719   -10.112 1.00 15.31 ? 92  GLN A CD  1 
ATOM   721 O OE1 . GLN A 1 92 ? 5.227   1.834   -10.473 1.00 15.43 ? 92  GLN A OE1 1 
ATOM   722 N NE2 . GLN A 1 92 ? 3.568   0.538   -9.656  1.00 14.70 ? 92  GLN A NE2 1 
ATOM   723 N N   . ILE A 1 93 ? 9.329   -1.531  -7.511  1.00 13.98 ? 93  ILE A N   1 
ATOM   724 C CA  . ILE A 1 93 ? 10.543  -1.166  -6.749  1.00 14.57 ? 93  ILE A CA  1 
ATOM   725 C C   . ILE A 1 93 ? 11.514  -2.354  -6.707  1.00 14.91 ? 93  ILE A C   1 
ATOM   726 O O   . ILE A 1 93 ? 12.559  -2.206  -6.061  1.00 16.55 ? 93  ILE A O   1 
ATOM   727 C CB  . ILE A 1 93 ? 10.230  -0.572  -5.365  1.00 15.21 ? 93  ILE A CB  1 
ATOM   728 C CG1 . ILE A 1 93 ? 9.774   -1.652  -4.381  1.00 15.80 ? 93  ILE A CG1 1 
ATOM   729 C CG2 . ILE A 1 93 ? 9.250   0.599   -5.454  1.00 16.74 ? 93  ILE A CG2 1 
ATOM   730 C CD1 . ILE A 1 93 ? 9.532   -1.084  -2.993  1.00 16.52 ? 93  ILE A CD1 1 
ATOM   731 N N   . GLY A 1 94 ? 11.200  -3.461  -7.391  1.00 14.65 ? 94  GLY A N   1 
ATOM   732 C CA  . GLY A 1 94 ? 12.095  -4.632  -7.508  1.00 15.29 ? 94  GLY A CA  1 
ATOM   733 C C   . GLY A 1 94 ? 12.132  -5.471  -6.231  1.00 15.06 ? 94  GLY A C   1 
ATOM   734 O O   . GLY A 1 94 ? 13.112  -6.162  -5.983  1.00 16.03 ? 94  GLY A O   1 
ATOM   735 N N   . CYS A 1 95 ? 11.087  -5.455  -5.435  1.00 12.47 ? 95  CYS A N   1 
ATOM   736 C CA  . CYS A 1 95 ? 11.058  -6.221  -4.173  1.00 12.04 ? 95  CYS A CA  1 
ATOM   737 C C   . CYS A 1 95 ? 10.867  -7.707  -4.456  1.00 11.73 ? 95  CYS A C   1 
ATOM   738 O O   . CYS A 1 95 ? 9.955   -8.104  -5.205  1.00 13.27 ? 95  CYS A O   1 
ATOM   739 C CB  . CYS A 1 95 ? 9.954   -5.670  -3.300  1.00 12.14 ? 95  CYS A CB  1 
ATOM   740 S SG  . CYS A 1 95 ? 9.902   -6.359  -1.638  1.00 13.72 ? 95  CYS A SG  1 
ATOM   741 N N   . THR A 1 96 ? 11.668  -8.532  -3.812  1.00 11.46 ? 96  THR A N   1 
ATOM   742 C CA  . THR A 1 96 ? 11.603  -10.000 -3.909  1.00 12.13 ? 96  THR A CA  1 
ATOM   743 C C   . THR A 1 96 ? 11.656  -10.609 -2.513  1.00 10.77 ? 96  THR A C   1 
ATOM   744 O O   . THR A 1 96 ? 12.115  -9.982  -1.555  1.00 11.58 ? 96  THR A O   1 
ATOM   745 C CB  . THR A 1 96 ? 12.738  -10.581 -4.762  1.00 14.72 ? 96  THR A CB  1 
ATOM   746 O OG1 . THR A 1 96 ? 13.976  -10.316 -4.141  1.00 16.08 ? 96  THR A OG1 1 
ATOM   747 C CG2 . THR A 1 96 ? 12.691  -10.055 -6.177  1.00 15.43 ? 96  THR A CG2 1 
ATOM   748 N N   . LEU A 1 97 ? 11.173  -11.829 -2.404  1.00 10.31 ? 97  LEU A N   1 
ATOM   749 C CA  . LEU A 1 97 ? 11.352  -12.732 -1.250  1.00 10.38 ? 97  LEU A CA  1 
ATOM   750 C C   . LEU A 1 97 ? 12.545  -13.651 -1.498  1.00 11.42 ? 97  LEU A C   1 
ATOM   751 O O   . LEU A 1 97 ? 12.796  -14.040 -2.634  1.00 12.38 ? 97  LEU A O   1 
ATOM   752 C CB  . LEU A 1 97 ? 10.112  -13.583 -1.083  1.00 9.85  ? 97  LEU A CB  1 
ATOM   753 C CG  . LEU A 1 97 ? 8.880   -12.819 -0.596  1.00 9.24  ? 97  LEU A CG  1 
ATOM   754 C CD1 . LEU A 1 97 ? 7.602   -13.605 -0.939  1.00 10.55 ? 97  LEU A CD1 1 
ATOM   755 C CD2 . LEU A 1 97 ? 8.961   -12.552 0.906   1.00 10.14 ? 97  LEU A CD2 1 
ATOM   756 N N   A ASN A 1 98 ? 13.195  -14.091 -0.437  0.52 12.02 ? 98  ASN A N   1 
ATOM   757 N N   B ASN A 1 98 ? 13.303  -13.946 -0.439  0.48 12.37 ? 98  ASN A N   1 
ATOM   758 C CA  A ASN A 1 98 ? 14.401  -14.932 -0.584  0.52 14.13 ? 98  ASN A CA  1 
ATOM   759 C CA  B ASN A 1 98 ? 14.549  -14.758 -0.482  0.48 14.60 ? 98  ASN A CA  1 
ATOM   760 C C   A ASN A 1 98 ? 14.531  -15.789 0.662   0.52 14.73 ? 98  ASN A C   1 
ATOM   761 C C   B ASN A 1 98 ? 14.534  -15.767 0.686   0.48 15.07 ? 98  ASN A C   1 
ATOM   762 O O   A ASN A 1 98 ? 14.541  -15.227 1.758   0.52 14.38 ? 98  ASN A O   1 
ATOM   763 O O   B ASN A 1 98 ? 14.415  -15.298 1.808   0.48 14.76 ? 98  ASN A O   1 
ATOM   764 C CB  A ASN A 1 98 ? 15.645  -14.066 -0.808  0.52 15.74 ? 98  ASN A CB  1 
ATOM   765 C CB  B ASN A 1 98 ? 15.744  -13.787 -0.457  0.48 16.02 ? 98  ASN A CB  1 
ATOM   766 C CG  A ASN A 1 98 ? 15.626  -13.220 -2.068  0.52 17.73 ? 98  ASN A CG  1 
ATOM   767 C CG  B ASN A 1 98 ? 15.626  -12.608 -1.415  0.48 17.11 ? 98  ASN A CG  1 
ATOM   768 O OD1 A ASN A 1 98 ? 16.252  -13.596 -3.043  0.52 22.57 ? 98  ASN A OD1 1 
ATOM   769 O OD1 B ASN A 1 98 ? 14.905  -11.620 -1.197  0.48 19.07 ? 98  ASN A OD1 1 
ATOM   770 N ND2 A ASN A 1 98 ? 14.938  -12.074 -2.076  0.52 20.26 ? 98  ASN A ND2 1 
ATOM   771 N ND2 B ASN A 1 98 ? 16.339  -12.672 -2.519  0.48 17.88 ? 98  ASN A ND2 1 
ATOM   772 N N   . PHE A 1 99 ? 14.681  -17.088 0.468   1.00 15.79 ? 99  PHE A N   1 
ATOM   773 C CA  . PHE A 1 99 ? 15.031  -18.046 1.544   1.00 17.70 ? 99  PHE A CA  1 
ATOM   774 C C   . PHE A 1 99 ? 15.753  -19.251 0.926   1.00 21.09 ? 99  PHE A C   1 
ATOM   775 O O   . PHE A 1 99 ? 16.171  -20.155 1.680   1.00 23.54 ? 99  PHE A O   1 
ATOM   776 C CB  . PHE A 1 99 ? 13.810  -18.453 2.364   1.00 18.09 ? 99  PHE A CB  1 
ATOM   777 C CG  . PHE A 1 99 ? 12.692  -19.143 1.634   1.00 18.52 ? 99  PHE A CG  1 
ATOM   778 C CD1 . PHE A 1 99 ? 11.642  -18.428 1.082   1.00 20.16 ? 99  PHE A CD1 1 
ATOM   779 C CD2 . PHE A 1 99 ? 12.656  -20.532 1.531   1.00 21.31 ? 99  PHE A CD2 1 
ATOM   780 C CE1 . PHE A 1 99 ? 10.577  -19.068 0.471   1.00 23.78 ? 99  PHE A CE1 1 
ATOM   781 C CE2 . PHE A 1 99 ? 11.587  -21.172 0.924   1.00 25.01 ? 99  PHE A CE2 1 
ATOM   782 C CZ  . PHE A 1 99 ? 10.568  -20.435 0.352   1.00 24.45 ? 99  PHE A CZ  1 
ATOM   783 O OXT . PHE A 1 99 ? 15.931  -19.327 -0.292  1.00 24.62 ? 99  PHE A OXT 1 
HETATM 784 C C1  . GOL B 2 .  ? 4.124   11.756  -3.339  1.00 21.73 ? 101 GOL A C1  1 
HETATM 785 O O1  . GOL B 2 .  ? 3.670   12.964  -2.746  1.00 16.14 ? 101 GOL A O1  1 
HETATM 786 C C2  . GOL B 2 .  ? 5.556   11.848  -3.807  1.00 26.57 ? 101 GOL A C2  1 
HETATM 787 O O2  . GOL B 2 .  ? 5.759   13.048  -4.542  1.00 34.14 ? 101 GOL A O2  1 
HETATM 788 C C3  . GOL B 2 .  ? 5.941   10.660  -4.661  1.00 26.66 ? 101 GOL A C3  1 
HETATM 789 O O3  . GOL B 2 .  ? 7.015   10.942  -5.549  1.00 31.47 ? 101 GOL A O3  1 
HETATM 790 C CAA . JDY C 3 .  ? -6.127  -7.980  -2.405  0.54 12.31 ? 102 JDY A CAA 1 
HETATM 791 C CAC . JDY C 3 .  ? -5.873  -9.937  -1.284  0.54 12.68 ? 102 JDY A CAC 1 
HETATM 792 C CAD . JDY C 3 .  ? -7.061  -9.283  -0.588  0.54 11.82 ? 102 JDY A CAD 1 
HETATM 793 C CAE . JDY C 3 .  ? -7.501  -8.357  -1.640  0.54 11.11 ? 102 JDY A CAE 1 
HETATM 794 C CAF . JDY C 3 .  ? -6.762  -8.398  0.633   0.54 11.28 ? 102 JDY A CAF 1 
HETATM 795 C CAG . JDY C 3 .  ? -6.867  -6.869  0.131   0.54 12.63 ? 102 JDY A CAG 1 
HETATM 796 C CAH . JDY C 3 .  ? -8.028  -7.022  -0.800  0.54 12.52 ? 102 JDY A CAH 1 
HETATM 797 C CAJ . JDY C 3 .  ? -5.424  -6.409  -0.550  0.54 11.72 ? 102 JDY A CAJ 1 
HETATM 798 C CAL . JDY C 3 .  ? -5.346  -9.263  2.396   0.54 10.76 ? 102 JDY A CAL 1 
HETATM 799 C CAO . JDY C 3 .  ? -3.852  -10.564 3.938   0.54 10.75 ? 102 JDY A CAO 1 
HETATM 800 C CAP . JDY C 3 .  ? -2.379  -10.592 5.965   0.54 9.42  ? 102 JDY A CAP 1 
HETATM 801 C CAS . JDY C 3 .  ? -3.724  -11.692 8.875   0.54 11.41 ? 102 JDY A CAS 1 
HETATM 802 C CAT . JDY C 3 .  ? -2.554  -10.016 4.537   0.54 10.49 ? 102 JDY A CAT 1 
HETATM 803 C CAW . JDY C 3 .  ? -3.763  -12.148 3.521   0.54 11.54 ? 102 JDY A CAW 1 
HETATM 804 C CAX . JDY C 3 .  ? -3.948  -11.090 10.102  0.54 12.31 ? 102 JDY A CAX 1 
HETATM 805 C CAY . JDY C 3 .  ? -3.245  -11.548 11.197  0.54 13.62 ? 102 JDY A CAY 1 
HETATM 806 C CAZ . JDY C 3 .  ? -2.332  -12.600 11.155  0.54 13.13 ? 102 JDY A CAZ 1 
HETATM 807 C CBA . JDY C 3 .  ? -2.109  -13.180 9.916   0.54 12.46 ? 102 JDY A CBA 1 
HETATM 808 C CBB . JDY C 3 .  ? -2.789  -12.737 8.769   0.54 11.97 ? 102 JDY A CBB 1 
HETATM 809 C CBD . JDY C 3 .  ? -2.186  -12.189 13.460  0.54 16.19 ? 102 JDY A CBD 1 
HETATM 810 C CBG . JDY C 3 .  ? -1.951  -11.360 15.860  0.54 19.74 ? 102 JDY A CBG 1 
HETATM 811 C CBH . JDY C 3 .  ? -5.100  -12.481 2.775   0.54 12.81 ? 102 JDY A CBH 1 
HETATM 812 C CBI . JDY C 3 .  ? -5.200  -12.554 1.338   0.54 13.80 ? 102 JDY A CBI 1 
HETATM 813 C CBJ . JDY C 3 .  ? -6.414  -12.777 0.685   0.54 14.95 ? 102 JDY A CBJ 1 
HETATM 814 C CBK . JDY C 3 .  ? -7.541  -12.889 1.417   0.54 15.60 ? 102 JDY A CBK 1 
HETATM 815 C CBL . JDY C 3 .  ? -7.472  -12.785 2.774   0.54 15.47 ? 102 JDY A CBL 1 
HETATM 816 C CBM . JDY C 3 .  ? -6.331  -12.595 3.483   0.54 14.25 ? 102 JDY A CBM 1 
HETATM 817 C CBN . JDY C 3 .  ? -1.838  -9.879  15.748  0.54 19.35 ? 102 JDY A CBN 1 
HETATM 818 C CBO . JDY C 3 .  ? -0.698  -10.524 16.363  0.54 19.39 ? 102 JDY A CBO 1 
HETATM 819 C CBR . JDY C 3 .  ? -2.907  -8.745  7.716   0.54 12.27 ? 102 JDY A CBR 1 
HETATM 820 C CBS . JDY C 3 .  ? -2.806  -7.460  6.877   0.54 12.03 ? 102 JDY A CBS 1 
HETATM 821 C CBT . JDY C 3 .  ? -4.264  -7.101  6.271   0.54 12.93 ? 102 JDY A CBT 1 
HETATM 822 C CBU . JDY C 3 .  ? -2.191  -6.371  7.844   0.54 12.34 ? 102 JDY A CBU 1 
HETATM 823 F FBP . JDY C 3 .  ? -8.536  -12.904 3.524   0.54 19.77 ? 102 JDY A FBP 1 
HETATM 824 N NAN . JDY C 3 .  ? -4.122  -9.811  2.668   0.54 10.34 ? 102 JDY A NAN 1 
HETATM 825 N NAQ . JDY C 3 .  ? -3.412  -9.917  6.832   0.54 10.90 ? 102 JDY A NAQ 1 
HETATM 826 N NBE . JDY C 3 .  ? -1.777  -12.948 12.384  0.54 15.84 ? 102 JDY A NBE 1 
HETATM 827 N NBF . JDY C 3 .  ? -1.717  -12.334 14.713  0.54 18.06 ? 102 JDY A NBF 1 
HETATM 828 O OAB . JDY C 3 .  ? -5.193  -8.929  -2.082  0.54 12.05 ? 102 JDY A OAB 1 
HETATM 829 O OAI . JDY C 3 .  ? -5.527  -6.631  -2.003  0.54 11.72 ? 102 JDY A OAI 1 
HETATM 830 O OAK . JDY C 3 .  ? -5.437  -8.719  1.144   0.54 10.72 ? 102 JDY A OAK 1 
HETATM 831 O OAM . JDY C 3 .  ? -6.310  -9.166  3.202   0.54 10.07 ? 102 JDY A OAM 1 
HETATM 832 O OAU . JDY C 3 .  ? -4.708  -12.146 6.599   0.54 11.29 ? 102 JDY A OAU 1 
HETATM 833 O OAV . JDY C 3 .  ? -5.655  -10.235 7.932   0.54 10.74 ? 102 JDY A OAV 1 
HETATM 834 O OBQ . JDY C 3 .  ? -1.386  -10.318 3.750   0.54 9.46  ? 102 JDY A OBQ 1 
HETATM 835 S SAR . JDY C 3 .  ? -4.469  -11.011 7.548   0.54 11.28 ? 102 JDY A SAR 1 
HETATM 836 S SBC . JDY C 3 .  ? -3.375  -10.996 12.976  0.54 16.05 ? 102 JDY A SBC 1 
HETATM 837 C C1  . EDO D 4 .  ? -0.140  16.411  -3.228  1.00 32.98 ? 103 EDO A C1  1 
HETATM 838 O O1  . EDO D 4 .  ? 1.161   16.850  -3.192  1.00 29.39 ? 103 EDO A O1  1 
HETATM 839 C C2  . EDO D 4 .  ? -0.403  15.382  -4.230  1.00 31.30 ? 103 EDO A C2  1 
HETATM 840 O O2  . EDO D 4 .  ? -1.708  14.938  -4.095  1.00 21.91 ? 103 EDO A O2  1 
HETATM 841 O O   . HOH E 5 .  ? 2.583   -5.459  -10.233 1.00 36.39 ? 201 HOH A O   1 
HETATM 842 O O   . HOH E 5 .  ? -7.171  -9.219  6.123   0.50 15.52 ? 202 HOH A O   1 
HETATM 843 O O   . HOH E 5 .  ? 8.994   11.638  -3.490  1.00 28.62 ? 203 HOH A O   1 
HETATM 844 O O   . HOH E 5 .  ? 15.139  -2.393  -6.259  1.00 30.83 ? 204 HOH A O   1 
HETATM 845 O O   . HOH E 5 .  ? -2.989  14.831  -1.440  1.00 14.34 ? 205 HOH A O   1 
HETATM 846 O O   . HOH E 5 .  ? -7.687  10.866  -8.598  1.00 33.46 ? 206 HOH A O   1 
HETATM 847 O O   . HOH E 5 .  ? -1.806  11.299  -10.789 1.00 30.11 ? 207 HOH A O   1 
HETATM 848 O O   . HOH E 5 .  ? 6.581   8.481   -8.240  1.00 28.01 ? 208 HOH A O   1 
HETATM 849 O O   . HOH E 5 .  ? 10.229  7.107   1.527   1.00 17.61 ? 209 HOH A O   1 
HETATM 850 O O   . HOH E 5 .  ? 11.347  2.445   -8.046  1.00 32.82 ? 210 HOH A O   1 
HETATM 851 O O   . HOH E 5 .  ? 0.907   11.201  -4.723  1.00 13.61 ? 211 HOH A O   1 
HETATM 852 O O   . HOH E 5 .  ? 10.823  -5.737  -10.286 1.00 28.24 ? 212 HOH A O   1 
HETATM 853 O O   . HOH E 5 .  ? 10.553  -11.797 16.537  1.00 29.73 ? 213 HOH A O   1 
HETATM 854 O O   . HOH E 5 .  ? 11.160  12.995  -1.346  1.00 35.34 ? 214 HOH A O   1 
HETATM 855 O O   . HOH E 5 .  ? 4.078   -3.462  -11.705 1.00 30.17 ? 215 HOH A O   1 
HETATM 856 O O   . HOH E 5 .  ? 9.079   3.649   8.914   1.00 17.86 ? 216 HOH A O   1 
HETATM 857 O O   . HOH E 5 .  ? 13.276  1.071   -7.456  1.00 30.53 ? 217 HOH A O   1 
HETATM 858 O O   . HOH E 5 .  ? 17.228  -22.262 0.328   1.00 38.22 ? 218 HOH A O   1 
HETATM 859 O O   . HOH E 5 .  ? 11.073  -6.100  9.572   1.00 16.76 ? 219 HOH A O   1 
HETATM 860 O O   . HOH E 5 .  ? -3.904  -0.805  -5.023  1.00 15.41 ? 220 HOH A O   1 
HETATM 861 O O   . HOH E 5 .  ? 15.175  -8.026  -5.053  1.00 20.15 ? 221 HOH A O   1 
HETATM 862 O O   . HOH E 5 .  ? 8.953   -8.645  -7.720  1.00 13.94 ? 222 HOH A O   1 
HETATM 863 O O   . HOH E 5 .  ? -0.202  -11.586 -2.883  1.00 12.07 ? 223 HOH A O   1 
HETATM 864 O O   . HOH E 5 .  ? 1.702   -2.662  -11.044 1.00 30.22 ? 224 HOH A O   1 
HETATM 865 O O   . HOH E 5 .  ? 6.143   17.415  -2.457  1.00 29.99 ? 225 HOH A O   1 
HETATM 866 O O   . HOH E 5 .  ? 4.048   7.419   11.793  1.00 32.22 ? 226 HOH A O   1 
HETATM 867 O O   . HOH E 5 .  ? -16.915 -7.873  6.739   1.00 28.37 ? 227 HOH A O   1 
HETATM 868 O O   . HOH E 5 .  ? 8.328   -2.888  12.955  1.00 21.79 ? 228 HOH A O   1 
HETATM 869 O O   . HOH E 5 .  ? -10.565 5.273   -9.943  1.00 41.19 ? 229 HOH A O   1 
HETATM 870 O O   . HOH E 5 .  ? 6.901   -5.724  14.911  1.00 16.35 ? 230 HOH A O   1 
HETATM 871 O O   . HOH E 5 .  ? -1.227  -7.016  -7.860  1.00 23.56 ? 231 HOH A O   1 
HETATM 872 O O   . HOH E 5 .  ? 16.428  -3.632  7.209   1.00 21.67 ? 232 HOH A O   1 
HETATM 873 O O   . HOH E 5 .  ? 20.207  -4.010  3.648   1.00 26.59 ? 233 HOH A O   1 
HETATM 874 O O   . HOH E 5 .  ? -8.627  7.674   -9.992  1.00 25.42 ? 234 HOH A O   1 
HETATM 875 O O   . HOH E 5 .  ? 8.273   -4.642  18.793  1.00 27.20 ? 235 HOH A O   1 
HETATM 876 O O   . HOH E 5 .  ? -10.689 12.878  -3.984  1.00 25.87 ? 236 HOH A O   1 
HETATM 877 O O   . HOH E 5 .  ? 1.401   6.219   9.140   1.00 19.82 ? 237 HOH A O   1 
HETATM 878 O O   . HOH E 5 .  ? -2.836  -11.933 -2.212  1.00 14.43 ? 238 HOH A O   1 
HETATM 879 O O   . HOH E 5 .  ? 3.111   16.533  4.602   1.00 26.96 ? 239 HOH A O   1 
HETATM 880 O O   . HOH E 5 .  ? 13.154  5.678   -7.535  1.00 26.71 ? 240 HOH A O   1 
HETATM 881 O O   . HOH E 5 .  ? -8.575  10.431  -0.287  1.00 31.01 ? 241 HOH A O   1 
HETATM 882 O O   . HOH E 5 .  ? -16.125 -1.020  5.061   1.00 36.24 ? 242 HOH A O   1 
HETATM 883 O O   . HOH E 5 .  ? -3.311  2.983   -11.470 1.00 20.50 ? 243 HOH A O   1 
HETATM 884 O O   . HOH E 5 .  ? -0.509  18.429  -1.475  1.00 18.08 ? 244 HOH A O   1 
HETATM 885 O O   . HOH E 5 .  ? -2.565  17.528  -5.017  1.00 16.82 ? 245 HOH A O   1 
HETATM 886 O O   . HOH E 5 .  ? -1.558  12.403  -5.470  1.00 19.42 ? 246 HOH A O   1 
HETATM 887 O O   . HOH E 5 .  ? -1.474  -0.253  -9.696  1.00 16.11 ? 247 HOH A O   1 
HETATM 888 O O   . HOH E 5 .  ? 2.472   14.390  6.341   1.00 20.16 ? 248 HOH A O   1 
HETATM 889 O O   . HOH E 5 .  ? -13.042 -12.208 2.500   1.00 29.39 ? 249 HOH A O   1 
HETATM 890 O O   . HOH E 5 .  ? 8.904   14.296  -2.987  1.00 32.88 ? 250 HOH A O   1 
HETATM 891 O O   . HOH E 5 .  ? 11.467  -2.352  7.617   1.00 27.08 ? 251 HOH A O   1 
HETATM 892 O O   . HOH E 5 .  ? -2.325  6.432   8.025   1.00 26.15 ? 252 HOH A O   1 
HETATM 893 O O   . HOH E 5 .  ? 2.826   -2.137  13.789  1.00 35.24 ? 253 HOH A O   1 
HETATM 894 O O   . HOH E 5 .  ? -16.120 -6.455  -5.103  1.00 38.32 ? 254 HOH A O   1 
HETATM 895 O O   . HOH E 5 .  ? -10.923 -8.292  -2.777  1.00 29.15 ? 255 HOH A O   1 
HETATM 896 O O   . HOH E 5 .  ? -0.632  14.315  6.853   1.00 23.10 ? 256 HOH A O   1 
HETATM 897 O O   . HOH E 5 .  ? 11.811  3.643   5.384   1.00 22.99 ? 257 HOH A O   1 
HETATM 898 O O   . HOH E 5 .  ? 17.282  -18.740 -2.925  1.00 39.19 ? 258 HOH A O   1 
HETATM 899 O O   . HOH E 5 .  ? 16.289  -13.672 9.299   1.00 20.98 ? 259 HOH A O   1 
HETATM 900 O O   . HOH E 5 .  ? -0.899  -9.910  -9.910  1.00 27.59 ? 260 HOH A O   1 
HETATM 901 O O   . HOH E 5 .  ? -15.224 10.628  -8.065  1.00 34.85 ? 261 HOH A O   1 
HETATM 902 O O   . HOH E 5 .  ? 11.600  -3.647  9.931   1.00 32.33 ? 262 HOH A O   1 
HETATM 903 O O   . HOH E 5 .  ? 2.176   13.324  -5.990  1.00 26.95 ? 263 HOH A O   1 
HETATM 904 O O   . HOH E 5 .  ? 12.511  6.989   3.129   0.50 37.21 ? 264 HOH A O   1 
HETATM 905 O O   . HOH E 5 .  ? 6.203   10.848  -9.417  0.50 25.92 ? 265 HOH A O   1 
HETATM 906 O O   . HOH E 5 .  ? 13.432  -8.959  -9.560  1.00 32.22 ? 266 HOH A O   1 
HETATM 907 O O   . HOH E 5 .  ? -2.000  12.573  -8.183  1.00 27.99 ? 267 HOH A O   1 
HETATM 908 O O   . HOH E 5 .  ? 5.879   -2.802  14.362  1.00 38.39 ? 268 HOH A O   1 
# 
loop_
_pdbx_poly_seq_scheme.asym_id 
_pdbx_poly_seq_scheme.entity_id 
_pdbx_poly_seq_scheme.seq_id 
_pdbx_poly_seq_scheme.mon_id 
_pdbx_poly_seq_scheme.ndb_seq_num 
_pdbx_poly_seq_scheme.pdb_seq_num 
_pdbx_poly_seq_scheme.auth_seq_num 
_pdbx_poly_seq_scheme.pdb_mon_id 
_pdbx_poly_seq_scheme.auth_mon_id 
_pdbx_poly_seq_scheme.pdb_strand_id 
_pdbx_poly_seq_scheme.pdb_ins_code 
_pdbx_poly_seq_scheme.hetero 
A 1 1  PRO 1  1  1  PRO PRO A . n 
A 1 2  GLN 2  2  2  GLN GLN A . n 
A 1 3  ILE 3  3  3  ILE ILE A . n 
A 1 4  THR 4  4  4  THR THR A . n 
A 1 5  LEU 5  5  5  LEU LEU A . n 
A 1 6  TRP 6  6  6  TRP TRP A . n 
A 1 7  GLN 7  7  7  GLN GLN A . n 
A 1 8  ARG 8  8  8  ARG ARG A . n 
A 1 9  PRO 9  9  9  PRO PRO A . n 
A 1 10 ILE 10 10 10 ILE ILE A . n 
A 1 11 VAL 11 11 11 VAL VAL A . n 
A 1 12 THR 12 12 12 THR THR A . n 
A 1 13 ILE 13 13 13 ILE ILE A . n 
A 1 14 LYS 14 14 14 LYS LYS A . n 
A 1 15 VAL 15 15 15 VAL VAL A . n 
A 1 16 GLY 16 16 16 GLY GLY A . n 
A 1 17 GLY 17 17 17 GLY GLY A . n 
A 1 18 GLN 18 18 18 GLN GLN A . n 
A 1 19 LEU 19 19 19 LEU LEU A . n 
A 1 20 ARG 20 20 20 ARG ARG A . n 
A 1 21 GLU 21 21 21 GLU GLU A . n 
A 1 22 ALA 22 22 22 ALA ALA A . n 
A 1 23 LEU 23 23 23 LEU LEU A . n 
A 1 24 ILE 24 24 24 ILE ILE A . n 
A 1 25 ASP 25 25 25 ASP ASP A . n 
A 1 26 THR 26 26 26 THR THR A . n 
A 1 27 GLY 27 27 27 GLY GLY A . n 
A 1 28 ALA 28 28 28 ALA ALA A . n 
A 1 29 ASP 29 29 29 ASP ASP A . n 
A 1 30 ASP 30 30 30 ASP ASP A . n 
A 1 31 THR 31 31 31 THR THR A . n 
A 1 32 ILE 32 32 32 ILE ILE A . n 
A 1 33 PHE 33 33 33 PHE PHE A . n 
A 1 34 GLU 34 34 34 GLU GLU A . n 
A 1 35 GLU 35 35 35 GLU GLU A . n 
A 1 36 ILE 36 36 36 ILE ILE A . n 
A 1 37 ASN 37 37 37 ASN ASN A . n 
A 1 38 LEU 38 38 38 LEU LEU A . n 
A 1 39 PRO 39 39 39 PRO PRO A . n 
A 1 40 GLY 40 40 40 GLY GLY A . n 
A 1 41 ARG 41 41 41 ARG ARG A . n 
A 1 42 TRP 42 42 42 TRP TRP A . n 
A 1 43 LYS 43 43 43 LYS LYS A . n 
A 1 44 PRO 44 44 44 PRO PRO A . n 
A 1 45 LYS 45 45 45 LYS LYS A . n 
A 1 46 LEU 46 46 46 LEU LEU A . n 
A 1 47 ILE 47 47 47 ILE ILE A . n 
A 1 48 GLY 48 48 48 GLY GLY A . n 
A 1 49 GLY 49 49 49 GLY GLY A . n 
A 1 50 ILE 50 50 50 ILE ILE A . n 
A 1 51 GLY 51 51 51 GLY GLY A . n 
A 1 52 GLY 52 52 52 GLY GLY A . n 
A 1 53 PHE 53 53 53 PHE PHE A . n 
A 1 54 MET 54 54 54 MET MET A . n 
A 1 55 LYS 55 55 55 LYS LYS A . n 
A 1 56 VAL 56 56 56 VAL VAL A . n 
A 1 57 ARG 57 57 57 ARG ARG A . n 
A 1 58 GLN 58 58 58 GLN GLN A . n 
A 1 59 TYR 59 59 59 TYR TYR A . n 
A 1 60 ASP 60 60 60 ASP ASP A . n 
A 1 61 GLN 61 61 61 GLN GLN A . n 
A 1 62 ILE 62 62 62 ILE ILE A . n 
A 1 63 PRO 63 63 63 PRO PRO A . n 
A 1 64 ILE 64 64 64 ILE ILE A . n 
A 1 65 GLU 65 65 65 GLU GLU A . n 
A 1 66 ILE 66 66 66 ILE ILE A . n 
A 1 67 CYS 67 67 67 CYS CYS A . n 
A 1 68 GLY 68 68 68 GLY GLY A . n 
A 1 69 HIS 69 69 69 HIS HIS A . n 
A 1 70 GLN 70 70 70 GLN GLN A . n 
A 1 71 ALA 71 71 71 ALA ALA A . n 
A 1 72 ILE 72 72 72 ILE ILE A . n 
A 1 73 GLY 73 73 73 GLY GLY A . n 
A 1 74 THR 74 74 74 THR THR A . n 
A 1 75 VAL 75 75 75 VAL VAL A . n 
A 1 76 LEU 76 76 76 LEU LEU A . n 
A 1 77 VAL 77 77 77 VAL VAL A . n 
A 1 78 GLY 78 78 78 GLY GLY A . n 
A 1 79 PRO 79 79 79 PRO PRO A . n 
A 1 80 THR 80 80 80 THR THR A . n 
A 1 81 PRO 81 81 81 PRO PRO A . n 
A 1 82 ILE 82 82 82 ILE ILE A . n 
A 1 83 ASN 83 83 83 ASN ASN A . n 
A 1 84 VAL 84 84 84 VAL VAL A . n 
A 1 85 ILE 85 85 85 ILE ILE A . n 
A 1 86 GLY 86 86 86 GLY GLY A . n 
A 1 87 ARG 87 87 87 ARG ARG A . n 
A 1 88 ASN 88 88 88 ASN ASN A . n 
A 1 89 MET 89 89 89 MET MET A . n 
A 1 90 LEU 90 90 90 LEU LEU A . n 
A 1 91 THR 91 91 91 THR THR A . n 
A 1 92 GLN 92 92 92 GLN GLN A . n 
A 1 93 ILE 93 93 93 ILE ILE A . n 
A 1 94 GLY 94 94 94 GLY GLY A . n 
A 1 95 CYS 95 95 95 CYS CYS A . n 
A 1 96 THR 96 96 96 THR THR A . n 
A 1 97 LEU 97 97 97 LEU LEU A . n 
A 1 98 ASN 98 98 98 ASN ASN A . n 
A 1 99 PHE 99 99 99 PHE PHE A . n 
# 
loop_
_pdbx_nonpoly_scheme.asym_id 
_pdbx_nonpoly_scheme.entity_id 
_pdbx_nonpoly_scheme.mon_id 
_pdbx_nonpoly_scheme.ndb_seq_num 
_pdbx_nonpoly_scheme.pdb_seq_num 
_pdbx_nonpoly_scheme.auth_seq_num 
_pdbx_nonpoly_scheme.pdb_mon_id 
_pdbx_nonpoly_scheme.auth_mon_id 
_pdbx_nonpoly_scheme.pdb_strand_id 
_pdbx_nonpoly_scheme.pdb_ins_code 
B 2 GOL 1  101 1  GOL GOL A . 
C 3 JDY 1  102 1  JDY DRG A . 
D 4 EDO 1  103 1  EDO EDO A . 
E 5 HOH 1  201 75 HOH HOH A . 
E 5 HOH 2  202 4  HOH HOH A . 
E 5 HOH 3  203 26 HOH HOH A . 
E 5 HOH 4  204 36 HOH HOH A . 
E 5 HOH 5  205 7  HOH HOH A . 
E 5 HOH 6  206 41 HOH HOH A . 
E 5 HOH 7  207 43 HOH HOH A . 
E 5 HOH 8  208 34 HOH HOH A . 
E 5 HOH 9  209 23 HOH HOH A . 
E 5 HOH 10 210 73 HOH HOH A . 
E 5 HOH 11 211 2  HOH HOH A . 
E 5 HOH 12 212 64 HOH HOH A . 
E 5 HOH 13 213 40 HOH HOH A . 
E 5 HOH 14 214 65 HOH HOH A . 
E 5 HOH 15 215 66 HOH HOH A . 
E 5 HOH 16 216 17 HOH HOH A . 
E 5 HOH 17 217 39 HOH HOH A . 
E 5 HOH 18 218 71 HOH HOH A . 
E 5 HOH 19 219 10 HOH HOH A . 
E 5 HOH 20 220 6  HOH HOH A . 
E 5 HOH 21 221 19 HOH HOH A . 
E 5 HOH 22 222 5  HOH HOH A . 
E 5 HOH 23 223 1  HOH HOH A . 
E 5 HOH 24 224 47 HOH HOH A . 
E 5 HOH 25 225 68 HOH HOH A . 
E 5 HOH 26 226 76 HOH HOH A . 
E 5 HOH 27 227 25 HOH HOH A . 
E 5 HOH 28 228 21 HOH HOH A . 
E 5 HOH 29 229 62 HOH HOH A . 
E 5 HOH 30 230 16 HOH HOH A . 
E 5 HOH 31 231 31 HOH HOH A . 
E 5 HOH 32 232 30 HOH HOH A . 
E 5 HOH 33 233 27 HOH HOH A . 
E 5 HOH 34 234 37 HOH HOH A . 
E 5 HOH 35 235 46 HOH HOH A . 
E 5 HOH 36 236 45 HOH HOH A . 
E 5 HOH 37 237 12 HOH HOH A . 
E 5 HOH 38 238 3  HOH HOH A . 
E 5 HOH 39 239 50 HOH HOH A . 
E 5 HOH 40 240 32 HOH HOH A . 
E 5 HOH 41 241 59 HOH HOH A . 
E 5 HOH 42 242 53 HOH HOH A . 
E 5 HOH 43 243 22 HOH HOH A . 
E 5 HOH 44 244 9  HOH HOH A . 
E 5 HOH 45 245 11 HOH HOH A . 
E 5 HOH 46 246 18 HOH HOH A . 
E 5 HOH 47 247 8  HOH HOH A . 
E 5 HOH 48 248 13 HOH HOH A . 
E 5 HOH 49 249 28 HOH HOH A . 
E 5 HOH 50 250 57 HOH HOH A . 
E 5 HOH 51 251 38 HOH HOH A . 
E 5 HOH 52 252 74 HOH HOH A . 
E 5 HOH 53 253 69 HOH HOH A . 
E 5 HOH 54 254 61 HOH HOH A . 
E 5 HOH 55 255 51 HOH HOH A . 
E 5 HOH 56 256 20 HOH HOH A . 
E 5 HOH 57 257 15 HOH HOH A . 
E 5 HOH 58 258 77 HOH HOH A . 
E 5 HOH 59 259 14 HOH HOH A . 
E 5 HOH 60 260 49 HOH HOH A . 
E 5 HOH 61 261 60 HOH HOH A . 
E 5 HOH 62 262 42 HOH HOH A . 
E 5 HOH 63 263 29 HOH HOH A . 
E 5 HOH 64 264 70 HOH HOH A . 
E 5 HOH 65 265 55 HOH HOH A . 
E 5 HOH 66 266 72 HOH HOH A . 
E 5 HOH 67 267 54 HOH HOH A . 
E 5 HOH 68 268 67 HOH HOH A . 
# 
_pdbx_struct_assembly.id                   1 
_pdbx_struct_assembly.details              author_and_software_defined_assembly 
_pdbx_struct_assembly.method_details       PISA 
_pdbx_struct_assembly.oligomeric_details   dimeric 
_pdbx_struct_assembly.oligomeric_count     2 
# 
_pdbx_struct_assembly_gen.assembly_id       1 
_pdbx_struct_assembly_gen.oper_expression   1,2 
_pdbx_struct_assembly_gen.asym_id_list      A,B,C,D,E 
# 
loop_
_pdbx_struct_assembly_prop.biol_id 
_pdbx_struct_assembly_prop.type 
_pdbx_struct_assembly_prop.value 
_pdbx_struct_assembly_prop.details 
1 'ABSA (A^2)' 5090 ? 
1 MORE         -21  ? 
1 'SSA (A^2)'  9330 ? 
# 
loop_
_pdbx_struct_oper_list.id 
_pdbx_struct_oper_list.type 
_pdbx_struct_oper_list.name 
_pdbx_struct_oper_list.symmetry_operation 
_pdbx_struct_oper_list.matrix[1][1] 
_pdbx_struct_oper_list.matrix[1][2] 
_pdbx_struct_oper_list.matrix[1][3] 
_pdbx_struct_oper_list.vector[1] 
_pdbx_struct_oper_list.matrix[2][1] 
_pdbx_struct_oper_list.matrix[2][2] 
_pdbx_struct_oper_list.matrix[2][3] 
_pdbx_struct_oper_list.vector[2] 
_pdbx_struct_oper_list.matrix[3][1] 
_pdbx_struct_oper_list.matrix[3][2] 
_pdbx_struct_oper_list.matrix[3][3] 
_pdbx_struct_oper_list.vector[3] 
1 'identity operation'         1_555 x,y,z      1.0000000000 0.0000000000  0.0000000000  0.0000000000 0.0000000000  1.0000000000  0.0000000000 0.0000000000   0.0000000000  0.0000000000 1.0000000000  0.0000000000 
2 'crystal symmetry operation' 7_555 y,x,-z+1/3 0.8129881048 -0.1588753701 -0.5601865388 0.6247453378 -0.1588753701 -0.9860774689 0.0490901421 -19.7483606302 -0.5601865388 0.0490901421 -0.8269106358 7.6227893279 
# 
loop_
_pdbx_struct_special_symmetry.id 
_pdbx_struct_special_symmetry.PDB_model_num 
_pdbx_struct_special_symmetry.auth_asym_id 
_pdbx_struct_special_symmetry.auth_comp_id 
_pdbx_struct_special_symmetry.auth_seq_id 
_pdbx_struct_special_symmetry.PDB_ins_code 
_pdbx_struct_special_symmetry.label_asym_id 
_pdbx_struct_special_symmetry.label_comp_id 
_pdbx_struct_special_symmetry.label_seq_id 
1 1 A HOH 202 ? E HOH . 
2 1 A HOH 264 ? E HOH . 
3 1 A HOH 265 ? E HOH . 
# 
loop_
_pdbx_audit_revision_history.ordinal 
_pdbx_audit_revision_history.data_content_type 
_pdbx_audit_revision_history.major_revision 
_pdbx_audit_revision_history.minor_revision 
_pdbx_audit_revision_history.revision_date 
1 'Structure model' 1 0 2020-04-08 
2 'Structure model' 1 1 2020-08-26 
3 'Structure model' 1 2 2021-04-28 
4 'Structure model' 1 3 2023-10-11 
# 
_pdbx_audit_revision_details.ordinal             1 
_pdbx_audit_revision_details.revision_ordinal    1 
_pdbx_audit_revision_details.data_content_type   'Structure model' 
_pdbx_audit_revision_details.provider            repository 
_pdbx_audit_revision_details.type                'Initial release' 
_pdbx_audit_revision_details.description         ? 
_pdbx_audit_revision_details.details             ? 
# 
loop_
_pdbx_audit_revision_group.ordinal 
_pdbx_audit_revision_group.revision_ordinal 
_pdbx_audit_revision_group.data_content_type 
_pdbx_audit_revision_group.group 
1 2 'Structure model' 'Database references'    
2 3 'Structure model' 'Data collection'        
3 4 'Structure model' 'Data collection'        
4 4 'Structure model' 'Database references'    
5 4 'Structure model' 'Refinement description' 
# 
loop_
_pdbx_audit_revision_category.ordinal 
_pdbx_audit_revision_category.revision_ordinal 
_pdbx_audit_revision_category.data_content_type 
_pdbx_audit_revision_category.category 
1 2 'Structure model' citation                      
2 2 'Structure model' citation_author               
3 3 'Structure model' diffrn_source                 
4 4 'Structure model' chem_comp_atom                
5 4 'Structure model' chem_comp_bond                
6 4 'Structure model' database_2                    
7 4 'Structure model' pdbx_initial_refinement_model 
# 
loop_
_pdbx_audit_revision_item.ordinal 
_pdbx_audit_revision_item.revision_ordinal 
_pdbx_audit_revision_item.data_content_type 
_pdbx_audit_revision_item.item 
1  2 'Structure model' '_citation.country'                        
2  2 'Structure model' '_citation.journal_abbrev'                 
3  2 'Structure model' '_citation.journal_id_CSD'                 
4  2 'Structure model' '_citation.journal_id_ISSN'                
5  2 'Structure model' '_citation.journal_volume'                 
6  2 'Structure model' '_citation.page_first'                     
7  2 'Structure model' '_citation.page_last'                      
8  2 'Structure model' '_citation.pdbx_database_id_DOI'           
9  2 'Structure model' '_citation.pdbx_database_id_PubMed'        
10 2 'Structure model' '_citation.title'                          
11 2 'Structure model' '_citation.year'                           
12 3 'Structure model' '_diffrn_source.pdbx_synchrotron_beamline' 
13 3 'Structure model' '_diffrn_source.type'                      
14 4 'Structure model' '_database_2.pdbx_DOI'                     
15 4 'Structure model' '_database_2.pdbx_database_accession'      
# 
loop_
_software.citation_id 
_software.classification 
_software.compiler_name 
_software.compiler_version 
_software.contact_author 
_software.contact_author_email 
_software.date 
_software.description 
_software.dependencies 
_software.hardware 
_software.language 
_software.location 
_software.mods 
_software.name 
_software.os 
_software.os_version 
_software.type 
_software.version 
_software.pdbx_ordinal 
? refinement       ? ? ? ? ? ? ? ? ? ? ? REFMAC ? ? ? 5.8.0238 1 
? 'data reduction' ? ? ? ? ? ? ? ? ? ? ? xia2   ? ? ? .        2 
? 'data scaling'   ? ? ? ? ? ? ? ? ? ? ? xia2   ? ? ? .        3 
? phasing          ? ? ? ? ? ? ? ? ? ? ? MOLREP ? ? ? .        4 
# 
_pdbx_validate_symm_contact.id                1 
_pdbx_validate_symm_contact.PDB_model_num     1 
_pdbx_validate_symm_contact.auth_atom_id_1    CG 
_pdbx_validate_symm_contact.auth_asym_id_1    A 
_pdbx_validate_symm_contact.auth_comp_id_1    PRO 
_pdbx_validate_symm_contact.auth_seq_id_1     81 
_pdbx_validate_symm_contact.PDB_ins_code_1    ? 
_pdbx_validate_symm_contact.label_alt_id_1    ? 
_pdbx_validate_symm_contact.site_symmetry_1   1_555 
_pdbx_validate_symm_contact.auth_atom_id_2    FBP 
_pdbx_validate_symm_contact.auth_asym_id_2    A 
_pdbx_validate_symm_contact.auth_comp_id_2    JDY 
_pdbx_validate_symm_contact.auth_seq_id_2     102 
_pdbx_validate_symm_contact.PDB_ins_code_2    ? 
_pdbx_validate_symm_contact.label_alt_id_2    ? 
_pdbx_validate_symm_contact.site_symmetry_2   7_555 
_pdbx_validate_symm_contact.dist              2.16 
# 
_pdbx_validate_rmsd_bond.id                        1 
_pdbx_validate_rmsd_bond.PDB_model_num             1 
_pdbx_validate_rmsd_bond.auth_atom_id_1            CD 
_pdbx_validate_rmsd_bond.auth_asym_id_1            A 
_pdbx_validate_rmsd_bond.auth_comp_id_1            GLU 
_pdbx_validate_rmsd_bond.auth_seq_id_1             65 
_pdbx_validate_rmsd_bond.PDB_ins_code_1            ? 
_pdbx_validate_rmsd_bond.label_alt_id_1            ? 
_pdbx_validate_rmsd_bond.auth_atom_id_2            OE1 
_pdbx_validate_rmsd_bond.auth_asym_id_2            A 
_pdbx_validate_rmsd_bond.auth_comp_id_2            GLU 
_pdbx_validate_rmsd_bond.auth_seq_id_2             65 
_pdbx_validate_rmsd_bond.PDB_ins_code_2            ? 
_pdbx_validate_rmsd_bond.label_alt_id_2            ? 
_pdbx_validate_rmsd_bond.bond_value                1.319 
_pdbx_validate_rmsd_bond.bond_target_value         1.252 
_pdbx_validate_rmsd_bond.bond_deviation            0.067 
_pdbx_validate_rmsd_bond.bond_standard_deviation   0.011 
_pdbx_validate_rmsd_bond.linker_flag               N 
# 
loop_
_chem_comp_atom.comp_id 
_chem_comp_atom.atom_id 
_chem_comp_atom.type_symbol 
_chem_comp_atom.pdbx_aromatic_flag 
_chem_comp_atom.pdbx_stereo_config 
_chem_comp_atom.pdbx_ordinal 
ALA N    N N N 1   
ALA CA   C N S 2   
ALA C    C N N 3   
ALA O    O N N 4   
ALA CB   C N N 5   
ALA OXT  O N N 6   
ALA H    H N N 7   
ALA H2   H N N 8   
ALA HA   H N N 9   
ALA HB1  H N N 10  
ALA HB2  H N N 11  
ALA HB3  H N N 12  
ALA HXT  H N N 13  
ARG N    N N N 14  
ARG CA   C N S 15  
ARG C    C N N 16  
ARG O    O N N 17  
ARG CB   C N N 18  
ARG CG   C N N 19  
ARG CD   C N N 20  
ARG NE   N N N 21  
ARG CZ   C N N 22  
ARG NH1  N N N 23  
ARG NH2  N N N 24  
ARG OXT  O N N 25  
ARG H    H N N 26  
ARG H2   H N N 27  
ARG HA   H N N 28  
ARG HB2  H N N 29  
ARG HB3  H N N 30  
ARG HG2  H N N 31  
ARG HG3  H N N 32  
ARG HD2  H N N 33  
ARG HD3  H N N 34  
ARG HE   H N N 35  
ARG HH11 H N N 36  
ARG HH12 H N N 37  
ARG HH21 H N N 38  
ARG HH22 H N N 39  
ARG HXT  H N N 40  
ASN N    N N N 41  
ASN CA   C N S 42  
ASN C    C N N 43  
ASN O    O N N 44  
ASN CB   C N N 45  
ASN CG   C N N 46  
ASN OD1  O N N 47  
ASN ND2  N N N 48  
ASN OXT  O N N 49  
ASN H    H N N 50  
ASN H2   H N N 51  
ASN HA   H N N 52  
ASN HB2  H N N 53  
ASN HB3  H N N 54  
ASN HD21 H N N 55  
ASN HD22 H N N 56  
ASN HXT  H N N 57  
ASP N    N N N 58  
ASP CA   C N S 59  
ASP C    C N N 60  
ASP O    O N N 61  
ASP CB   C N N 62  
ASP CG   C N N 63  
ASP OD1  O N N 64  
ASP OD2  O N N 65  
ASP OXT  O N N 66  
ASP H    H N N 67  
ASP H2   H N N 68  
ASP HA   H N N 69  
ASP HB2  H N N 70  
ASP HB3  H N N 71  
ASP HD2  H N N 72  
ASP HXT  H N N 73  
CYS N    N N N 74  
CYS CA   C N R 75  
CYS C    C N N 76  
CYS O    O N N 77  
CYS CB   C N N 78  
CYS SG   S N N 79  
CYS OXT  O N N 80  
CYS H    H N N 81  
CYS H2   H N N 82  
CYS HA   H N N 83  
CYS HB2  H N N 84  
CYS HB3  H N N 85  
CYS HG   H N N 86  
CYS HXT  H N N 87  
EDO C1   C N N 88  
EDO O1   O N N 89  
EDO C2   C N N 90  
EDO O2   O N N 91  
EDO H11  H N N 92  
EDO H12  H N N 93  
EDO HO1  H N N 94  
EDO H21  H N N 95  
EDO H22  H N N 96  
EDO HO2  H N N 97  
GLN N    N N N 98  
GLN CA   C N S 99  
GLN C    C N N 100 
GLN O    O N N 101 
GLN CB   C N N 102 
GLN CG   C N N 103 
GLN CD   C N N 104 
GLN OE1  O N N 105 
GLN NE2  N N N 106 
GLN OXT  O N N 107 
GLN H    H N N 108 
GLN H2   H N N 109 
GLN HA   H N N 110 
GLN HB2  H N N 111 
GLN HB3  H N N 112 
GLN HG2  H N N 113 
GLN HG3  H N N 114 
GLN HE21 H N N 115 
GLN HE22 H N N 116 
GLN HXT  H N N 117 
GLU N    N N N 118 
GLU CA   C N S 119 
GLU C    C N N 120 
GLU O    O N N 121 
GLU CB   C N N 122 
GLU CG   C N N 123 
GLU CD   C N N 124 
GLU OE1  O N N 125 
GLU OE2  O N N 126 
GLU OXT  O N N 127 
GLU H    H N N 128 
GLU H2   H N N 129 
GLU HA   H N N 130 
GLU HB2  H N N 131 
GLU HB3  H N N 132 
GLU HG2  H N N 133 
GLU HG3  H N N 134 
GLU HE2  H N N 135 
GLU HXT  H N N 136 
GLY N    N N N 137 
GLY CA   C N N 138 
GLY C    C N N 139 
GLY O    O N N 140 
GLY OXT  O N N 141 
GLY H    H N N 142 
GLY H2   H N N 143 
GLY HA2  H N N 144 
GLY HA3  H N N 145 
GLY HXT  H N N 146 
GOL C1   C N N 147 
GOL O1   O N N 148 
GOL C2   C N N 149 
GOL O2   O N N 150 
GOL C3   C N N 151 
GOL O3   O N N 152 
GOL H11  H N N 153 
GOL H12  H N N 154 
GOL HO1  H N N 155 
GOL H2   H N N 156 
GOL HO2  H N N 157 
GOL H31  H N N 158 
GOL H32  H N N 159 
GOL HO3  H N N 160 
HIS N    N N N 161 
HIS CA   C N S 162 
HIS C    C N N 163 
HIS O    O N N 164 
HIS CB   C N N 165 
HIS CG   C Y N 166 
HIS ND1  N Y N 167 
HIS CD2  C Y N 168 
HIS CE1  C Y N 169 
HIS NE2  N Y N 170 
HIS OXT  O N N 171 
HIS H    H N N 172 
HIS H2   H N N 173 
HIS HA   H N N 174 
HIS HB2  H N N 175 
HIS HB3  H N N 176 
HIS HD1  H N N 177 
HIS HD2  H N N 178 
HIS HE1  H N N 179 
HIS HE2  H N N 180 
HIS HXT  H N N 181 
HOH O    O N N 182 
HOH H1   H N N 183 
HOH H2   H N N 184 
ILE N    N N N 185 
ILE CA   C N S 186 
ILE C    C N N 187 
ILE O    O N N 188 
ILE CB   C N S 189 
ILE CG1  C N N 190 
ILE CG2  C N N 191 
ILE CD1  C N N 192 
ILE OXT  O N N 193 
ILE H    H N N 194 
ILE H2   H N N 195 
ILE HA   H N N 196 
ILE HB   H N N 197 
ILE HG12 H N N 198 
ILE HG13 H N N 199 
ILE HG21 H N N 200 
ILE HG22 H N N 201 
ILE HG23 H N N 202 
ILE HD11 H N N 203 
ILE HD12 H N N 204 
ILE HD13 H N N 205 
ILE HXT  H N N 206 
JDY CAA  C N R 207 
JDY CAC  C N N 208 
JDY CAD  C N S 209 
JDY CAE  C N R 210 
JDY CAF  C N S 211 
JDY CAG  C N R 212 
JDY CAH  C N N 213 
JDY CAJ  C N N 214 
JDY CAL  C N N 215 
JDY CAO  C N S 216 
JDY CAP  C N N 217 
JDY CAS  C Y N 218 
JDY CAT  C N R 219 
JDY CAW  C N N 220 
JDY CAX  C Y N 221 
JDY CAY  C Y N 222 
JDY CAZ  C Y N 223 
JDY CBA  C Y N 224 
JDY CBB  C Y N 225 
JDY CBD  C Y N 226 
JDY CBG  C N N 227 
JDY CBH  C Y N 228 
JDY CBI  C Y N 229 
JDY CBJ  C Y N 230 
JDY CBK  C Y N 231 
JDY CBL  C Y N 232 
JDY CBM  C Y N 233 
JDY CBN  C N N 234 
JDY CBO  C N N 235 
JDY CBR  C N N 236 
JDY CBS  C N N 237 
JDY CBT  C N N 238 
JDY CBU  C N N 239 
JDY FBP  F N N 240 
JDY NAN  N N N 241 
JDY NAQ  N N N 242 
JDY NBE  N Y N 243 
JDY NBF  N N N 244 
JDY OAB  O N N 245 
JDY OAI  O N N 246 
JDY OAK  O N N 247 
JDY OAM  O N N 248 
JDY OAU  O N N 249 
JDY OAV  O N N 250 
JDY OBQ  O N N 251 
JDY SAR  S N N 252 
JDY SBC  S Y N 253 
JDY HAA  H N N 254 
JDY HAD  H N N 255 
JDY HAC  H N N 256 
JDY HAE  H N N 257 
JDY HAF  H N N 258 
JDY HAG  H N N 259 
JDY HAH  H N N 260 
JDY HAI  H N N 261 
JDY HAJ  H N N 262 
JDY HAK  H N N 263 
JDY HAL  H N N 264 
JDY HAO  H N N 265 
JDY HAQ  H N N 266 
JDY HAP  H N N 267 
JDY HAT  H N N 268 
JDY HAX  H N N 269 
JDY HAW  H N N 270 
JDY HAY  H N N 271 
JDY HBA  H N N 272 
JDY HBB  H N N 273 
JDY HBG  H N N 274 
JDY HBI  H N N 275 
JDY HBJ  H N N 276 
JDY HBK  H N N 277 
JDY HBM  H N N 278 
JDY HBO  H N N 279 
JDY HBN  H N N 280 
JDY HBQ  H N N 281 
JDY HBP  H N N 282 
JDY HBR  H N N 283 
JDY HBS  H N N 284 
JDY HBT  H N N 285 
JDY HBV  H N N 286 
JDY HBW  H N N 287 
JDY HBU  H N N 288 
JDY HBY  H N N 289 
JDY HBZ  H N N 290 
JDY HBX  H N N 291 
JDY HAN  H N N 292 
JDY HBF  H N N 293 
JDY HB0  H N N 294 
LEU N    N N N 295 
LEU CA   C N S 296 
LEU C    C N N 297 
LEU O    O N N 298 
LEU CB   C N N 299 
LEU CG   C N N 300 
LEU CD1  C N N 301 
LEU CD2  C N N 302 
LEU OXT  O N N 303 
LEU H    H N N 304 
LEU H2   H N N 305 
LEU HA   H N N 306 
LEU HB2  H N N 307 
LEU HB3  H N N 308 
LEU HG   H N N 309 
LEU HD11 H N N 310 
LEU HD12 H N N 311 
LEU HD13 H N N 312 
LEU HD21 H N N 313 
LEU HD22 H N N 314 
LEU HD23 H N N 315 
LEU HXT  H N N 316 
LYS N    N N N 317 
LYS CA   C N S 318 
LYS C    C N N 319 
LYS O    O N N 320 
LYS CB   C N N 321 
LYS CG   C N N 322 
LYS CD   C N N 323 
LYS CE   C N N 324 
LYS NZ   N N N 325 
LYS OXT  O N N 326 
LYS H    H N N 327 
LYS H2   H N N 328 
LYS HA   H N N 329 
LYS HB2  H N N 330 
LYS HB3  H N N 331 
LYS HG2  H N N 332 
LYS HG3  H N N 333 
LYS HD2  H N N 334 
LYS HD3  H N N 335 
LYS HE2  H N N 336 
LYS HE3  H N N 337 
LYS HZ1  H N N 338 
LYS HZ2  H N N 339 
LYS HZ3  H N N 340 
LYS HXT  H N N 341 
MET N    N N N 342 
MET CA   C N S 343 
MET C    C N N 344 
MET O    O N N 345 
MET CB   C N N 346 
MET CG   C N N 347 
MET SD   S N N 348 
MET CE   C N N 349 
MET OXT  O N N 350 
MET H    H N N 351 
MET H2   H N N 352 
MET HA   H N N 353 
MET HB2  H N N 354 
MET HB3  H N N 355 
MET HG2  H N N 356 
MET HG3  H N N 357 
MET HE1  H N N 358 
MET HE2  H N N 359 
MET HE3  H N N 360 
MET HXT  H N N 361 
PHE N    N N N 362 
PHE CA   C N S 363 
PHE C    C N N 364 
PHE O    O N N 365 
PHE CB   C N N 366 
PHE CG   C Y N 367 
PHE CD1  C Y N 368 
PHE CD2  C Y N 369 
PHE CE1  C Y N 370 
PHE CE2  C Y N 371 
PHE CZ   C Y N 372 
PHE OXT  O N N 373 
PHE H    H N N 374 
PHE H2   H N N 375 
PHE HA   H N N 376 
PHE HB2  H N N 377 
PHE HB3  H N N 378 
PHE HD1  H N N 379 
PHE HD2  H N N 380 
PHE HE1  H N N 381 
PHE HE2  H N N 382 
PHE HZ   H N N 383 
PHE HXT  H N N 384 
PRO N    N N N 385 
PRO CA   C N S 386 
PRO C    C N N 387 
PRO O    O N N 388 
PRO CB   C N N 389 
PRO CG   C N N 390 
PRO CD   C N N 391 
PRO OXT  O N N 392 
PRO H    H N N 393 
PRO HA   H N N 394 
PRO HB2  H N N 395 
PRO HB3  H N N 396 
PRO HG2  H N N 397 
PRO HG3  H N N 398 
PRO HD2  H N N 399 
PRO HD3  H N N 400 
PRO HXT  H N N 401 
THR N    N N N 402 
THR CA   C N S 403 
THR C    C N N 404 
THR O    O N N 405 
THR CB   C N R 406 
THR OG1  O N N 407 
THR CG2  C N N 408 
THR OXT  O N N 409 
THR H    H N N 410 
THR H2   H N N 411 
THR HA   H N N 412 
THR HB   H N N 413 
THR HG1  H N N 414 
THR HG21 H N N 415 
THR HG22 H N N 416 
THR HG23 H N N 417 
THR HXT  H N N 418 
TRP N    N N N 419 
TRP CA   C N S 420 
TRP C    C N N 421 
TRP O    O N N 422 
TRP CB   C N N 423 
TRP CG   C Y N 424 
TRP CD1  C Y N 425 
TRP CD2  C Y N 426 
TRP NE1  N Y N 427 
TRP CE2  C Y N 428 
TRP CE3  C Y N 429 
TRP CZ2  C Y N 430 
TRP CZ3  C Y N 431 
TRP CH2  C Y N 432 
TRP OXT  O N N 433 
TRP H    H N N 434 
TRP H2   H N N 435 
TRP HA   H N N 436 
TRP HB2  H N N 437 
TRP HB3  H N N 438 
TRP HD1  H N N 439 
TRP HE1  H N N 440 
TRP HE3  H N N 441 
TRP HZ2  H N N 442 
TRP HZ3  H N N 443 
TRP HH2  H N N 444 
TRP HXT  H N N 445 
TYR N    N N N 446 
TYR CA   C N S 447 
TYR C    C N N 448 
TYR O    O N N 449 
TYR CB   C N N 450 
TYR CG   C Y N 451 
TYR CD1  C Y N 452 
TYR CD2  C Y N 453 
TYR CE1  C Y N 454 
TYR CE2  C Y N 455 
TYR CZ   C Y N 456 
TYR OH   O N N 457 
TYR OXT  O N N 458 
TYR H    H N N 459 
TYR H2   H N N 460 
TYR HA   H N N 461 
TYR HB2  H N N 462 
TYR HB3  H N N 463 
TYR HD1  H N N 464 
TYR HD2  H N N 465 
TYR HE1  H N N 466 
TYR HE2  H N N 467 
TYR HH   H N N 468 
TYR HXT  H N N 469 
VAL N    N N N 470 
VAL CA   C N S 471 
VAL C    C N N 472 
VAL O    O N N 473 
VAL CB   C N N 474 
VAL CG1  C N N 475 
VAL CG2  C N N 476 
VAL OXT  O N N 477 
VAL H    H N N 478 
VAL H2   H N N 479 
VAL HA   H N N 480 
VAL HB   H N N 481 
VAL HG11 H N N 482 
VAL HG12 H N N 483 
VAL HG13 H N N 484 
VAL HG21 H N N 485 
VAL HG22 H N N 486 
VAL HG23 H N N 487 
VAL HXT  H N N 488 
# 
loop_
_chem_comp_bond.comp_id 
_chem_comp_bond.atom_id_1 
_chem_comp_bond.atom_id_2 
_chem_comp_bond.value_order 
_chem_comp_bond.pdbx_aromatic_flag 
_chem_comp_bond.pdbx_stereo_config 
_chem_comp_bond.pdbx_ordinal 
ALA N   CA   sing N N 1   
ALA N   H    sing N N 2   
ALA N   H2   sing N N 3   
ALA CA  C    sing N N 4   
ALA CA  CB   sing N N 5   
ALA CA  HA   sing N N 6   
ALA C   O    doub N N 7   
ALA C   OXT  sing N N 8   
ALA CB  HB1  sing N N 9   
ALA CB  HB2  sing N N 10  
ALA CB  HB3  sing N N 11  
ALA OXT HXT  sing N N 12  
ARG N   CA   sing N N 13  
ARG N   H    sing N N 14  
ARG N   H2   sing N N 15  
ARG CA  C    sing N N 16  
ARG CA  CB   sing N N 17  
ARG CA  HA   sing N N 18  
ARG C   O    doub N N 19  
ARG C   OXT  sing N N 20  
ARG CB  CG   sing N N 21  
ARG CB  HB2  sing N N 22  
ARG CB  HB3  sing N N 23  
ARG CG  CD   sing N N 24  
ARG CG  HG2  sing N N 25  
ARG CG  HG3  sing N N 26  
ARG CD  NE   sing N N 27  
ARG CD  HD2  sing N N 28  
ARG CD  HD3  sing N N 29  
ARG NE  CZ   sing N N 30  
ARG NE  HE   sing N N 31  
ARG CZ  NH1  sing N N 32  
ARG CZ  NH2  doub N N 33  
ARG NH1 HH11 sing N N 34  
ARG NH1 HH12 sing N N 35  
ARG NH2 HH21 sing N N 36  
ARG NH2 HH22 sing N N 37  
ARG OXT HXT  sing N N 38  
ASN N   CA   sing N N 39  
ASN N   H    sing N N 40  
ASN N   H2   sing N N 41  
ASN CA  C    sing N N 42  
ASN CA  CB   sing N N 43  
ASN CA  HA   sing N N 44  
ASN C   O    doub N N 45  
ASN C   OXT  sing N N 46  
ASN CB  CG   sing N N 47  
ASN CB  HB2  sing N N 48  
ASN CB  HB3  sing N N 49  
ASN CG  OD1  doub N N 50  
ASN CG  ND2  sing N N 51  
ASN ND2 HD21 sing N N 52  
ASN ND2 HD22 sing N N 53  
ASN OXT HXT  sing N N 54  
ASP N   CA   sing N N 55  
ASP N   H    sing N N 56  
ASP N   H2   sing N N 57  
ASP CA  C    sing N N 58  
ASP CA  CB   sing N N 59  
ASP CA  HA   sing N N 60  
ASP C   O    doub N N 61  
ASP C   OXT  sing N N 62  
ASP CB  CG   sing N N 63  
ASP CB  HB2  sing N N 64  
ASP CB  HB3  sing N N 65  
ASP CG  OD1  doub N N 66  
ASP CG  OD2  sing N N 67  
ASP OD2 HD2  sing N N 68  
ASP OXT HXT  sing N N 69  
CYS N   CA   sing N N 70  
CYS N   H    sing N N 71  
CYS N   H2   sing N N 72  
CYS CA  C    sing N N 73  
CYS CA  CB   sing N N 74  
CYS CA  HA   sing N N 75  
CYS C   O    doub N N 76  
CYS C   OXT  sing N N 77  
CYS CB  SG   sing N N 78  
CYS CB  HB2  sing N N 79  
CYS CB  HB3  sing N N 80  
CYS SG  HG   sing N N 81  
CYS OXT HXT  sing N N 82  
EDO C1  O1   sing N N 83  
EDO C1  C2   sing N N 84  
EDO C1  H11  sing N N 85  
EDO C1  H12  sing N N 86  
EDO O1  HO1  sing N N 87  
EDO C2  O2   sing N N 88  
EDO C2  H21  sing N N 89  
EDO C2  H22  sing N N 90  
EDO O2  HO2  sing N N 91  
GLN N   CA   sing N N 92  
GLN N   H    sing N N 93  
GLN N   H2   sing N N 94  
GLN CA  C    sing N N 95  
GLN CA  CB   sing N N 96  
GLN CA  HA   sing N N 97  
GLN C   O    doub N N 98  
GLN C   OXT  sing N N 99  
GLN CB  CG   sing N N 100 
GLN CB  HB2  sing N N 101 
GLN CB  HB3  sing N N 102 
GLN CG  CD   sing N N 103 
GLN CG  HG2  sing N N 104 
GLN CG  HG3  sing N N 105 
GLN CD  OE1  doub N N 106 
GLN CD  NE2  sing N N 107 
GLN NE2 HE21 sing N N 108 
GLN NE2 HE22 sing N N 109 
GLN OXT HXT  sing N N 110 
GLU N   CA   sing N N 111 
GLU N   H    sing N N 112 
GLU N   H2   sing N N 113 
GLU CA  C    sing N N 114 
GLU CA  CB   sing N N 115 
GLU CA  HA   sing N N 116 
GLU C   O    doub N N 117 
GLU C   OXT  sing N N 118 
GLU CB  CG   sing N N 119 
GLU CB  HB2  sing N N 120 
GLU CB  HB3  sing N N 121 
GLU CG  CD   sing N N 122 
GLU CG  HG2  sing N N 123 
GLU CG  HG3  sing N N 124 
GLU CD  OE1  doub N N 125 
GLU CD  OE2  sing N N 126 
GLU OE2 HE2  sing N N 127 
GLU OXT HXT  sing N N 128 
GLY N   CA   sing N N 129 
GLY N   H    sing N N 130 
GLY N   H2   sing N N 131 
GLY CA  C    sing N N 132 
GLY CA  HA2  sing N N 133 
GLY CA  HA3  sing N N 134 
GLY C   O    doub N N 135 
GLY C   OXT  sing N N 136 
GLY OXT HXT  sing N N 137 
GOL C1  O1   sing N N 138 
GOL C1  C2   sing N N 139 
GOL C1  H11  sing N N 140 
GOL C1  H12  sing N N 141 
GOL O1  HO1  sing N N 142 
GOL C2  O2   sing N N 143 
GOL C2  C3   sing N N 144 
GOL C2  H2   sing N N 145 
GOL O2  HO2  sing N N 146 
GOL C3  O3   sing N N 147 
GOL C3  H31  sing N N 148 
GOL C3  H32  sing N N 149 
GOL O3  HO3  sing N N 150 
HIS N   CA   sing N N 151 
HIS N   H    sing N N 152 
HIS N   H2   sing N N 153 
HIS CA  C    sing N N 154 
HIS CA  CB   sing N N 155 
HIS CA  HA   sing N N 156 
HIS C   O    doub N N 157 
HIS C   OXT  sing N N 158 
HIS CB  CG   sing N N 159 
HIS CB  HB2  sing N N 160 
HIS CB  HB3  sing N N 161 
HIS CG  ND1  sing Y N 162 
HIS CG  CD2  doub Y N 163 
HIS ND1 CE1  doub Y N 164 
HIS ND1 HD1  sing N N 165 
HIS CD2 NE2  sing Y N 166 
HIS CD2 HD2  sing N N 167 
HIS CE1 NE2  sing Y N 168 
HIS CE1 HE1  sing N N 169 
HIS NE2 HE2  sing N N 170 
HIS OXT HXT  sing N N 171 
HOH O   H1   sing N N 172 
HOH O   H2   sing N N 173 
ILE N   CA   sing N N 174 
ILE N   H    sing N N 175 
ILE N   H2   sing N N 176 
ILE CA  C    sing N N 177 
ILE CA  CB   sing N N 178 
ILE CA  HA   sing N N 179 
ILE C   O    doub N N 180 
ILE C   OXT  sing N N 181 
ILE CB  CG1  sing N N 182 
ILE CB  CG2  sing N N 183 
ILE CB  HB   sing N N 184 
ILE CG1 CD1  sing N N 185 
ILE CG1 HG12 sing N N 186 
ILE CG1 HG13 sing N N 187 
ILE CG2 HG21 sing N N 188 
ILE CG2 HG22 sing N N 189 
ILE CG2 HG23 sing N N 190 
ILE CD1 HD11 sing N N 191 
ILE CD1 HD12 sing N N 192 
ILE CD1 HD13 sing N N 193 
ILE OXT HXT  sing N N 194 
JDY CBO CBG  sing N N 195 
JDY CBO CBN  sing N N 196 
JDY CBG NBF  sing N N 197 
JDY CBG CBN  sing N N 198 
JDY NBF CBD  sing N N 199 
JDY CBD NBE  doub Y N 200 
JDY CBD SBC  sing Y N 201 
JDY NBE CAZ  sing Y N 202 
JDY SBC CAY  sing Y N 203 
JDY CAZ CBA  doub Y N 204 
JDY CAZ CAY  sing Y N 205 
JDY CBA CBB  sing Y N 206 
JDY CAY CAX  doub Y N 207 
JDY CBB CAS  doub Y N 208 
JDY CAX CAS  sing Y N 209 
JDY CAS SAR  sing N N 210 
JDY SAR OAU  doub N N 211 
JDY SAR OAV  doub N N 212 
JDY SAR NAQ  sing N N 213 
JDY CBR NAQ  sing N N 214 
JDY CBR CBS  sing N N 215 
JDY NAQ CAP  sing N N 216 
JDY CAP CAT  sing N N 217 
JDY CBT CBS  sing N N 218 
JDY CBS CBU  sing N N 219 
JDY CAT OBQ  sing N N 220 
JDY CAT CAO  sing N N 221 
JDY CAW CAO  sing N N 222 
JDY CAW CBH  sing N N 223 
JDY CBM CBH  doub Y N 224 
JDY CBM CBL  sing Y N 225 
JDY FBP CBL  sing N N 226 
JDY CAO NAN  sing N N 227 
JDY CBH CBI  sing Y N 228 
JDY CBL CBK  doub Y N 229 
JDY CBI CBJ  doub Y N 230 
JDY CBK CBJ  sing Y N 231 
JDY NAN CAL  sing N N 232 
JDY OAM CAL  doub N N 233 
JDY CAL OAK  sing N N 234 
JDY OAK CAF  sing N N 235 
JDY CAF CAD  sing N N 236 
JDY CAF CAG  sing N N 237 
JDY CAC CAD  sing N N 238 
JDY CAC OAB  sing N N 239 
JDY CAD CAE  sing N N 240 
JDY CAG CAJ  sing N N 241 
JDY CAG CAH  sing N N 242 
JDY OAB CAA  sing N N 243 
JDY CAJ OAI  sing N N 244 
JDY CAE CAH  sing N N 245 
JDY CAE CAA  sing N N 246 
JDY CAA OAI  sing N N 247 
JDY CAA HAA  sing N N 248 
JDY CAC HAD  sing N N 249 
JDY CAC HAC  sing N N 250 
JDY CAD HAE  sing N N 251 
JDY CAE HAF  sing N N 252 
JDY CAF HAG  sing N N 253 
JDY CAG HAH  sing N N 254 
JDY CAH HAI  sing N N 255 
JDY CAH HAJ  sing N N 256 
JDY CAJ HAK  sing N N 257 
JDY CAJ HAL  sing N N 258 
JDY CAO HAO  sing N N 259 
JDY CAP HAQ  sing N N 260 
JDY CAP HAP  sing N N 261 
JDY CAT HAT  sing N N 262 
JDY CAW HAX  sing N N 263 
JDY CAW HAW  sing N N 264 
JDY CAX HAY  sing N N 265 
JDY CBA HBA  sing N N 266 
JDY CBB HBB  sing N N 267 
JDY CBG HBG  sing N N 268 
JDY CBI HBI  sing N N 269 
JDY CBJ HBJ  sing N N 270 
JDY CBK HBK  sing N N 271 
JDY CBM HBM  sing N N 272 
JDY CBN HBO  sing N N 273 
JDY CBN HBN  sing N N 274 
JDY CBO HBQ  sing N N 275 
JDY CBO HBP  sing N N 276 
JDY CBR HBR  sing N N 277 
JDY CBR HBS  sing N N 278 
JDY CBS HBT  sing N N 279 
JDY CBT HBV  sing N N 280 
JDY CBT HBW  sing N N 281 
JDY CBT HBU  sing N N 282 
JDY CBU HBY  sing N N 283 
JDY CBU HBZ  sing N N 284 
JDY CBU HBX  sing N N 285 
JDY NAN HAN  sing N N 286 
JDY NBF HBF  sing N N 287 
JDY OBQ HB0  sing N N 288 
LEU N   CA   sing N N 289 
LEU N   H    sing N N 290 
LEU N   H2   sing N N 291 
LEU CA  C    sing N N 292 
LEU CA  CB   sing N N 293 
LEU CA  HA   sing N N 294 
LEU C   O    doub N N 295 
LEU C   OXT  sing N N 296 
LEU CB  CG   sing N N 297 
LEU CB  HB2  sing N N 298 
LEU CB  HB3  sing N N 299 
LEU CG  CD1  sing N N 300 
LEU CG  CD2  sing N N 301 
LEU CG  HG   sing N N 302 
LEU CD1 HD11 sing N N 303 
LEU CD1 HD12 sing N N 304 
LEU CD1 HD13 sing N N 305 
LEU CD2 HD21 sing N N 306 
LEU CD2 HD22 sing N N 307 
LEU CD2 HD23 sing N N 308 
LEU OXT HXT  sing N N 309 
LYS N   CA   sing N N 310 
LYS N   H    sing N N 311 
LYS N   H2   sing N N 312 
LYS CA  C    sing N N 313 
LYS CA  CB   sing N N 314 
LYS CA  HA   sing N N 315 
LYS C   O    doub N N 316 
LYS C   OXT  sing N N 317 
LYS CB  CG   sing N N 318 
LYS CB  HB2  sing N N 319 
LYS CB  HB3  sing N N 320 
LYS CG  CD   sing N N 321 
LYS CG  HG2  sing N N 322 
LYS CG  HG3  sing N N 323 
LYS CD  CE   sing N N 324 
LYS CD  HD2  sing N N 325 
LYS CD  HD3  sing N N 326 
LYS CE  NZ   sing N N 327 
LYS CE  HE2  sing N N 328 
LYS CE  HE3  sing N N 329 
LYS NZ  HZ1  sing N N 330 
LYS NZ  HZ2  sing N N 331 
LYS NZ  HZ3  sing N N 332 
LYS OXT HXT  sing N N 333 
MET N   CA   sing N N 334 
MET N   H    sing N N 335 
MET N   H2   sing N N 336 
MET CA  C    sing N N 337 
MET CA  CB   sing N N 338 
MET CA  HA   sing N N 339 
MET C   O    doub N N 340 
MET C   OXT  sing N N 341 
MET CB  CG   sing N N 342 
MET CB  HB2  sing N N 343 
MET CB  HB3  sing N N 344 
MET CG  SD   sing N N 345 
MET CG  HG2  sing N N 346 
MET CG  HG3  sing N N 347 
MET SD  CE   sing N N 348 
MET CE  HE1  sing N N 349 
MET CE  HE2  sing N N 350 
MET CE  HE3  sing N N 351 
MET OXT HXT  sing N N 352 
PHE N   CA   sing N N 353 
PHE N   H    sing N N 354 
PHE N   H2   sing N N 355 
PHE CA  C    sing N N 356 
PHE CA  CB   sing N N 357 
PHE CA  HA   sing N N 358 
PHE C   O    doub N N 359 
PHE C   OXT  sing N N 360 
PHE CB  CG   sing N N 361 
PHE CB  HB2  sing N N 362 
PHE CB  HB3  sing N N 363 
PHE CG  CD1  doub Y N 364 
PHE CG  CD2  sing Y N 365 
PHE CD1 CE1  sing Y N 366 
PHE CD1 HD1  sing N N 367 
PHE CD2 CE2  doub Y N 368 
PHE CD2 HD2  sing N N 369 
PHE CE1 CZ   doub Y N 370 
PHE CE1 HE1  sing N N 371 
PHE CE2 CZ   sing Y N 372 
PHE CE2 HE2  sing N N 373 
PHE CZ  HZ   sing N N 374 
PHE OXT HXT  sing N N 375 
PRO N   CA   sing N N 376 
PRO N   CD   sing N N 377 
PRO N   H    sing N N 378 
PRO CA  C    sing N N 379 
PRO CA  CB   sing N N 380 
PRO CA  HA   sing N N 381 
PRO C   O    doub N N 382 
PRO C   OXT  sing N N 383 
PRO CB  CG   sing N N 384 
PRO CB  HB2  sing N N 385 
PRO CB  HB3  sing N N 386 
PRO CG  CD   sing N N 387 
PRO CG  HG2  sing N N 388 
PRO CG  HG3  sing N N 389 
PRO CD  HD2  sing N N 390 
PRO CD  HD3  sing N N 391 
PRO OXT HXT  sing N N 392 
THR N   CA   sing N N 393 
THR N   H    sing N N 394 
THR N   H2   sing N N 395 
THR CA  C    sing N N 396 
THR CA  CB   sing N N 397 
THR CA  HA   sing N N 398 
THR C   O    doub N N 399 
THR C   OXT  sing N N 400 
THR CB  OG1  sing N N 401 
THR CB  CG2  sing N N 402 
THR CB  HB   sing N N 403 
THR OG1 HG1  sing N N 404 
THR CG2 HG21 sing N N 405 
THR CG2 HG22 sing N N 406 
THR CG2 HG23 sing N N 407 
THR OXT HXT  sing N N 408 
TRP N   CA   sing N N 409 
TRP N   H    sing N N 410 
TRP N   H2   sing N N 411 
TRP CA  C    sing N N 412 
TRP CA  CB   sing N N 413 
TRP CA  HA   sing N N 414 
TRP C   O    doub N N 415 
TRP C   OXT  sing N N 416 
TRP CB  CG   sing N N 417 
TRP CB  HB2  sing N N 418 
TRP CB  HB3  sing N N 419 
TRP CG  CD1  doub Y N 420 
TRP CG  CD2  sing Y N 421 
TRP CD1 NE1  sing Y N 422 
TRP CD1 HD1  sing N N 423 
TRP CD2 CE2  doub Y N 424 
TRP CD2 CE3  sing Y N 425 
TRP NE1 CE2  sing Y N 426 
TRP NE1 HE1  sing N N 427 
TRP CE2 CZ2  sing Y N 428 
TRP CE3 CZ3  doub Y N 429 
TRP CE3 HE3  sing N N 430 
TRP CZ2 CH2  doub Y N 431 
TRP CZ2 HZ2  sing N N 432 
TRP CZ3 CH2  sing Y N 433 
TRP CZ3 HZ3  sing N N 434 
TRP CH2 HH2  sing N N 435 
TRP OXT HXT  sing N N 436 
TYR N   CA   sing N N 437 
TYR N   H    sing N N 438 
TYR N   H2   sing N N 439 
TYR CA  C    sing N N 440 
TYR CA  CB   sing N N 441 
TYR CA  HA   sing N N 442 
TYR C   O    doub N N 443 
TYR C   OXT  sing N N 444 
TYR CB  CG   sing N N 445 
TYR CB  HB2  sing N N 446 
TYR CB  HB3  sing N N 447 
TYR CG  CD1  doub Y N 448 
TYR CG  CD2  sing Y N 449 
TYR CD1 CE1  sing Y N 450 
TYR CD1 HD1  sing N N 451 
TYR CD2 CE2  doub Y N 452 
TYR CD2 HD2  sing N N 453 
TYR CE1 CZ   doub Y N 454 
TYR CE1 HE1  sing N N 455 
TYR CE2 CZ   sing Y N 456 
TYR CE2 HE2  sing N N 457 
TYR CZ  OH   sing N N 458 
TYR OH  HH   sing N N 459 
TYR OXT HXT  sing N N 460 
VAL N   CA   sing N N 461 
VAL N   H    sing N N 462 
VAL N   H2   sing N N 463 
VAL CA  C    sing N N 464 
VAL CA  CB   sing N N 465 
VAL CA  HA   sing N N 466 
VAL C   O    doub N N 467 
VAL C   OXT  sing N N 468 
VAL CB  CG1  sing N N 469 
VAL CB  CG2  sing N N 470 
VAL CB  HB   sing N N 471 
VAL CG1 HG11 sing N N 472 
VAL CG1 HG12 sing N N 473 
VAL CG1 HG13 sing N N 474 
VAL CG2 HG21 sing N N 475 
VAL CG2 HG22 sing N N 476 
VAL CG2 HG23 sing N N 477 
VAL OXT HXT  sing N N 478 
# 
_pdbx_audit_support.funding_organization   'National Institutes of Health/National Cancer Institute (NIH/NCI)' 
_pdbx_audit_support.country                'United States' 
_pdbx_audit_support.grant_number           ? 
_pdbx_audit_support.ordinal                1 
# 
_pdbx_entity_instance_feature.ordinal        1 
_pdbx_entity_instance_feature.comp_id        JDY 
_pdbx_entity_instance_feature.asym_id        ? 
_pdbx_entity_instance_feature.seq_num        ? 
_pdbx_entity_instance_feature.auth_comp_id   JDY 
_pdbx_entity_instance_feature.auth_asym_id   ? 
_pdbx_entity_instance_feature.auth_seq_num   ? 
_pdbx_entity_instance_feature.feature_type   'SUBJECT OF INVESTIGATION' 
_pdbx_entity_instance_feature.details        ? 
# 
loop_
_pdbx_entity_nonpoly.entity_id 
_pdbx_entity_nonpoly.name 
_pdbx_entity_nonpoly.comp_id 
2 GLYCEROL GOL 
3 
;(3S,3aR,5R,7aS,8S)-hexahydro-4H-3,5-methanofuro[2,3-b]pyran-8-yl [(2S,3R)-4-[{[2-(cyclopropylamino)-1,3-benzothiazol-6-yl]sulfonyl}(2-methylpropyl)amino]-1-(3-fluorophenyl)-3-hydroxybutan-2-yl]carbamate
;
JDY 
4 1,2-ETHANEDIOL EDO 
5 water HOH 
# 
_pdbx_initial_refinement_model.id               1 
_pdbx_initial_refinement_model.entity_id_list   ? 
_pdbx_initial_refinement_model.type             'experimental model' 
_pdbx_initial_refinement_model.source_name      PDB 
_pdbx_initial_refinement_model.accession_code   5TYR 
_pdbx_initial_refinement_model.details          ? 
# 
_pdbx_struct_assembly_auth_evidence.id                     1 
_pdbx_struct_assembly_auth_evidence.assembly_id            1 
_pdbx_struct_assembly_auth_evidence.experimental_support   'gel filtration' 
_pdbx_struct_assembly_auth_evidence.details                ? 
# 
